data_5KHQ
# 
_entry.id   5KHQ 
# 
_audit_conform.dict_name       mmcif_pdbx.dic 
_audit_conform.dict_version    5.379 
_audit_conform.dict_location   http://mmcif.pdb.org/dictionaries/ascii/mmcif_pdbx.dic 
# 
loop_
_database_2.database_id 
_database_2.database_code 
_database_2.pdbx_database_accession 
_database_2.pdbx_DOI 
PDB   5KHQ         pdb_00005khq 10.2210/pdb5khq/pdb 
WWPDB D_1000222255 ?            ?                   
# 
_pdbx_database_related.content_type   unspecified 
_pdbx_database_related.db_id          5KHO 
_pdbx_database_related.db_name        PDB 
_pdbx_database_related.details        . 
# 
_pdbx_database_status.status_code                     REL 
_pdbx_database_status.status_code_sf                  REL 
_pdbx_database_status.status_code_mr                  ? 
_pdbx_database_status.entry_id                        5KHQ 
_pdbx_database_status.recvd_initial_deposition_date   2016-06-15 
_pdbx_database_status.SG_entry                        N 
_pdbx_database_status.deposit_site                    RCSB 
_pdbx_database_status.process_site                    RCSB 
_pdbx_database_status.status_code_cs                  ? 
_pdbx_database_status.methods_development_category    ? 
_pdbx_database_status.pdb_format_compatible           Y 
_pdbx_database_status.status_code_nmr_data            ? 
# 
_audit_author.name               'Gingras, A.R.' 
_audit_author.pdbx_ordinal       1 
_audit_author.identifier_ORCID   ? 
# 
_citation.abstract                  ? 
_citation.abstract_id_CAS           ? 
_citation.book_id_ISBN              ? 
_citation.book_publisher            ? 
_citation.book_publisher_city       ? 
_citation.book_title                ? 
_citation.coordinate_linkage        ? 
_citation.country                   UK 
_citation.database_id_Medline       ? 
_citation.details                   ? 
_citation.id                        primary 
_citation.journal_abbrev            Structure 
_citation.journal_id_ASTM           STRUE6 
_citation.journal_id_CSD            2005 
_citation.journal_id_ISSN           1878-4186 
_citation.journal_full              ? 
_citation.journal_issue             ? 
_citation.journal_volume            24 
_citation.language                  ? 
_citation.page_first                2152 
_citation.page_last                 2162 
_citation.title                     
'Structural Basis of Dimeric Rasip1 RA Domain Recognition of the Ras Subfamily of GTP-Binding Proteins.' 
_citation.year                      2016 
_citation.database_id_CSD           ? 
_citation.pdbx_database_id_DOI      10.1016/j.str.2016.10.001 
_citation.pdbx_database_id_PubMed   27839947 
_citation.unpublished_flag          ? 
# 
loop_
_citation_author.citation_id 
_citation_author.name 
_citation_author.ordinal 
_citation_author.identifier_ORCID 
primary 'Gingras, A.R.'        1 ? 
primary 'Puzon-McLaughlin, W.' 2 ? 
primary 'Bobkov, A.A.'         3 ? 
primary 'Ginsberg, M.H.'       4 ? 
# 
_cell.angle_alpha                  90.000 
_cell.angle_alpha_esd              ? 
_cell.angle_beta                   90.000 
_cell.angle_beta_esd               ? 
_cell.angle_gamma                  120.000 
_cell.angle_gamma_esd              ? 
_cell.entry_id                     5KHQ 
_cell.details                      ? 
_cell.formula_units_Z              ? 
_cell.length_a                     89.200 
_cell.length_a_esd                 ? 
_cell.length_b                     89.200 
_cell.length_b_esd                 ? 
_cell.length_c                     177.950 
_cell.length_c_esd                 ? 
_cell.volume                       ? 
_cell.volume_esd                   ? 
_cell.Z_PDB                        24 
_cell.reciprocal_angle_alpha       ? 
_cell.reciprocal_angle_beta        ? 
_cell.reciprocal_angle_gamma       ? 
_cell.reciprocal_angle_alpha_esd   ? 
_cell.reciprocal_angle_beta_esd    ? 
_cell.reciprocal_angle_gamma_esd   ? 
_cell.reciprocal_length_a          ? 
_cell.reciprocal_length_b          ? 
_cell.reciprocal_length_c          ? 
_cell.reciprocal_length_a_esd      ? 
_cell.reciprocal_length_b_esd      ? 
_cell.reciprocal_length_c_esd      ? 
_cell.pdbx_unique_axis             ? 
# 
_symmetry.entry_id                         5KHQ 
_symmetry.cell_setting                     ? 
_symmetry.Int_Tables_number                178 
_symmetry.space_group_name_Hall            ? 
_symmetry.space_group_name_H-M             'P 61 2 2' 
_symmetry.pdbx_full_space_group_name_H-M   ? 
# 
loop_
_entity.id 
_entity.type 
_entity.src_method 
_entity.pdbx_description 
_entity.formula_weight 
_entity.pdbx_number_of_molecules 
_entity.pdbx_ec 
_entity.pdbx_mutation 
_entity.pdbx_fragment 
_entity.details 
1 polymer     man 'Ras-interacting protein 1' 16345.307 2 ? ? ? ? 
2 non-polymer syn GLYCEROL                    92.094    1 ? ? ? ? 
3 water       nat water                       18.015    9 ? ? ? ? 
# 
_entity_name_com.entity_id   1 
_entity_name_com.name        Rain 
# 
_entity_poly.entity_id                      1 
_entity_poly.type                           'polypeptide(L)' 
_entity_poly.nstd_linkage                   no 
_entity_poly.nstd_monomer                   no 
_entity_poly.pdbx_seq_one_letter_code       
;GAMGEPPLATRATAPPGVLKIFGAGLASGANYKSVLATARSTARELVAEALERYGLAGSPGGGPGESSCVDAFALCDALG
RPAAAGVGSGEWRAEHLRVLGDSERPLLVQELWRARPGWARRFELRGREEARRLEQEAFGAADSEGTGAPSWRPQK
;
_entity_poly.pdbx_seq_one_letter_code_can   
;GAMGEPPLATRATAPPGVLKIFGAGLASGANYKSVLATARSTARELVAEALERYGLAGSPGGGPGESSCVDAFALCDALG
RPAAAGVGSGEWRAEHLRVLGDSERPLLVQELWRARPGWARRFELRGREEARRLEQEAFGAADSEGTGAPSWRPQK
;
_entity_poly.pdbx_strand_id                 A,B 
_entity_poly.pdbx_target_identifier         ? 
# 
loop_
_entity_poly_seq.entity_id 
_entity_poly_seq.num 
_entity_poly_seq.mon_id 
_entity_poly_seq.hetero 
1 1   GLY n 
1 2   ALA n 
1 3   MET n 
1 4   GLY n 
1 5   GLU n 
1 6   PRO n 
1 7   PRO n 
1 8   LEU n 
1 9   ALA n 
1 10  THR n 
1 11  ARG n 
1 12  ALA n 
1 13  THR n 
1 14  ALA n 
1 15  PRO n 
1 16  PRO n 
1 17  GLY n 
1 18  VAL n 
1 19  LEU n 
1 20  LYS n 
1 21  ILE n 
1 22  PHE n 
1 23  GLY n 
1 24  ALA n 
1 25  GLY n 
1 26  LEU n 
1 27  ALA n 
1 28  SER n 
1 29  GLY n 
1 30  ALA n 
1 31  ASN n 
1 32  TYR n 
1 33  LYS n 
1 34  SER n 
1 35  VAL n 
1 36  LEU n 
1 37  ALA n 
1 38  THR n 
1 39  ALA n 
1 40  ARG n 
1 41  SER n 
1 42  THR n 
1 43  ALA n 
1 44  ARG n 
1 45  GLU n 
1 46  LEU n 
1 47  VAL n 
1 48  ALA n 
1 49  GLU n 
1 50  ALA n 
1 51  LEU n 
1 52  GLU n 
1 53  ARG n 
1 54  TYR n 
1 55  GLY n 
1 56  LEU n 
1 57  ALA n 
1 58  GLY n 
1 59  SER n 
1 60  PRO n 
1 61  GLY n 
1 62  GLY n 
1 63  GLY n 
1 64  PRO n 
1 65  GLY n 
1 66  GLU n 
1 67  SER n 
1 68  SER n 
1 69  CYS n 
1 70  VAL n 
1 71  ASP n 
1 72  ALA n 
1 73  PHE n 
1 74  ALA n 
1 75  LEU n 
1 76  CYS n 
1 77  ASP n 
1 78  ALA n 
1 79  LEU n 
1 80  GLY n 
1 81  ARG n 
1 82  PRO n 
1 83  ALA n 
1 84  ALA n 
1 85  ALA n 
1 86  GLY n 
1 87  VAL n 
1 88  GLY n 
1 89  SER n 
1 90  GLY n 
1 91  GLU n 
1 92  TRP n 
1 93  ARG n 
1 94  ALA n 
1 95  GLU n 
1 96  HIS n 
1 97  LEU n 
1 98  ARG n 
1 99  VAL n 
1 100 LEU n 
1 101 GLY n 
1 102 ASP n 
1 103 SER n 
1 104 GLU n 
1 105 ARG n 
1 106 PRO n 
1 107 LEU n 
1 108 LEU n 
1 109 VAL n 
1 110 GLN n 
1 111 GLU n 
1 112 LEU n 
1 113 TRP n 
1 114 ARG n 
1 115 ALA n 
1 116 ARG n 
1 117 PRO n 
1 118 GLY n 
1 119 TRP n 
1 120 ALA n 
1 121 ARG n 
1 122 ARG n 
1 123 PHE n 
1 124 GLU n 
1 125 LEU n 
1 126 ARG n 
1 127 GLY n 
1 128 ARG n 
1 129 GLU n 
1 130 GLU n 
1 131 ALA n 
1 132 ARG n 
1 133 ARG n 
1 134 LEU n 
1 135 GLU n 
1 136 GLN n 
1 137 GLU n 
1 138 ALA n 
1 139 PHE n 
1 140 GLY n 
1 141 ALA n 
1 142 ALA n 
1 143 ASP n 
1 144 SER n 
1 145 GLU n 
1 146 GLY n 
1 147 THR n 
1 148 GLY n 
1 149 ALA n 
1 150 PRO n 
1 151 SER n 
1 152 TRP n 
1 153 ARG n 
1 154 PRO n 
1 155 GLN n 
1 156 LYS n 
# 
_entity_src_gen.entity_id                          1 
_entity_src_gen.pdbx_src_id                        1 
_entity_src_gen.pdbx_alt_source_flag               sample 
_entity_src_gen.pdbx_seq_type                      'Biological sequence' 
_entity_src_gen.pdbx_beg_seq_num                   1 
_entity_src_gen.pdbx_end_seq_num                   156 
_entity_src_gen.gene_src_common_name               Human 
_entity_src_gen.gene_src_genus                     ? 
_entity_src_gen.pdbx_gene_src_gene                 RASIP1 
_entity_src_gen.gene_src_species                   ? 
_entity_src_gen.gene_src_strain                    ? 
_entity_src_gen.gene_src_tissue                    ? 
_entity_src_gen.gene_src_tissue_fraction           ? 
_entity_src_gen.gene_src_details                   ? 
_entity_src_gen.pdbx_gene_src_fragment             ? 
_entity_src_gen.pdbx_gene_src_scientific_name      'Homo sapiens' 
_entity_src_gen.pdbx_gene_src_ncbi_taxonomy_id     9606 
_entity_src_gen.pdbx_gene_src_variant              ? 
_entity_src_gen.pdbx_gene_src_cell_line            ? 
_entity_src_gen.pdbx_gene_src_atcc                 ? 
_entity_src_gen.pdbx_gene_src_organ                ? 
_entity_src_gen.pdbx_gene_src_organelle            ? 
_entity_src_gen.pdbx_gene_src_cell                 ? 
_entity_src_gen.pdbx_gene_src_cellular_location    ? 
_entity_src_gen.host_org_common_name               ? 
_entity_src_gen.pdbx_host_org_scientific_name      'Escherichia coli' 
_entity_src_gen.pdbx_host_org_ncbi_taxonomy_id     469008 
_entity_src_gen.host_org_genus                     ? 
_entity_src_gen.pdbx_host_org_gene                 ? 
_entity_src_gen.pdbx_host_org_organ                ? 
_entity_src_gen.host_org_species                   ? 
_entity_src_gen.pdbx_host_org_tissue               ? 
_entity_src_gen.pdbx_host_org_tissue_fraction      ? 
_entity_src_gen.pdbx_host_org_strain               'BL21(DE3)' 
_entity_src_gen.pdbx_host_org_variant              ? 
_entity_src_gen.pdbx_host_org_cell_line            ? 
_entity_src_gen.pdbx_host_org_atcc                 ? 
_entity_src_gen.pdbx_host_org_culture_collection   ? 
_entity_src_gen.pdbx_host_org_cell                 ? 
_entity_src_gen.pdbx_host_org_organelle            ? 
_entity_src_gen.pdbx_host_org_cellular_location    ? 
_entity_src_gen.pdbx_host_org_vector_type          ? 
_entity_src_gen.pdbx_host_org_vector               ? 
_entity_src_gen.host_org_details                   ? 
_entity_src_gen.expression_system_id               ? 
_entity_src_gen.plasmid_name                       ? 
_entity_src_gen.plasmid_details                    ? 
_entity_src_gen.pdbx_description                   ? 
# 
_struct_ref.id                         1 
_struct_ref.db_name                    UNP 
_struct_ref.db_code                    RAIN_HUMAN 
_struct_ref.pdbx_db_accession          Q5U651 
_struct_ref.pdbx_db_isoform            ? 
_struct_ref.entity_id                  1 
_struct_ref.pdbx_seq_one_letter_code   
;EPPLATRATAPPGVLKIFGAGLASGANYKSVLATARSTARELVAEALERYGLAGSPGGGPGESSCVDAFALCDALGRPAA
AGVGSGEWRAEHLRVLGDSERPLLVQELWRARPGWARRFELRGREEARRLEQEAFGAADSEGTGAPSWRPQK
;
_struct_ref.pdbx_align_begin           134 
# 
loop_
_struct_ref_seq.align_id 
_struct_ref_seq.ref_id 
_struct_ref_seq.pdbx_PDB_id_code 
_struct_ref_seq.pdbx_strand_id 
_struct_ref_seq.seq_align_beg 
_struct_ref_seq.pdbx_seq_align_beg_ins_code 
_struct_ref_seq.seq_align_end 
_struct_ref_seq.pdbx_seq_align_end_ins_code 
_struct_ref_seq.pdbx_db_accession 
_struct_ref_seq.db_align_beg 
_struct_ref_seq.pdbx_db_align_beg_ins_code 
_struct_ref_seq.db_align_end 
_struct_ref_seq.pdbx_db_align_end_ins_code 
_struct_ref_seq.pdbx_auth_seq_align_beg 
_struct_ref_seq.pdbx_auth_seq_align_end 
1 1 5KHQ A 5 ? 156 ? Q5U651 134 ? 285 ? 134 285 
2 1 5KHQ B 5 ? 156 ? Q5U651 134 ? 285 ? 134 285 
# 
loop_
_struct_ref_seq_dif.align_id 
_struct_ref_seq_dif.pdbx_pdb_id_code 
_struct_ref_seq_dif.mon_id 
_struct_ref_seq_dif.pdbx_pdb_strand_id 
_struct_ref_seq_dif.seq_num 
_struct_ref_seq_dif.pdbx_pdb_ins_code 
_struct_ref_seq_dif.pdbx_seq_db_name 
_struct_ref_seq_dif.pdbx_seq_db_accession_code 
_struct_ref_seq_dif.db_mon_id 
_struct_ref_seq_dif.pdbx_seq_db_seq_num 
_struct_ref_seq_dif.details 
_struct_ref_seq_dif.pdbx_auth_seq_num 
_struct_ref_seq_dif.pdbx_ordinal 
1 5KHQ GLY A 1 ? UNP Q5U651 ? ? 'expression tag' 130 1 
1 5KHQ ALA A 2 ? UNP Q5U651 ? ? 'expression tag' 131 2 
1 5KHQ MET A 3 ? UNP Q5U651 ? ? 'expression tag' 132 3 
1 5KHQ GLY A 4 ? UNP Q5U651 ? ? 'expression tag' 133 4 
2 5KHQ GLY B 1 ? UNP Q5U651 ? ? 'expression tag' 130 5 
2 5KHQ ALA B 2 ? UNP Q5U651 ? ? 'expression tag' 131 6 
2 5KHQ MET B 3 ? UNP Q5U651 ? ? 'expression tag' 132 7 
2 5KHQ GLY B 4 ? UNP Q5U651 ? ? 'expression tag' 133 8 
# 
loop_
_chem_comp.id 
_chem_comp.type 
_chem_comp.mon_nstd_flag 
_chem_comp.name 
_chem_comp.pdbx_synonyms 
_chem_comp.formula 
_chem_comp.formula_weight 
ALA 'L-peptide linking' y ALANINE         ?                               'C3 H7 N O2'     89.093  
ARG 'L-peptide linking' y ARGININE        ?                               'C6 H15 N4 O2 1' 175.209 
ASN 'L-peptide linking' y ASPARAGINE      ?                               'C4 H8 N2 O3'    132.118 
ASP 'L-peptide linking' y 'ASPARTIC ACID' ?                               'C4 H7 N O4'     133.103 
CYS 'L-peptide linking' y CYSTEINE        ?                               'C3 H7 N O2 S'   121.158 
GLN 'L-peptide linking' y GLUTAMINE       ?                               'C5 H10 N2 O3'   146.144 
GLU 'L-peptide linking' y 'GLUTAMIC ACID' ?                               'C5 H9 N O4'     147.129 
GLY 'peptide linking'   y GLYCINE         ?                               'C2 H5 N O2'     75.067  
GOL non-polymer         . GLYCEROL        'GLYCERIN; PROPANE-1,2,3-TRIOL' 'C3 H8 O3'       92.094  
HIS 'L-peptide linking' y HISTIDINE       ?                               'C6 H10 N3 O2 1' 156.162 
HOH non-polymer         . WATER           ?                               'H2 O'           18.015  
ILE 'L-peptide linking' y ISOLEUCINE      ?                               'C6 H13 N O2'    131.173 
LEU 'L-peptide linking' y LEUCINE         ?                               'C6 H13 N O2'    131.173 
LYS 'L-peptide linking' y LYSINE          ?                               'C6 H15 N2 O2 1' 147.195 
MET 'L-peptide linking' y METHIONINE      ?                               'C5 H11 N O2 S'  149.211 
PHE 'L-peptide linking' y PHENYLALANINE   ?                               'C9 H11 N O2'    165.189 
PRO 'L-peptide linking' y PROLINE         ?                               'C5 H9 N O2'     115.130 
SER 'L-peptide linking' y SERINE          ?                               'C3 H7 N O3'     105.093 
THR 'L-peptide linking' y THREONINE       ?                               'C4 H9 N O3'     119.119 
TRP 'L-peptide linking' y TRYPTOPHAN      ?                               'C11 H12 N2 O2'  204.225 
TYR 'L-peptide linking' y TYROSINE        ?                               'C9 H11 N O3'    181.189 
VAL 'L-peptide linking' y VALINE          ?                               'C5 H11 N O2'    117.146 
# 
_exptl.absorpt_coefficient_mu     ? 
_exptl.absorpt_correction_T_max   ? 
_exptl.absorpt_correction_T_min   ? 
_exptl.absorpt_correction_type    ? 
_exptl.absorpt_process_details    ? 
_exptl.entry_id                   5KHQ 
_exptl.crystals_number            1 
_exptl.details                    ? 
_exptl.method                     'X-RAY DIFFRACTION' 
_exptl.method_details             ? 
# 
_exptl_crystal.colour                      ? 
_exptl_crystal.density_diffrn              ? 
_exptl_crystal.density_Matthews            3.13 
_exptl_crystal.density_method              ? 
_exptl_crystal.density_percent_sol         60.65 
_exptl_crystal.description                 ? 
_exptl_crystal.F_000                       ? 
_exptl_crystal.id                          1 
_exptl_crystal.preparation                 ? 
_exptl_crystal.size_max                    ? 
_exptl_crystal.size_mid                    ? 
_exptl_crystal.size_min                    ? 
_exptl_crystal.size_rad                    ? 
_exptl_crystal.colour_lustre               ? 
_exptl_crystal.colour_modifier             ? 
_exptl_crystal.colour_primary              ? 
_exptl_crystal.density_meas                ? 
_exptl_crystal.density_meas_esd            ? 
_exptl_crystal.density_meas_gt             ? 
_exptl_crystal.density_meas_lt             ? 
_exptl_crystal.density_meas_temp           ? 
_exptl_crystal.density_meas_temp_esd       ? 
_exptl_crystal.density_meas_temp_gt        ? 
_exptl_crystal.density_meas_temp_lt        ? 
_exptl_crystal.pdbx_crystal_image_url      ? 
_exptl_crystal.pdbx_crystal_image_format   ? 
_exptl_crystal.pdbx_mosaicity              ? 
_exptl_crystal.pdbx_mosaicity_esd          ? 
# 
_exptl_crystal_grow.apparatus       ? 
_exptl_crystal_grow.atmosphere      ? 
_exptl_crystal_grow.crystal_id      1 
_exptl_crystal_grow.details         ? 
_exptl_crystal_grow.method          'VAPOR DIFFUSION, SITTING DROP' 
_exptl_crystal_grow.method_ref      ? 
_exptl_crystal_grow.pH              6.0 
_exptl_crystal_grow.pressure        ? 
_exptl_crystal_grow.pressure_esd    ? 
_exptl_crystal_grow.seeding         ? 
_exptl_crystal_grow.seeding_ref     ? 
_exptl_crystal_grow.temp            293 
_exptl_crystal_grow.temp_details    ? 
_exptl_crystal_grow.temp_esd        ? 
_exptl_crystal_grow.time            ? 
_exptl_crystal_grow.pdbx_details    '1.5M Ammonium Sulfate and MES pH 6.0' 
_exptl_crystal_grow.pdbx_pH_range   ? 
# 
_diffrn.ambient_environment    ? 
_diffrn.ambient_temp           100 
_diffrn.ambient_temp_details   'Oxford Cryojet' 
_diffrn.ambient_temp_esd       ? 
_diffrn.crystal_id             1 
_diffrn.crystal_support        ? 
_diffrn.crystal_treatment      ? 
_diffrn.details                ? 
_diffrn.id                     1 
_diffrn.ambient_pressure       ? 
_diffrn.ambient_pressure_esd   ? 
_diffrn.ambient_pressure_gt    ? 
_diffrn.ambient_pressure_lt    ? 
_diffrn.ambient_temp_gt        ? 
_diffrn.ambient_temp_lt        ? 
# 
_diffrn_detector.details                      'Mirror: Rh coated' 
_diffrn_detector.detector                     PIXEL 
_diffrn_detector.diffrn_id                    1 
_diffrn_detector.type                         'DECTRIS PILATUS3 6M' 
_diffrn_detector.area_resol_mean              ? 
_diffrn_detector.dtime                        ? 
_diffrn_detector.pdbx_frames_total            ? 
_diffrn_detector.pdbx_collection_time_total   ? 
_diffrn_detector.pdbx_collection_date         2016-05-21 
# 
_diffrn_radiation.collimation                      ? 
_diffrn_radiation.diffrn_id                        1 
_diffrn_radiation.filter_edge                      ? 
_diffrn_radiation.inhomogeneity                    ? 
_diffrn_radiation.monochromator                    'Liquid nitrogen-cooled double crystal Si(111)' 
_diffrn_radiation.polarisn_norm                    ? 
_diffrn_radiation.polarisn_ratio                   ? 
_diffrn_radiation.probe                            ? 
_diffrn_radiation.type                             ? 
_diffrn_radiation.xray_symbol                      ? 
_diffrn_radiation.wavelength_id                    1 
_diffrn_radiation.pdbx_monochromatic_or_laue_m_l   M 
_diffrn_radiation.pdbx_wavelength_list             ? 
_diffrn_radiation.pdbx_wavelength                  ? 
_diffrn_radiation.pdbx_diffrn_protocol             'SINGLE WAVELENGTH' 
_diffrn_radiation.pdbx_analyzer                    ? 
_diffrn_radiation.pdbx_scattering_type             x-ray 
# 
_diffrn_radiation_wavelength.id           1 
_diffrn_radiation_wavelength.wavelength   0.979460 
_diffrn_radiation_wavelength.wt           1.0 
# 
_diffrn_source.current                     ? 
_diffrn_source.details                     ? 
_diffrn_source.diffrn_id                   1 
_diffrn_source.power                       ? 
_diffrn_source.size                        ? 
_diffrn_source.source                      SYNCHROTRON 
_diffrn_source.target                      ? 
_diffrn_source.type                        'SSRL BEAMLINE BL12-2' 
_diffrn_source.voltage                     ? 
_diffrn_source.take-off_angle              ? 
_diffrn_source.pdbx_wavelength_list        0.979460 
_diffrn_source.pdbx_wavelength             ? 
_diffrn_source.pdbx_synchrotron_beamline   BL12-2 
_diffrn_source.pdbx_synchrotron_site       SSRL 
# 
_reflns.B_iso_Wilson_estimate            88.416 
_reflns.entry_id                         5KHQ 
_reflns.data_reduction_details           ? 
_reflns.data_reduction_method            ? 
_reflns.d_resolution_high                2.800 
_reflns.d_resolution_low                 50 
_reflns.details                          ? 
_reflns.limit_h_max                      ? 
_reflns.limit_h_min                      ? 
_reflns.limit_k_max                      ? 
_reflns.limit_k_min                      ? 
_reflns.limit_l_max                      ? 
_reflns.limit_l_min                      ? 
_reflns.number_all                       ? 
_reflns.number_obs                       10877 
_reflns.observed_criterion               ? 
_reflns.observed_criterion_F_max         ? 
_reflns.observed_criterion_F_min         ? 
_reflns.observed_criterion_I_max         ? 
_reflns.observed_criterion_I_min         ? 
_reflns.observed_criterion_sigma_F       ? 
_reflns.observed_criterion_sigma_I       -3.000 
_reflns.percent_possible_obs             99.500 
_reflns.R_free_details                   ? 
_reflns.Rmerge_F_all                     ? 
_reflns.Rmerge_F_obs                     ? 
_reflns.Friedel_coverage                 ? 
_reflns.number_gt                        ? 
_reflns.threshold_expression             ? 
_reflns.pdbx_redundancy                  24.8 
_reflns.pdbx_Rmerge_I_obs                0.106 
_reflns.pdbx_Rmerge_I_all                ? 
_reflns.pdbx_Rsym_value                  ? 
_reflns.pdbx_netI_over_av_sigmaI         ? 
_reflns.pdbx_netI_over_sigmaI            26.350 
_reflns.pdbx_res_netI_over_av_sigmaI_2   ? 
_reflns.pdbx_res_netI_over_sigmaI_2      ? 
_reflns.pdbx_chi_squared                 ? 
_reflns.pdbx_scaling_rejects             ? 
_reflns.pdbx_d_res_high_opt              ? 
_reflns.pdbx_d_res_low_opt               ? 
_reflns.pdbx_d_res_opt_method            ? 
_reflns.phase_calculation_details        ? 
_reflns.pdbx_Rrim_I_all                  ? 
_reflns.pdbx_Rpim_I_all                  ? 
_reflns.pdbx_d_opt                       ? 
_reflns.pdbx_number_measured_all         ? 
_reflns.pdbx_diffrn_id                   1 
_reflns.pdbx_ordinal                     1 
_reflns.pdbx_CC_half                     1.000 
_reflns.pdbx_R_split                     ? 
# 
loop_
_reflns_shell.d_res_high 
_reflns_shell.d_res_low 
_reflns_shell.meanI_over_sigI_all 
_reflns_shell.meanI_over_sigI_obs 
_reflns_shell.number_measured_all 
_reflns_shell.number_measured_obs 
_reflns_shell.number_possible 
_reflns_shell.number_unique_all 
_reflns_shell.number_unique_obs 
_reflns_shell.percent_possible_all 
_reflns_shell.percent_possible_obs 
_reflns_shell.Rmerge_F_all 
_reflns_shell.Rmerge_F_obs 
_reflns_shell.Rmerge_I_all 
_reflns_shell.Rmerge_I_obs 
_reflns_shell.meanI_over_sigI_gt 
_reflns_shell.meanI_over_uI_all 
_reflns_shell.meanI_over_uI_gt 
_reflns_shell.number_measured_gt 
_reflns_shell.number_unique_gt 
_reflns_shell.percent_possible_gt 
_reflns_shell.Rmerge_F_gt 
_reflns_shell.Rmerge_I_gt 
_reflns_shell.pdbx_redundancy 
_reflns_shell.pdbx_Rsym_value 
_reflns_shell.pdbx_chi_squared 
_reflns_shell.pdbx_netI_over_sigmaI_all 
_reflns_shell.pdbx_netI_over_sigmaI_obs 
_reflns_shell.pdbx_Rrim_I_all 
_reflns_shell.pdbx_Rpim_I_all 
_reflns_shell.pdbx_rejects 
_reflns_shell.pdbx_ordinal 
_reflns_shell.pdbx_diffrn_id 
_reflns_shell.pdbx_CC_half 
_reflns_shell.pdbx_R_split 
2.800 3.000 ? 2.100  ? ? ? ? ? 97.600  ? ? ? ? 2.814 ? ? ? ? ? ? ? ? 25.7 ? ? ? ? ? ? ? 1 1 ? ? 
3.000 3.200 ? 4.190  ? ? ? ? ? 99.900  ? ? ? ? 1.355 ? ? ? ? ? ? ? ? ?    ? ? ? ? ? ? ? 2 1 ? ? 
3.200 3.400 ? 8.270  ? ? ? ? ? 100.000 ? ? ? ? 0.615 ? ? ? ? ? ? ? ? ?    ? ? ? ? ? ? ? 3 1 ? ? 
3.400 3.800 ? 17.540 ? ? ? ? ? 99.900  ? ? ? ? 0.238 ? ? ? ? ? ? ? ? ?    ? ? ? ? ? ? ? 4 1 ? ? 
3.800 4.200 ? 33.260 ? ? ? ? ? 100.000 ? ? ? ? 0.105 ? ? ? ? ? ? ? ? ?    ? ? ? ? ? ? ? 5 1 ? ? 
4.200 4.800 ? 47.750 ? ? ? ? ? 99.900  ? ? ? ? 0.058 ? ? ? ? ? ? ? ? ?    ? ? ? ? ? ? ? 6 1 ? ? 
4.800 5.900 ? 54.750 ? ? ? ? ? 99.900  ? ? ? ? 0.055 ? ? ? ? ? ? ? ? ?    ? ? ? ? ? ? ? 7 1 ? ? 
5.900 8.300 ? 62.590 ? ? ? ? ? 100.000 ? ? ? ? 0.044 ? ? ? ? ? ? ? ? ?    ? ? ? ? ? ? ? 8 1 ? ? 
8.300 50    ? 82.090 ? ? ? ? ? 98.800  ? ? ? ? 0.028 ? ? ? ? ? ? ? ? ?    ? ? ? ? ? ? ? 9 1 ? ? 
# 
_refine.aniso_B[1][1]                            3.2900 
_refine.aniso_B[1][2]                            1.6400 
_refine.aniso_B[1][3]                            0.0000 
_refine.aniso_B[2][2]                            3.2900 
_refine.aniso_B[2][3]                            0.0000 
_refine.aniso_B[3][3]                            -10.6600 
_refine.B_iso_max                                182.110 
_refine.B_iso_mean                               105.2010 
_refine.B_iso_min                                65.080 
_refine.correlation_coeff_Fo_to_Fc               0.9430 
_refine.correlation_coeff_Fo_to_Fc_free          0.9320 
_refine.details                                  'U VALUES      : REFINED INDIVIDUALLY' 
_refine.diff_density_max                         ? 
_refine.diff_density_max_esd                     ? 
_refine.diff_density_min                         ? 
_refine.diff_density_min_esd                     ? 
_refine.diff_density_rms                         ? 
_refine.diff_density_rms_esd                     ? 
_refine.entry_id                                 5KHQ 
_refine.pdbx_refine_id                           'X-RAY DIFFRACTION' 
_refine.ls_abs_structure_details                 ? 
_refine.ls_abs_structure_Flack                   ? 
_refine.ls_abs_structure_Flack_esd               ? 
_refine.ls_abs_structure_Rogers                  ? 
_refine.ls_abs_structure_Rogers_esd              ? 
_refine.ls_d_res_high                            2.8000 
_refine.ls_d_res_low                             47.0500 
_refine.ls_extinction_coef                       ? 
_refine.ls_extinction_coef_esd                   ? 
_refine.ls_extinction_expression                 ? 
_refine.ls_extinction_method                     ? 
_refine.ls_goodness_of_fit_all                   ? 
_refine.ls_goodness_of_fit_all_esd               ? 
_refine.ls_goodness_of_fit_obs                   ? 
_refine.ls_goodness_of_fit_obs_esd               ? 
_refine.ls_hydrogen_treatment                    ? 
_refine.ls_matrix_type                           ? 
_refine.ls_number_constraints                    ? 
_refine.ls_number_parameters                     ? 
_refine.ls_number_reflns_all                     ? 
_refine.ls_number_reflns_obs                     10332 
_refine.ls_number_reflns_R_free                  544 
_refine.ls_number_reflns_R_work                  ? 
_refine.ls_number_restraints                     ? 
_refine.ls_percent_reflns_obs                    99.8700 
_refine.ls_percent_reflns_R_free                 5.0000 
_refine.ls_R_factor_all                          ? 
_refine.ls_R_factor_obs                          0.2358 
_refine.ls_R_factor_R_free                       0.2618 
_refine.ls_R_factor_R_free_error                 ? 
_refine.ls_R_factor_R_free_error_details         ? 
_refine.ls_R_factor_R_work                       0.2344 
_refine.ls_R_Fsqd_factor_obs                     ? 
_refine.ls_R_I_factor_obs                        ? 
_refine.ls_redundancy_reflns_all                 ? 
_refine.ls_redundancy_reflns_obs                 ? 
_refine.ls_restrained_S_all                      ? 
_refine.ls_restrained_S_obs                      ? 
_refine.ls_shift_over_esd_max                    ? 
_refine.ls_shift_over_esd_mean                   ? 
_refine.ls_structure_factor_coef                 ? 
_refine.ls_weighting_details                     ? 
_refine.ls_weighting_scheme                      ? 
_refine.ls_wR_factor_all                         ? 
_refine.ls_wR_factor_obs                         ? 
_refine.ls_wR_factor_R_free                      ? 
_refine.ls_wR_factor_R_work                      ? 
_refine.occupancy_max                            ? 
_refine.occupancy_min                            ? 
_refine.solvent_model_details                    ? 
_refine.solvent_model_param_bsol                 ? 
_refine.solvent_model_param_ksol                 ? 
_refine.ls_R_factor_gt                           ? 
_refine.ls_goodness_of_fit_gt                    ? 
_refine.ls_goodness_of_fit_ref                   ? 
_refine.ls_shift_over_su_max                     ? 
_refine.ls_shift_over_su_max_lt                  ? 
_refine.ls_shift_over_su_mean                    ? 
_refine.ls_shift_over_su_mean_lt                 ? 
_refine.pdbx_ls_sigma_I                          ? 
_refine.pdbx_ls_sigma_F                          0.000 
_refine.pdbx_ls_sigma_Fsqd                       ? 
_refine.pdbx_data_cutoff_high_absF               ? 
_refine.pdbx_data_cutoff_high_rms_absF           ? 
_refine.pdbx_data_cutoff_low_absF                ? 
_refine.pdbx_isotropic_thermal_model             ? 
_refine.pdbx_ls_cross_valid_method               THROUGHOUT 
_refine.pdbx_method_to_determine_struct          'MOLECULAR REPLACEMENT' 
_refine.pdbx_starting_model                      5KHO 
_refine.pdbx_stereochemistry_target_values       ? 
_refine.pdbx_R_Free_selection_details            RANDOM 
_refine.pdbx_stereochem_target_val_spec_case     ? 
_refine.pdbx_overall_ESU_R                       0.4170 
_refine.pdbx_overall_ESU_R_Free                  0.2910 
_refine.pdbx_solvent_vdw_probe_radii             1.2000 
_refine.pdbx_solvent_ion_probe_radii             0.8000 
_refine.pdbx_solvent_shrinkage_radii             0.8000 
_refine.pdbx_real_space_R                        ? 
_refine.pdbx_density_correlation                 ? 
_refine.pdbx_pd_number_of_powder_patterns        ? 
_refine.pdbx_pd_number_of_points                 ? 
_refine.pdbx_pd_meas_number_of_points            ? 
_refine.pdbx_pd_proc_ls_prof_R_factor            ? 
_refine.pdbx_pd_proc_ls_prof_wR_factor           ? 
_refine.pdbx_pd_Marquardt_correlation_coeff      ? 
_refine.pdbx_pd_Fsqrd_R_factor                   ? 
_refine.pdbx_pd_ls_matrix_band_width             ? 
_refine.pdbx_overall_phase_error                 ? 
_refine.pdbx_overall_SU_R_free_Cruickshank_DPI   ? 
_refine.pdbx_overall_SU_R_free_Blow_DPI          ? 
_refine.pdbx_overall_SU_R_Blow_DPI               ? 
_refine.pdbx_TLS_residual_ADP_flag               ? 
_refine.pdbx_diffrn_id                           1 
_refine.overall_SU_B                             17.1090 
_refine.overall_SU_ML                            0.3070 
_refine.overall_SU_R_Cruickshank_DPI             ? 
_refine.overall_SU_R_free                        ? 
_refine.overall_FOM_free_R_set                   ? 
_refine.overall_FOM_work_R_set                   ? 
_refine.pdbx_average_fsc_overall                 ? 
_refine.pdbx_average_fsc_work                    ? 
_refine.pdbx_average_fsc_free                    ? 
# 
_refine_hist.cycle_id                         final 
_refine_hist.pdbx_refine_id                   'X-RAY DIFFRACTION' 
_refine_hist.d_res_high                       2.8000 
_refine_hist.d_res_low                        47.0500 
_refine_hist.pdbx_number_atoms_ligand         6 
_refine_hist.number_atoms_solvent             9 
_refine_hist.number_atoms_total               1573 
_refine_hist.pdbx_number_residues_total       200 
_refine_hist.pdbx_B_iso_mean_ligand           97.09 
_refine_hist.pdbx_B_iso_mean_solvent          91.85 
_refine_hist.pdbx_number_atoms_protein        1558 
_refine_hist.pdbx_number_atoms_nucleic_acid   0 
# 
loop_
_refine_ls_restr.pdbx_refine_id 
_refine_ls_restr.criterion 
_refine_ls_restr.dev_ideal 
_refine_ls_restr.dev_ideal_target 
_refine_ls_restr.number 
_refine_ls_restr.rejects 
_refine_ls_restr.type 
_refine_ls_restr.weight 
_refine_ls_restr.pdbx_restraint_function 
'X-RAY DIFFRACTION' ? 0.009  0.019  1588 ? r_bond_refined_d       ? ? 
'X-RAY DIFFRACTION' ? 1.485  1.969  2136 ? r_angle_refined_deg    ? ? 
'X-RAY DIFFRACTION' ? 6.453  5.000  192  ? r_dihedral_angle_1_deg ? ? 
'X-RAY DIFFRACTION' ? 34.844 20.400 75   ? r_dihedral_angle_2_deg ? ? 
'X-RAY DIFFRACTION' ? 20.997 15.000 257  ? r_dihedral_angle_3_deg ? ? 
'X-RAY DIFFRACTION' ? 21.691 15.000 27   ? r_dihedral_angle_4_deg ? ? 
'X-RAY DIFFRACTION' ? 0.092  0.200  233  ? r_chiral_restr         ? ? 
'X-RAY DIFFRACTION' ? 0.006  0.021  1201 ? r_gen_planes_refined   ? ? 
'X-RAY DIFFRACTION' ? 5.602  10.536 792  ? r_mcbond_it            ? ? 
'X-RAY DIFFRACTION' ? 8.638  15.742 976  ? r_mcangle_it           ? ? 
'X-RAY DIFFRACTION' ? 6.721  10.853 796  ? r_scbond_it            ? ? 
# 
_refine_ls_shell.pdbx_refine_id                   'X-RAY DIFFRACTION' 
_refine_ls_shell.d_res_high                       2.8030 
_refine_ls_shell.d_res_low                        2.8760 
_refine_ls_shell.number_reflns_all                770 
_refine_ls_shell.number_reflns_obs                ? 
_refine_ls_shell.number_reflns_R_free             38 
_refine_ls_shell.number_reflns_R_work             732 
_refine_ls_shell.percent_reflns_obs               99.4800 
_refine_ls_shell.percent_reflns_R_free            ? 
_refine_ls_shell.R_factor_all                     ? 
_refine_ls_shell.R_factor_obs                     ? 
_refine_ls_shell.R_factor_R_free                  0.3500 
_refine_ls_shell.R_factor_R_free_error            ? 
_refine_ls_shell.R_factor_R_work                  0.4130 
_refine_ls_shell.redundancy_reflns_all            ? 
_refine_ls_shell.redundancy_reflns_obs            ? 
_refine_ls_shell.wR_factor_all                    ? 
_refine_ls_shell.wR_factor_obs                    ? 
_refine_ls_shell.wR_factor_R_free                 ? 
_refine_ls_shell.wR_factor_R_work                 ? 
_refine_ls_shell.pdbx_total_number_of_bins_used   20 
_refine_ls_shell.pdbx_phase_error                 ? 
_refine_ls_shell.pdbx_fsc_work                    ? 
_refine_ls_shell.pdbx_fsc_free                    ? 
# 
_struct.entry_id                     5KHQ 
_struct.title                        'Rasip1 RA domain' 
_struct.pdbx_model_details           ? 
_struct.pdbx_formula_weight          ? 
_struct.pdbx_formula_weight_method   ? 
_struct.pdbx_model_type_details      ? 
_struct.pdbx_CASP_flag               N 
# 
_struct_keywords.entry_id        5KHQ 
_struct_keywords.text            'Rasip1, Ras-Association domain, Rap effector, SIGNALING PROTEIN' 
_struct_keywords.pdbx_keywords   'SIGNALING PROTEIN' 
# 
loop_
_struct_asym.id 
_struct_asym.pdbx_blank_PDB_chainid_flag 
_struct_asym.pdbx_modified 
_struct_asym.entity_id 
_struct_asym.details 
A N N 1 ? 
B N N 1 ? 
C N N 2 ? 
D N N 3 ? 
E N N 3 ? 
# 
loop_
_struct_conf.conf_type_id 
_struct_conf.id 
_struct_conf.pdbx_PDB_helix_id 
_struct_conf.beg_label_comp_id 
_struct_conf.beg_label_asym_id 
_struct_conf.beg_label_seq_id 
_struct_conf.pdbx_beg_PDB_ins_code 
_struct_conf.end_label_comp_id 
_struct_conf.end_label_asym_id 
_struct_conf.end_label_seq_id 
_struct_conf.pdbx_end_PDB_ins_code 
_struct_conf.beg_auth_comp_id 
_struct_conf.beg_auth_asym_id 
_struct_conf.beg_auth_seq_id 
_struct_conf.end_auth_comp_id 
_struct_conf.end_auth_asym_id 
_struct_conf.end_auth_seq_id 
_struct_conf.pdbx_PDB_helix_class 
_struct_conf.details 
_struct_conf.pdbx_PDB_helix_length 
HELX_P HELX_P1 AA1 THR A 42  ? TYR A 54  ? THR A 171 TYR A 183 1 ? 13 
HELX_P HELX_P2 AA2 CYS A 69  ? ASP A 71  ? CYS A 198 ASP A 200 5 ? 3  
HELX_P HELX_P3 AA3 ARG A 105 ? LEU A 112 ? ARG A 234 LEU A 241 1 ? 8  
HELX_P HELX_P4 AA4 ARG A 128 ? GLU A 135 ? ARG A 257 GLU A 264 1 ? 8  
HELX_P HELX_P5 AA5 THR B 42  ? ARG B 53  ? THR B 171 ARG B 182 1 ? 12 
HELX_P HELX_P6 AA6 ARG B 105 ? LEU B 112 ? ARG B 234 LEU B 241 1 ? 8  
HELX_P HELX_P7 AA7 ARG B 128 ? GLU B 135 ? ARG B 257 GLU B 264 1 ? 8  
# 
_struct_conf_type.id          HELX_P 
_struct_conf_type.criteria    ? 
_struct_conf_type.reference   ? 
# 
loop_
_struct_sheet.id 
_struct_sheet.type 
_struct_sheet.number_strands 
_struct_sheet.details 
AA1 ? 5 ? 
AA2 ? 2 ? 
AA3 ? 5 ? 
# 
loop_
_struct_sheet_order.sheet_id 
_struct_sheet_order.range_id_1 
_struct_sheet_order.range_id_2 
_struct_sheet_order.offset 
_struct_sheet_order.sense 
AA1 1 2 ? anti-parallel 
AA1 2 3 ? parallel      
AA1 3 4 ? anti-parallel 
AA1 4 5 ? anti-parallel 
AA2 1 2 ? anti-parallel 
AA3 1 2 ? anti-parallel 
AA3 2 3 ? parallel      
AA3 3 4 ? anti-parallel 
AA3 4 5 ? anti-parallel 
# 
loop_
_struct_sheet_range.sheet_id 
_struct_sheet_range.id 
_struct_sheet_range.beg_label_comp_id 
_struct_sheet_range.beg_label_asym_id 
_struct_sheet_range.beg_label_seq_id 
_struct_sheet_range.pdbx_beg_PDB_ins_code 
_struct_sheet_range.end_label_comp_id 
_struct_sheet_range.end_label_asym_id 
_struct_sheet_range.end_label_seq_id 
_struct_sheet_range.pdbx_end_PDB_ins_code 
_struct_sheet_range.beg_auth_comp_id 
_struct_sheet_range.beg_auth_asym_id 
_struct_sheet_range.beg_auth_seq_id 
_struct_sheet_range.end_auth_comp_id 
_struct_sheet_range.end_auth_asym_id 
_struct_sheet_range.end_auth_seq_id 
AA1 1 TYR A 32  ? ALA A 37  ? TYR A 161 ALA A 166 
AA1 2 GLY A 17  ? GLY A 23  ? GLY A 146 GLY A 152 
AA1 3 ALA A 120 ? GLY A 127 ? ALA A 249 GLY A 256 
AA1 4 PHE A 73  ? GLY A 80  ? PHE A 202 GLY A 209 
AA1 5 HIS A 96  ? VAL A 99  ? HIS A 225 VAL A 228 
AA2 1 TRP A 113 ? ALA A 115 ? TRP A 242 ALA A 244 
AA2 2 TRP B 113 ? ALA B 115 ? TRP B 242 ALA B 244 
AA3 1 TYR B 32  ? ALA B 37  ? TYR B 161 ALA B 166 
AA3 2 GLY B 17  ? GLY B 23  ? GLY B 146 GLY B 152 
AA3 3 ALA B 120 ? GLY B 127 ? ALA B 249 GLY B 256 
AA3 4 PHE B 73  ? GLY B 80  ? PHE B 202 GLY B 209 
AA3 5 ALA B 94  ? VAL B 99  ? ALA B 223 VAL B 228 
# 
loop_
_pdbx_struct_sheet_hbond.sheet_id 
_pdbx_struct_sheet_hbond.range_id_1 
_pdbx_struct_sheet_hbond.range_id_2 
_pdbx_struct_sheet_hbond.range_1_label_atom_id 
_pdbx_struct_sheet_hbond.range_1_label_comp_id 
_pdbx_struct_sheet_hbond.range_1_label_asym_id 
_pdbx_struct_sheet_hbond.range_1_label_seq_id 
_pdbx_struct_sheet_hbond.range_1_PDB_ins_code 
_pdbx_struct_sheet_hbond.range_1_auth_atom_id 
_pdbx_struct_sheet_hbond.range_1_auth_comp_id 
_pdbx_struct_sheet_hbond.range_1_auth_asym_id 
_pdbx_struct_sheet_hbond.range_1_auth_seq_id 
_pdbx_struct_sheet_hbond.range_2_label_atom_id 
_pdbx_struct_sheet_hbond.range_2_label_comp_id 
_pdbx_struct_sheet_hbond.range_2_label_asym_id 
_pdbx_struct_sheet_hbond.range_2_label_seq_id 
_pdbx_struct_sheet_hbond.range_2_PDB_ins_code 
_pdbx_struct_sheet_hbond.range_2_auth_atom_id 
_pdbx_struct_sheet_hbond.range_2_auth_comp_id 
_pdbx_struct_sheet_hbond.range_2_auth_asym_id 
_pdbx_struct_sheet_hbond.range_2_auth_seq_id 
AA1 1 2 O ALA A 37  ? O ALA A 166 N GLY A 17  ? N GLY A 146 
AA1 2 3 N PHE A 22  ? N PHE A 151 O PHE A 123 ? O PHE A 252 
AA1 3 4 O ALA A 120 ? O ALA A 249 N GLY A 80  ? N GLY A 209 
AA1 4 5 N LEU A 79  ? N LEU A 208 O HIS A 96  ? O HIS A 225 
AA2 1 2 N ARG A 114 ? N ARG A 243 O ARG B 114 ? O ARG B 243 
AA3 1 2 O ALA B 37  ? O ALA B 166 N GLY B 17  ? N GLY B 146 
AA3 2 3 N PHE B 22  ? N PHE B 151 O LEU B 125 ? O LEU B 254 
AA3 3 4 O ARG B 122 ? O ARG B 251 N ALA B 78  ? N ALA B 207 
AA3 4 5 N LEU B 79  ? N LEU B 208 O HIS B 96  ? O HIS B 225 
# 
_struct_site.id                   AC1 
_struct_site.pdbx_evidence_code   Software 
_struct_site.pdbx_auth_asym_id    A 
_struct_site.pdbx_auth_comp_id    GOL 
_struct_site.pdbx_auth_seq_id     301 
_struct_site.pdbx_auth_ins_code   ? 
_struct_site.pdbx_num_residues    8 
_struct_site.details              'binding site for residue GOL A 301' 
# 
loop_
_struct_site_gen.id 
_struct_site_gen.site_id 
_struct_site_gen.pdbx_num_res 
_struct_site_gen.label_comp_id 
_struct_site_gen.label_asym_id 
_struct_site_gen.label_seq_id 
_struct_site_gen.pdbx_auth_ins_code 
_struct_site_gen.auth_comp_id 
_struct_site_gen.auth_asym_id 
_struct_site_gen.auth_seq_id 
_struct_site_gen.label_atom_id 
_struct_site_gen.label_alt_id 
_struct_site_gen.symmetry 
_struct_site_gen.details 
1 AC1 8 ASP A 77  ? ASP A 206 . ? 1_555 ? 
2 AC1 8 ARG A 98  ? ARG A 227 . ? 1_555 ? 
3 AC1 8 VAL A 109 ? VAL A 238 . ? 1_555 ? 
4 AC1 8 TRP A 113 ? TRP A 242 . ? 1_555 ? 
5 AC1 8 ASP B 77  ? ASP B 206 . ? 1_555 ? 
6 AC1 8 ARG B 98  ? ARG B 227 . ? 1_555 ? 
7 AC1 8 VAL B 109 ? VAL B 238 . ? 1_555 ? 
8 AC1 8 TRP B 113 ? TRP B 242 . ? 1_555 ? 
# 
_atom_sites.entry_id                    5KHQ 
_atom_sites.fract_transf_matrix[1][1]   0.01101054 
_atom_sites.fract_transf_matrix[1][2]   0.00387544 
_atom_sites.fract_transf_matrix[1][3]   0.00559780 
_atom_sites.fract_transf_matrix[2][1]   0.01122678 
_atom_sites.fract_transf_matrix[2][2]   -0.00110376 
_atom_sites.fract_transf_matrix[2][3]   -0.00634934 
_atom_sites.fract_transf_matrix[3][1]   -0.00071361 
_atom_sites.fract_transf_matrix[3][2]   0.00514092 
_atom_sites.fract_transf_matrix[3][3]   -0.00215549 
_atom_sites.fract_transf_vector[1]      -0.000381 
_atom_sites.fract_transf_vector[2]      -0.401635 
_atom_sites.fract_transf_vector[3]      -0.035932 
# 
loop_
_atom_type.symbol 
C 
N 
O 
S 
# 
loop_
_atom_site.group_PDB 
_atom_site.id 
_atom_site.type_symbol 
_atom_site.label_atom_id 
_atom_site.label_alt_id 
_atom_site.label_comp_id 
_atom_site.label_asym_id 
_atom_site.label_entity_id 
_atom_site.label_seq_id 
_atom_site.pdbx_PDB_ins_code 
_atom_site.Cartn_x 
_atom_site.Cartn_y 
_atom_site.Cartn_z 
_atom_site.occupancy 
_atom_site.B_iso_or_equiv 
_atom_site.pdbx_formal_charge 
_atom_site.auth_seq_id 
_atom_site.auth_comp_id 
_atom_site.auth_asym_id 
_atom_site.auth_atom_id 
_atom_site.pdbx_PDB_model_num 
ATOM   1    N N   . PRO A 1 15  ? 7.832   -10.267 15.190  1.00 104.49 ? 144 PRO A N   1 
ATOM   2    C CA  . PRO A 1 15  ? 7.313   -11.566 15.660  1.00 109.37 ? 144 PRO A CA  1 
ATOM   3    C C   . PRO A 1 15  ? 6.349   -12.190 14.639  1.00 109.49 ? 144 PRO A C   1 
ATOM   4    O O   . PRO A 1 15  ? 5.450   -11.489 14.153  1.00 118.46 ? 144 PRO A O   1 
ATOM   5    C CB  . PRO A 1 15  ? 6.576   -11.211 16.963  1.00 97.30  ? 144 PRO A CB  1 
ATOM   6    C CG  . PRO A 1 15  ? 6.193   -9.776  16.804  1.00 101.76 ? 144 PRO A CG  1 
ATOM   7    C CD  . PRO A 1 15  ? 7.192   -9.125  15.866  1.00 104.81 ? 144 PRO A CD  1 
ATOM   8    N N   . PRO A 1 16  ? 6.518   -13.494 14.317  1.00 102.89 ? 145 PRO A N   1 
ATOM   9    C CA  . PRO A 1 16  ? 5.738   -14.088 13.218  1.00 104.40 ? 145 PRO A CA  1 
ATOM   10   C C   . PRO A 1 16  ? 4.249   -14.231 13.553  1.00 100.41 ? 145 PRO A C   1 
ATOM   11   O O   . PRO A 1 16  ? 3.879   -14.290 14.724  1.00 111.23 ? 145 PRO A O   1 
ATOM   12   C CB  . PRO A 1 16  ? 6.394   -15.452 13.014  1.00 101.68 ? 145 PRO A CB  1 
ATOM   13   C CG  . PRO A 1 16  ? 6.914   -15.808 14.366  1.00 110.13 ? 145 PRO A CG  1 
ATOM   14   C CD  . PRO A 1 16  ? 7.284   -14.517 15.055  1.00 107.80 ? 145 PRO A CD  1 
ATOM   15   N N   . GLY A 1 17  ? 3.411   -14.264 12.528  1.00 94.29  ? 146 GLY A N   1 
ATOM   16   C CA  . GLY A 1 17  ? 1.974   -14.251 12.722  1.00 94.57  ? 146 GLY A CA  1 
ATOM   17   C C   . GLY A 1 17  ? 1.233   -15.047 11.674  1.00 98.51  ? 146 GLY A C   1 
ATOM   18   O O   . GLY A 1 17  ? 1.727   -15.243 10.553  1.00 93.43  ? 146 GLY A O   1 
ATOM   19   N N   . VAL A 1 18  ? 0.040   -15.505 12.050  1.00 97.26  ? 147 VAL A N   1 
ATOM   20   C CA  . VAL A 1 18  ? -0.829  -16.235 11.134  1.00 96.69  ? 147 VAL A CA  1 
ATOM   21   C C   . VAL A 1 18  ? -1.795  -15.272 10.436  1.00 94.11  ? 147 VAL A C   1 
ATOM   22   O O   . VAL A 1 18  ? -2.569  -14.556 11.087  1.00 93.36  ? 147 VAL A O   1 
ATOM   23   C CB  . VAL A 1 18  ? -1.577  -17.402 11.818  1.00 91.92  ? 147 VAL A CB  1 
ATOM   24   C CG1 . VAL A 1 18  ? -2.276  -18.260 10.773  1.00 91.09  ? 147 VAL A CG1 1 
ATOM   25   C CG2 . VAL A 1 18  ? -0.613  -18.264 12.621  1.00 91.21  ? 147 VAL A CG2 1 
ATOM   26   N N   . LEU A 1 19  ? -1.715  -15.261 9.108   1.00 88.86  ? 148 LEU A N   1 
ATOM   27   C CA  . LEU A 1 19  ? -2.564  -14.436 8.269   1.00 92.51  ? 148 LEU A CA  1 
ATOM   28   C C   . LEU A 1 19  ? -3.602  -15.296 7.561   1.00 97.88  ? 148 LEU A C   1 
ATOM   29   O O   . LEU A 1 19  ? -3.278  -16.363 7.026   1.00 99.76  ? 148 LEU A O   1 
ATOM   30   C CB  . LEU A 1 19  ? -1.727  -13.705 7.216   1.00 92.71  ? 148 LEU A CB  1 
ATOM   31   C CG  . LEU A 1 19  ? -0.406  -13.004 7.536   1.00 88.27  ? 148 LEU A CG  1 
ATOM   32   C CD1 . LEU A 1 19  ? 0.105   -12.391 6.249   1.00 90.94  ? 148 LEU A CD1 1 
ATOM   33   C CD2 . LEU A 1 19  ? -0.537  -11.931 8.607   1.00 85.07  ? 148 LEU A CD2 1 
ATOM   34   N N   . LYS A 1 20  ? -4.840  -14.812 7.547   1.00 95.11  ? 149 LYS A N   1 
ATOM   35   C CA  . LYS A 1 20  ? -5.918  -15.459 6.806   1.00 95.12  ? 149 LYS A CA  1 
ATOM   36   C C   . LYS A 1 20  ? -5.949  -14.962 5.351   1.00 91.10  ? 149 LYS A C   1 
ATOM   37   O O   . LYS A 1 20  ? -6.267  -13.795 5.092   1.00 97.16  ? 149 LYS A O   1 
ATOM   38   C CB  . LYS A 1 20  ? -7.258  -15.205 7.500   1.00 99.21  ? 149 LYS A CB  1 
ATOM   39   C CG  . LYS A 1 20  ? -7.359  -15.754 8.909   1.00 102.71 ? 149 LYS A CG  1 
ATOM   40   C CD  . LYS A 1 20  ? -8.761  -15.549 9.446   1.00 117.43 ? 149 LYS A CD  1 
ATOM   41   C CE  . LYS A 1 20  ? -8.930  -16.202 10.808  1.00 132.93 ? 149 LYS A CE  1 
ATOM   42   N NZ  . LYS A 1 20  ? -10.357 -16.224 11.235  1.00 141.51 ? 149 LYS A NZ  1 
ATOM   43   N N   . ILE A 1 21  ? -5.602  -15.843 4.416   1.00 84.92  ? 150 ILE A N   1 
ATOM   44   C CA  . ILE A 1 21  ? -5.639  -15.531 2.983   1.00 86.71  ? 150 ILE A CA  1 
ATOM   45   C C   . ILE A 1 21  ? -6.924  -16.107 2.366   1.00 94.96  ? 150 ILE A C   1 
ATOM   46   O O   . ILE A 1 21  ? -7.022  -17.308 2.090   1.00 102.81 ? 150 ILE A O   1 
ATOM   47   C CB  . ILE A 1 21  ? -4.386  -16.062 2.217   1.00 85.92  ? 150 ILE A CB  1 
ATOM   48   C CG1 . ILE A 1 21  ? -3.059  -15.668 2.890   1.00 88.80  ? 150 ILE A CG1 1 
ATOM   49   C CG2 . ILE A 1 21  ? -4.410  -15.667 0.741   1.00 87.46  ? 150 ILE A CG2 1 
ATOM   50   C CD1 . ILE A 1 21  ? -2.879  -14.209 3.257   1.00 96.82  ? 150 ILE A CD1 1 
ATOM   51   N N   . PHE A 1 22  ? -7.905  -15.236 2.156   1.00 98.40  ? 151 PHE A N   1 
ATOM   52   C CA  . PHE A 1 22  ? -9.176  -15.590 1.523   1.00 91.47  ? 151 PHE A CA  1 
ATOM   53   C C   . PHE A 1 22  ? -9.003  -15.730 0.014   1.00 97.27  ? 151 PHE A C   1 
ATOM   54   O O   . PHE A 1 22  ? -8.184  -15.033 -0.578  1.00 102.88 ? 151 PHE A O   1 
ATOM   55   C CB  . PHE A 1 22  ? -10.215 -14.530 1.856   1.00 78.64  ? 151 PHE A CB  1 
ATOM   56   C CG  . PHE A 1 22  ? -10.522 -14.433 3.322   1.00 85.80  ? 151 PHE A CG  1 
ATOM   57   C CD1 . PHE A 1 22  ? -9.656  -13.758 4.201   1.00 86.88  ? 151 PHE A CD1 1 
ATOM   58   C CD2 . PHE A 1 22  ? -11.679 -15.019 3.844   1.00 89.81  ? 151 PHE A CD2 1 
ATOM   59   C CE1 . PHE A 1 22  ? -9.936  -13.672 5.567   1.00 92.21  ? 151 PHE A CE1 1 
ATOM   60   C CE2 . PHE A 1 22  ? -11.966 -14.934 5.212   1.00 95.63  ? 151 PHE A CE2 1 
ATOM   61   C CZ  . PHE A 1 22  ? -11.093 -14.260 6.075   1.00 93.66  ? 151 PHE A CZ  1 
ATOM   62   N N   . GLY A 1 23  ? -9.756  -16.646 -0.597  1.00 104.76 ? 152 GLY A N   1 
ATOM   63   C CA  . GLY A 1 23  ? -9.728  -16.849 -2.050  1.00 107.90 ? 152 GLY A CA  1 
ATOM   64   C C   . GLY A 1 23  ? -10.977 -16.290 -2.708  1.00 125.31 ? 152 GLY A C   1 
ATOM   65   O O   . GLY A 1 23  ? -12.093 -16.680 -2.350  1.00 137.92 ? 152 GLY A O   1 
ATOM   66   N N   . ALA A 1 24  ? -10.787 -15.369 -3.660  1.00 134.18 ? 153 ALA A N   1 
ATOM   67   C CA  . ALA A 1 24  ? -11.885 -14.749 -4.425  1.00 133.73 ? 153 ALA A CA  1 
ATOM   68   C C   . ALA A 1 24  ? -11.532 -14.563 -5.908  1.00 130.88 ? 153 ALA A C   1 
ATOM   69   O O   . ALA A 1 24  ? -11.286 -15.534 -6.636  1.00 116.90 ? 153 ALA A O   1 
ATOM   70   C CB  . ALA A 1 24  ? -12.299 -13.421 -3.793  1.00 119.07 ? 153 ALA A CB  1 
ATOM   71   N N   . ALA A 1 30  ? -15.715 -16.037 2.457   1.00 106.28 ? 159 ALA A N   1 
ATOM   72   C CA  . ALA A 1 30  ? -16.266 -17.088 3.315   1.00 129.45 ? 159 ALA A CA  1 
ATOM   73   C C   . ALA A 1 30  ? -15.180 -18.003 3.941   1.00 136.43 ? 159 ALA A C   1 
ATOM   74   O O   . ALA A 1 30  ? -14.894 -17.895 5.142   1.00 129.89 ? 159 ALA A O   1 
ATOM   75   C CB  . ALA A 1 30  ? -17.324 -17.897 2.559   1.00 126.50 ? 159 ALA A CB  1 
ATOM   76   N N   . ASN A 1 31  ? -14.589 -18.887 3.125   1.00 141.14 ? 160 ASN A N   1 
ATOM   77   C CA  . ASN A 1 31  ? -13.499 -19.779 3.545   1.00 135.28 ? 160 ASN A CA  1 
ATOM   78   C C   . ASN A 1 31  ? -12.125 -19.271 3.063   1.00 140.71 ? 160 ASN A C   1 
ATOM   79   O O   . ASN A 1 31  ? -12.033 -18.483 2.111   1.00 142.95 ? 160 ASN A O   1 
ATOM   80   C CB  . ASN A 1 31  ? -13.756 -21.218 3.063   1.00 139.12 ? 160 ASN A CB  1 
ATOM   81   C CG  . ASN A 1 31  ? -13.197 -21.489 1.669   1.00 147.64 ? 160 ASN A CG  1 
ATOM   82   O OD1 . ASN A 1 31  ? -13.430 -20.728 0.725   1.00 146.85 ? 160 ASN A OD1 1 
ATOM   83   N ND2 . ASN A 1 31  ? -12.455 -22.586 1.535   1.00 147.05 ? 160 ASN A ND2 1 
ATOM   84   N N   . TYR A 1 32  ? -11.068 -19.762 3.710   1.00 134.49 ? 161 TYR A N   1 
ATOM   85   C CA  . TYR A 1 32  ? -9.705  -19.258 3.531   1.00 114.86 ? 161 TYR A CA  1 
ATOM   86   C C   . TYR A 1 32  ? -8.664  -20.317 3.893   1.00 111.13 ? 161 TYR A C   1 
ATOM   87   O O   . TYR A 1 32  ? -9.000  -21.360 4.451   1.00 120.09 ? 161 TYR A O   1 
ATOM   88   C CB  . TYR A 1 32  ? -9.498  -18.031 4.421   1.00 105.87 ? 161 TYR A CB  1 
ATOM   89   C CG  . TYR A 1 32  ? -9.697  -18.321 5.885   1.00 106.28 ? 161 TYR A CG  1 
ATOM   90   C CD1 . TYR A 1 32  ? -8.646  -18.811 6.671   1.00 109.96 ? 161 TYR A CD1 1 
ATOM   91   C CD2 . TYR A 1 32  ? -10.942 -18.116 6.493   1.00 110.78 ? 161 TYR A CD2 1 
ATOM   92   C CE1 . TYR A 1 32  ? -8.828  -19.085 8.018   1.00 117.86 ? 161 TYR A CE1 1 
ATOM   93   C CE2 . TYR A 1 32  ? -11.135 -18.387 7.842   1.00 116.60 ? 161 TYR A CE2 1 
ATOM   94   C CZ  . TYR A 1 32  ? -10.075 -18.870 8.597   1.00 116.43 ? 161 TYR A CZ  1 
ATOM   95   O OH  . TYR A 1 32  ? -10.253 -19.137 9.928   1.00 113.56 ? 161 TYR A OH  1 
ATOM   96   N N   . LYS A 1 33  ? -7.400  -20.026 3.589   1.00 107.97 ? 162 LYS A N   1 
ATOM   97   C CA  . LYS A 1 33  ? -6.256  -20.788 4.099   1.00 101.32 ? 162 LYS A CA  1 
ATOM   98   C C   . LYS A 1 33  ? -5.399  -19.915 5.029   1.00 101.64 ? 162 LYS A C   1 
ATOM   99   O O   . LYS A 1 33  ? -5.055  -18.784 4.677   1.00 105.83 ? 162 LYS A O   1 
ATOM   100  C CB  . LYS A 1 33  ? -5.411  -21.350 2.942   1.00 91.89  ? 162 LYS A CB  1 
ATOM   101  C CG  . LYS A 1 33  ? -6.115  -22.380 2.062   1.00 93.49  ? 162 LYS A CG  1 
ATOM   102  C CD  . LYS A 1 33  ? -6.227  -23.739 2.738   1.00 100.76 ? 162 LYS A CD  1 
ATOM   103  C CE  . LYS A 1 33  ? -7.197  -24.681 2.042   1.00 98.21  ? 162 LYS A CE  1 
ATOM   104  N NZ  . LYS A 1 33  ? -8.615  -24.265 2.211   1.00 114.73 ? 162 LYS A NZ  1 
ATOM   105  N N   . SER A 1 34  ? -5.086  -20.434 6.219   1.00 98.08  ? 163 SER A N   1 
ATOM   106  C CA  . SER A 1 34  ? -4.118  -19.809 7.135   1.00 95.43  ? 163 SER A CA  1 
ATOM   107  C C   . SER A 1 34  ? -2.662  -20.044 6.692   1.00 97.51  ? 163 SER A C   1 
ATOM   108  O O   . SER A 1 34  ? -2.268  -21.174 6.372   1.00 102.67 ? 163 SER A O   1 
ATOM   109  C CB  . SER A 1 34  ? -4.306  -20.341 8.553   1.00 94.87  ? 163 SER A CB  1 
ATOM   110  O OG  . SER A 1 34  ? -5.458  -19.799 9.162   1.00 104.36 ? 163 SER A OG  1 
ATOM   111  N N   . VAL A 1 35  ? -1.879  -18.966 6.656   1.00 95.55  ? 164 VAL A N   1 
ATOM   112  C CA  . VAL A 1 35  ? -0.425  -19.047 6.449   1.00 90.22  ? 164 VAL A CA  1 
ATOM   113  C C   . VAL A 1 35  ? 0.317   -18.320 7.568   1.00 88.95  ? 164 VAL A C   1 
ATOM   114  O O   . VAL A 1 35  ? -0.181  -17.339 8.125   1.00 85.11  ? 164 VAL A O   1 
ATOM   115  C CB  . VAL A 1 35  ? 0.047   -18.521 5.064   1.00 90.22  ? 164 VAL A CB  1 
ATOM   116  C CG1 . VAL A 1 35  ? -0.528  -19.351 3.924   1.00 92.50  ? 164 VAL A CG1 1 
ATOM   117  C CG2 . VAL A 1 35  ? -0.284  -17.049 4.872   1.00 102.27 ? 164 VAL A CG2 1 
ATOM   118  N N   . LEU A 1 36  ? 1.507   -18.820 7.890   1.00 95.89  ? 165 LEU A N   1 
ATOM   119  C CA  . LEU A 1 36  ? 2.401   -18.193 8.868   1.00 91.03  ? 165 LEU A CA  1 
ATOM   120  C C   . LEU A 1 36  ? 3.348   -17.238 8.143   1.00 88.29  ? 165 LEU A C   1 
ATOM   121  O O   . LEU A 1 36  ? 4.122   -17.654 7.267   1.00 80.35  ? 165 LEU A O   1 
ATOM   122  C CB  . LEU A 1 36  ? 3.180   -19.278 9.621   1.00 90.80  ? 165 LEU A CB  1 
ATOM   123  C CG  . LEU A 1 36  ? 3.989   -19.059 10.902  1.00 91.44  ? 165 LEU A CG  1 
ATOM   124  C CD1 . LEU A 1 36  ? 5.356   -18.460 10.590  1.00 97.21  ? 165 LEU A CD1 1 
ATOM   125  C CD2 . LEU A 1 36  ? 3.230   -18.254 11.955  1.00 90.73  ? 165 LEU A CD2 1 
ATOM   126  N N   . ALA A 1 37  ? 3.247   -15.952 8.481   1.00 90.22  ? 166 ALA A N   1 
ATOM   127  C CA  . ALA A 1 37  ? 4.114   -14.923 7.901   1.00 89.53  ? 166 ALA A CA  1 
ATOM   128  C C   . ALA A 1 37  ? 5.128   -14.472 8.926   1.00 93.33  ? 166 ALA A C   1 
ATOM   129  O O   . ALA A 1 37  ? 4.794   -14.210 10.084  1.00 90.90  ? 166 ALA A O   1 
ATOM   130  C CB  . ALA A 1 37  ? 3.320   -13.736 7.388   1.00 81.05  ? 166 ALA A CB  1 
ATOM   131  N N   . THR A 1 38  ? 6.376   -14.429 8.481   1.00 96.13  ? 167 THR A N   1 
ATOM   132  C CA  . THR A 1 38  ? 7.461   -13.863 9.245   1.00 100.99 ? 167 THR A CA  1 
ATOM   133  C C   . THR A 1 38  ? 7.659   -12.408 8.779   1.00 99.99  ? 167 THR A C   1 
ATOM   134  O O   . THR A 1 38  ? 7.215   -12.033 7.691   1.00 98.20  ? 167 THR A O   1 
ATOM   135  C CB  . THR A 1 38  ? 8.736   -14.742 9.129   1.00 104.67 ? 167 THR A CB  1 
ATOM   136  O OG1 . THR A 1 38  ? 9.742   -14.249 10.017  1.00 133.53 ? 167 THR A OG1 1 
ATOM   137  C CG2 . THR A 1 38  ? 9.300   -14.788 7.703   1.00 101.53 ? 167 THR A CG2 1 
ATOM   138  N N   . ALA A 1 39  ? 8.299   -11.589 9.611   1.00 104.04 ? 168 ALA A N   1 
ATOM   139  C CA  . ALA A 1 39  ? 8.620   -10.195 9.257   1.00 100.64 ? 168 ALA A CA  1 
ATOM   140  C C   . ALA A 1 39  ? 9.408   -10.061 7.947   1.00 98.69  ? 168 ALA A C   1 
ATOM   141  O O   . ALA A 1 39  ? 9.300   -9.040  7.270   1.00 96.70  ? 168 ALA A O   1 
ATOM   142  C CB  . ALA A 1 39  ? 9.356   -9.514  10.399  1.00 97.77  ? 168 ALA A CB  1 
ATOM   143  N N   . ARG A 1 40  ? 10.179  -11.097 7.600   1.00 98.66  ? 169 ARG A N   1 
ATOM   144  C CA  . ARG A 1 40  ? 10.960  -11.142 6.359   1.00 99.58  ? 169 ARG A CA  1 
ATOM   145  C C   . ARG A 1 40  ? 10.165  -11.622 5.128   1.00 97.31  ? 169 ARG A C   1 
ATOM   146  O O   . ARG A 1 40  ? 10.601  -11.377 3.991   1.00 99.77  ? 169 ARG A O   1 
ATOM   147  C CB  . ARG A 1 40  ? 12.208  -12.032 6.519   1.00 106.34 ? 169 ARG A CB  1 
ATOM   148  C CG  . ARG A 1 40  ? 13.301  -11.556 7.472   1.00 106.94 ? 169 ARG A CG  1 
ATOM   149  C CD  . ARG A 1 40  ? 14.229  -12.721 7.841   1.00 114.26 ? 169 ARG A CD  1 
ATOM   150  N NE  . ARG A 1 40  ? 13.642  -13.636 8.842   1.00 124.61 ? 169 ARG A NE  1 
ATOM   151  C CZ  . ARG A 1 40  ? 13.192  -14.881 8.615   1.00 128.97 ? 169 ARG A CZ  1 
ATOM   152  N NH1 . ARG A 1 40  ? 13.242  -15.438 7.406   1.00 131.83 ? 169 ARG A NH1 1 
ATOM   153  N NH2 . ARG A 1 40  ? 12.685  -15.588 9.619   1.00 121.91 ? 169 ARG A NH2 1 
ATOM   154  N N   . SER A 1 41  ? 9.026   -12.298 5.335   1.00 86.76  ? 170 SER A N   1 
ATOM   155  C CA  . SER A 1 41  ? 8.350   -12.992 4.221   1.00 85.78  ? 170 SER A CA  1 
ATOM   156  C C   . SER A 1 41  ? 7.668   -12.049 3.244   1.00 84.12  ? 170 SER A C   1 
ATOM   157  O O   . SER A 1 41  ? 6.957   -11.145 3.650   1.00 85.12  ? 170 SER A O   1 
ATOM   158  C CB  . SER A 1 41  ? 7.409   -14.129 4.676   1.00 87.96  ? 170 SER A CB  1 
ATOM   159  O OG  . SER A 1 41  ? 6.629   -13.799 5.806   1.00 86.14  ? 170 SER A OG  1 
ATOM   160  N N   . THR A 1 42  ? 7.916   -12.265 1.954   1.00 82.08  ? 171 THR A N   1 
ATOM   161  C CA  . THR A 1 42  ? 7.407   -11.376 0.923   1.00 86.13  ? 171 THR A CA  1 
ATOM   162  C C   . THR A 1 42  ? 6.033   -11.818 0.454   1.00 88.18  ? 171 THR A C   1 
ATOM   163  O O   . THR A 1 42  ? 5.601   -12.929 0.743   1.00 93.59  ? 171 THR A O   1 
ATOM   164  C CB  . THR A 1 42  ? 8.364   -11.235 -0.291  1.00 91.69  ? 171 THR A CB  1 
ATOM   165  O OG1 . THR A 1 42  ? 8.344   -12.430 -1.082  1.00 91.79  ? 171 THR A OG1 1 
ATOM   166  C CG2 . THR A 1 42  ? 9.793   -10.908 0.150   1.00 95.71  ? 171 THR A CG2 1 
ATOM   167  N N   . ALA A 1 43  ? 5.355   -10.928 -0.270  1.00 91.88  ? 172 ALA A N   1 
ATOM   168  C CA  . ALA A 1 43  ? 4.013   -11.166 -0.786  1.00 90.13  ? 172 ALA A CA  1 
ATOM   169  C C   . ALA A 1 43  ? 3.965   -12.292 -1.816  1.00 86.54  ? 172 ALA A C   1 
ATOM   170  O O   . ALA A 1 43  ? 3.013   -13.063 -1.834  1.00 88.58  ? 172 ALA A O   1 
ATOM   171  C CB  . ALA A 1 43  ? 3.441   -9.884  -1.367  1.00 86.34  ? 172 ALA A CB  1 
ATOM   172  N N   . ARG A 1 44  ? 4.996   -12.386 -2.650  1.00 84.78  ? 173 ARG A N   1 
ATOM   173  C CA  . ARG A 1 44  ? 5.062   -13.397 -3.698  1.00 90.39  ? 173 ARG A CA  1 
ATOM   174  C C   . ARG A 1 44  ? 5.196   -14.786 -3.094  1.00 95.18  ? 173 ARG A C   1 
ATOM   175  O O   . ARG A 1 44  ? 4.573   -15.735 -3.581  1.00 100.75 ? 173 ARG A O   1 
ATOM   176  C CB  . ARG A 1 44  ? 6.225   -13.124 -4.654  1.00 89.50  ? 173 ARG A CB  1 
ATOM   177  C CG  . ARG A 1 44  ? 5.902   -13.422 -6.101  1.00 92.19  ? 173 ARG A CG  1 
ATOM   178  C CD  . ARG A 1 44  ? 7.149   -13.420 -6.960  1.00 105.46 ? 173 ARG A CD  1 
ATOM   179  N NE  . ARG A 1 44  ? 7.665   -14.775 -7.166  1.00 125.64 ? 173 ARG A NE  1 
ATOM   180  C CZ  . ARG A 1 44  ? 7.358   -15.563 -8.198  1.00 128.65 ? 173 ARG A CZ  1 
ATOM   181  N NH1 . ARG A 1 44  ? 7.890   -16.777 -8.276  1.00 129.31 ? 173 ARG A NH1 1 
ATOM   182  N NH2 . ARG A 1 44  ? 6.525   -15.150 -9.151  1.00 127.31 ? 173 ARG A NH2 1 
ATOM   183  N N   . GLU A 1 45  ? 6.002   -14.885 -2.035  1.00 93.82  ? 174 GLU A N   1 
ATOM   184  C CA  . GLU A 1 45  ? 6.204   -16.127 -1.284  1.00 97.92  ? 174 GLU A CA  1 
ATOM   185  C C   . GLU A 1 45  ? 4.915   -16.611 -0.615  1.00 97.01  ? 174 GLU A C   1 
ATOM   186  O O   . GLU A 1 45  ? 4.670   -17.819 -0.527  1.00 107.30 ? 174 GLU A O   1 
ATOM   187  C CB  . GLU A 1 45  ? 7.291   -15.947 -0.219  1.00 104.43 ? 174 GLU A CB  1 
ATOM   188  C CG  . GLU A 1 45  ? 8.708   -15.767 -0.750  1.00 112.61 ? 174 GLU A CG  1 
ATOM   189  C CD  . GLU A 1 45  ? 9.675   -15.196 0.285   1.00 119.34 ? 174 GLU A CD  1 
ATOM   190  O OE1 . GLU A 1 45  ? 9.409   -15.285 1.508   1.00 118.78 ? 174 GLU A OE1 1 
ATOM   191  O OE2 . GLU A 1 45  ? 10.722  -14.652 -0.132  1.00 122.51 ? 174 GLU A OE2 1 
ATOM   192  N N   . LEU A 1 46  ? 4.103   -15.671 -0.137  1.00 91.06  ? 175 LEU A N   1 
ATOM   193  C CA  . LEU A 1 46  ? 2.826   -16.008 0.481   1.00 91.63  ? 175 LEU A CA  1 
ATOM   194  C C   . LEU A 1 46  ? 1.747   -16.367 -0.531  1.00 91.37  ? 175 LEU A C   1 
ATOM   195  O O   . LEU A 1 46  ? 0.869   -17.166 -0.212  1.00 92.97  ? 175 LEU A O   1 
ATOM   196  C CB  . LEU A 1 46  ? 2.345   -14.906 1.430   1.00 90.96  ? 175 LEU A CB  1 
ATOM   197  C CG  . LEU A 1 46  ? 3.071   -14.754 2.769   1.00 90.50  ? 175 LEU A CG  1 
ATOM   198  C CD1 . LEU A 1 46  ? 2.278   -13.823 3.655   1.00 88.73  ? 175 LEU A CD1 1 
ATOM   199  C CD2 . LEU A 1 46  ? 3.287   -16.074 3.501   1.00 100.74 ? 175 LEU A CD2 1 
ATOM   200  N N   . VAL A 1 47  ? 1.806   -15.774 -1.730  1.00 92.20  ? 176 VAL A N   1 
ATOM   201  C CA  . VAL A 1 47  ? 0.972   -16.205 -2.868  1.00 94.68  ? 176 VAL A CA  1 
ATOM   202  C C   . VAL A 1 47  ? 1.302   -17.672 -3.168  1.00 97.87  ? 176 VAL A C   1 
ATOM   203  O O   . VAL A 1 47  ? 0.416   -18.529 -3.109  1.00 105.89 ? 176 VAL A O   1 
ATOM   204  C CB  . VAL A 1 47  ? 1.138   -15.305 -4.125  1.00 94.60  ? 176 VAL A CB  1 
ATOM   205  C CG1 . VAL A 1 47  ? 0.507   -15.938 -5.363  1.00 91.02  ? 176 VAL A CG1 1 
ATOM   206  C CG2 . VAL A 1 47  ? 0.513   -13.941 -3.885  1.00 102.09 ? 176 VAL A CG2 1 
ATOM   207  N N   . ALA A 1 48  ? 2.582   -17.945 -3.429  1.00 93.14  ? 177 ALA A N   1 
ATOM   208  C CA  . ALA A 1 48  ? 3.091   -19.297 -3.653  1.00 92.59  ? 177 ALA A CA  1 
ATOM   209  C C   . ALA A 1 48  ? 2.616   -20.321 -2.601  1.00 98.08  ? 177 ALA A C   1 
ATOM   210  O O   . ALA A 1 48  ? 2.120   -21.389 -2.974  1.00 107.79 ? 177 ALA A O   1 
ATOM   211  C CB  . ALA A 1 48  ? 4.609   -19.281 -3.749  1.00 85.04  ? 177 ALA A CB  1 
ATOM   212  N N   . GLU A 1 49  ? 2.737   -19.995 -1.310  1.00 92.86  ? 178 GLU A N   1 
ATOM   213  C CA  . GLU A 1 49  ? 2.350   -20.944 -0.276  1.00 98.83  ? 178 GLU A CA  1 
ATOM   214  C C   . GLU A 1 49  ? 0.852   -21.125 -0.210  1.00 99.25  ? 178 GLU A C   1 
ATOM   215  O O   . GLU A 1 49  ? 0.383   -22.251 -0.079  1.00 113.17 ? 178 GLU A O   1 
ATOM   216  C CB  . GLU A 1 49  ? 2.905   -20.603 1.104   1.00 109.43 ? 178 GLU A CB  1 
ATOM   217  C CG  . GLU A 1 49  ? 3.176   -21.861 1.928   1.00 125.05 ? 178 GLU A CG  1 
ATOM   218  C CD  . GLU A 1 49  ? 2.666   -21.785 3.361   1.00 143.60 ? 178 GLU A CD  1 
ATOM   219  O OE1 . GLU A 1 49  ? 1.955   -22.726 3.782   1.00 143.96 ? 178 GLU A OE1 1 
ATOM   220  O OE2 . GLU A 1 49  ? 2.973   -20.799 4.074   1.00 155.29 ? 178 GLU A OE2 1 
ATOM   221  N N   . ALA A 1 50  ? 0.104   -20.029 -0.317  1.00 96.09  ? 179 ALA A N   1 
ATOM   222  C CA  . ALA A 1 50  ? -1.357  -20.097 -0.267  1.00 90.77  ? 179 ALA A CA  1 
ATOM   223  C C   . ALA A 1 50  ? -1.928  -20.836 -1.486  1.00 94.68  ? 179 ALA A C   1 
ATOM   224  O O   . ALA A 1 50  ? -2.987  -21.475 -1.388  1.00 91.90  ? 179 ALA A O   1 
ATOM   225  C CB  . ALA A 1 50  ? -1.957  -18.711 -0.138  1.00 86.14  ? 179 ALA A CB  1 
ATOM   226  N N   . LEU A 1 51  ? -1.216  -20.759 -2.616  1.00 89.18  ? 180 LEU A N   1 
ATOM   227  C CA  . LEU A 1 51  ? -1.586  -21.509 -3.816  1.00 89.99  ? 180 LEU A CA  1 
ATOM   228  C C   . LEU A 1 51  ? -1.449  -23.016 -3.614  1.00 93.67  ? 180 LEU A C   1 
ATOM   229  O O   . LEU A 1 51  ? -2.345  -23.768 -4.006  1.00 98.09  ? 180 LEU A O   1 
ATOM   230  C CB  . LEU A 1 51  ? -0.802  -21.052 -5.051  1.00 85.32  ? 180 LEU A CB  1 
ATOM   231  C CG  . LEU A 1 51  ? -1.126  -19.709 -5.731  1.00 87.42  ? 180 LEU A CG  1 
ATOM   232  C CD1 . LEU A 1 51  ? -0.302  -19.578 -7.011  1.00 85.71  ? 180 LEU A CD1 1 
ATOM   233  C CD2 . LEU A 1 51  ? -2.605  -19.452 -6.010  1.00 76.51  ? 180 LEU A CD2 1 
ATOM   234  N N   . GLU A 1 52  ? -0.342  -23.441 -3.000  1.00 97.52  ? 181 GLU A N   1 
ATOM   235  C CA  . GLU A 1 52  ? -0.137  -24.844 -2.615  1.00 97.30  ? 181 GLU A CA  1 
ATOM   236  C C   . GLU A 1 52  ? -1.246  -25.324 -1.686  1.00 91.73  ? 181 GLU A C   1 
ATOM   237  O O   . GLU A 1 52  ? -1.829  -26.385 -1.910  1.00 93.17  ? 181 GLU A O   1 
ATOM   238  C CB  . GLU A 1 52  ? 1.219   -25.046 -1.941  1.00 103.08 ? 181 GLU A CB  1 
ATOM   239  C CG  . GLU A 1 52  ? 2.409   -24.919 -2.873  1.00 121.01 ? 181 GLU A CG  1 
ATOM   240  C CD  . GLU A 1 52  ? 3.726   -25.223 -2.182  1.00 138.08 ? 181 GLU A CD  1 
ATOM   241  O OE1 . GLU A 1 52  ? 3.890   -26.361 -1.682  1.00 147.04 ? 181 GLU A OE1 1 
ATOM   242  O OE2 . GLU A 1 52  ? 4.601   -24.324 -2.148  1.00 145.43 ? 181 GLU A OE2 1 
ATOM   243  N N   . ARG A 1 53  ? -1.552  -24.514 -0.674  1.00 86.92  ? 182 ARG A N   1 
ATOM   244  C CA  . ARG A 1 53  ? -2.573  -24.831 0.323   1.00 88.94  ? 182 ARG A CA  1 
ATOM   245  C C   . ARG A 1 53  ? -3.950  -24.863 -0.314  1.00 93.51  ? 182 ARG A C   1 
ATOM   246  O O   . ARG A 1 53  ? -4.857  -25.493 0.210   1.00 102.20 ? 182 ARG A O   1 
ATOM   247  C CB  . ARG A 1 53  ? -2.541  -23.829 1.486   1.00 89.52  ? 182 ARG A CB  1 
ATOM   248  C CG  . ARG A 1 53  ? -1.210  -23.766 2.240   1.00 93.42  ? 182 ARG A CG  1 
ATOM   249  C CD  . ARG A 1 53  ? -1.178  -24.584 3.520   1.00 86.77  ? 182 ARG A CD  1 
ATOM   250  N NE  . ARG A 1 53  ? -1.931  -23.935 4.594   1.00 88.65  ? 182 ARG A NE  1 
ATOM   251  C CZ  . ARG A 1 53  ? -3.149  -24.308 4.983   1.00 95.42  ? 182 ARG A CZ  1 
ATOM   252  N NH1 . ARG A 1 53  ? -3.759  -25.335 4.395   1.00 102.67 ? 182 ARG A NH1 1 
ATOM   253  N NH2 . ARG A 1 53  ? -3.763  -23.666 5.968   1.00 94.70  ? 182 ARG A NH2 1 
ATOM   254  N N   . TYR A 1 54  ? -4.094  -24.188 -1.452  1.00 100.43 ? 183 TYR A N   1 
ATOM   255  C CA  . TYR A 1 54  ? -5.318  -24.268 -2.249  1.00 97.32  ? 183 TYR A CA  1 
ATOM   256  C C   . TYR A 1 54  ? -5.358  -25.455 -3.237  1.00 97.70  ? 183 TYR A C   1 
ATOM   257  O O   . TYR A 1 54  ? -6.389  -25.724 -3.847  1.00 105.83 ? 183 TYR A O   1 
ATOM   258  C CB  . TYR A 1 54  ? -5.637  -22.911 -2.904  1.00 93.09  ? 183 TYR A CB  1 
ATOM   259  C CG  . TYR A 1 54  ? -6.559  -22.069 -2.040  1.00 93.98  ? 183 TYR A CG  1 
ATOM   260  C CD1 . TYR A 1 54  ? -7.874  -22.497 -1.771  1.00 94.60  ? 183 TYR A CD1 1 
ATOM   261  C CD2 . TYR A 1 54  ? -6.129  -20.862 -1.471  1.00 92.48  ? 183 TYR A CD2 1 
ATOM   262  C CE1 . TYR A 1 54  ? -8.732  -21.754 -0.972  1.00 93.63  ? 183 TYR A CE1 1 
ATOM   263  C CE2 . TYR A 1 54  ? -6.988  -20.105 -0.664  1.00 98.33  ? 183 TYR A CE2 1 
ATOM   264  C CZ  . TYR A 1 54  ? -8.290  -20.559 -0.421  1.00 99.78  ? 183 TYR A CZ  1 
ATOM   265  O OH  . TYR A 1 54  ? -9.168  -19.845 0.366   1.00 102.75 ? 183 TYR A OH  1 
ATOM   266  N N   . GLY A 1 55  ? -4.247  -26.173 -3.367  1.00 93.71  ? 184 GLY A N   1 
ATOM   267  C CA  . GLY A 1 55  ? -4.218  -27.424 -4.112  1.00 93.41  ? 184 GLY A CA  1 
ATOM   268  C C   . GLY A 1 55  ? -3.751  -27.376 -5.554  1.00 98.68  ? 184 GLY A C   1 
ATOM   269  O O   . GLY A 1 55  ? -3.872  -28.370 -6.275  1.00 105.19 ? 184 GLY A O   1 
ATOM   270  N N   . LEU A 1 56  ? -3.209  -26.234 -5.970  1.00 97.81  ? 185 LEU A N   1 
ATOM   271  C CA  . LEU A 1 56  ? -2.703  -26.039 -7.331  1.00 103.97 ? 185 LEU A CA  1 
ATOM   272  C C   . LEU A 1 56  ? -1.463  -26.897 -7.577  1.00 109.92 ? 185 LEU A C   1 
ATOM   273  O O   . LEU A 1 56  ? -0.683  -27.135 -6.648  1.00 107.98 ? 185 LEU A O   1 
ATOM   274  C CB  . LEU A 1 56  ? -2.371  -24.560 -7.561  1.00 104.46 ? 185 LEU A CB  1 
ATOM   275  C CG  . LEU A 1 56  ? -3.400  -23.407 -7.622  1.00 101.16 ? 185 LEU A CG  1 
ATOM   276  C CD1 . LEU A 1 56  ? -3.220  -22.618 -8.910  1.00 103.77 ? 185 LEU A CD1 1 
ATOM   277  C CD2 . LEU A 1 56  ? -4.865  -23.773 -7.404  1.00 94.04  ? 185 LEU A CD2 1 
ATOM   278  N N   . ALA A 1 57  ? -1.297  -27.354 -8.823  1.00 118.32 ? 186 ALA A N   1 
ATOM   279  C CA  . ALA A 1 57  ? -0.200  -28.253 -9.222  1.00 124.86 ? 186 ALA A CA  1 
ATOM   280  C C   . ALA A 1 57  ? 1.172   -27.575 -9.206  1.00 126.38 ? 186 ALA A C   1 
ATOM   281  O O   . ALA A 1 57  ? 1.391   -26.564 -9.876  1.00 123.27 ? 186 ALA A O   1 
ATOM   282  C CB  . ALA A 1 57  ? -0.479  -28.867 -10.590 1.00 120.68 ? 186 ALA A CB  1 
ATOM   283  N N   . CYS A 1 69  ? 2.883   -19.051 -13.168 1.00 120.76 ? 198 CYS A N   1 
ATOM   284  C CA  . CYS A 1 69  ? 1.539   -19.340 -12.660 1.00 129.80 ? 198 CYS A CA  1 
ATOM   285  C C   . CYS A 1 69  ? 1.247   -18.590 -11.361 1.00 134.51 ? 198 CYS A C   1 
ATOM   286  O O   . CYS A 1 69  ? 0.140   -18.067 -11.170 1.00 134.93 ? 198 CYS A O   1 
ATOM   287  C CB  . CYS A 1 69  ? 1.344   -20.843 -12.442 1.00 127.71 ? 198 CYS A CB  1 
ATOM   288  S SG  . CYS A 1 69  ? -0.102  -21.245 -11.426 1.00 125.76 ? 198 CYS A SG  1 
ATOM   289  N N   . VAL A 1 70  ? 2.238   -18.582 -10.465 1.00 131.11 ? 199 VAL A N   1 
ATOM   290  C CA  . VAL A 1 70  ? 2.245   -17.739 -9.263  1.00 125.19 ? 199 VAL A CA  1 
ATOM   291  C C   . VAL A 1 70  ? 2.087   -16.263 -9.671  1.00 118.63 ? 199 VAL A C   1 
ATOM   292  O O   . VAL A 1 70  ? 1.359   -15.511 -9.022  1.00 115.36 ? 199 VAL A O   1 
ATOM   293  C CB  . VAL A 1 70  ? 3.498   -18.020 -8.368  1.00 125.51 ? 199 VAL A CB  1 
ATOM   294  C CG1 . VAL A 1 70  ? 4.775   -18.158 -9.193  1.00 129.38 ? 199 VAL A CG1 1 
ATOM   295  C CG2 . VAL A 1 70  ? 3.669   -16.985 -7.257  1.00 127.11 ? 199 VAL A CG2 1 
ATOM   296  N N   . ASP A 1 71  ? 2.732   -15.896 -10.783 1.00 119.66 ? 200 ASP A N   1 
ATOM   297  C CA  . ASP A 1 71  ? 2.651   -14.567 -11.401 1.00 115.46 ? 200 ASP A CA  1 
ATOM   298  C C   . ASP A 1 71  ? 1.245   -14.154 -11.790 1.00 110.48 ? 200 ASP A C   1 
ATOM   299  O O   . ASP A 1 71  ? 0.934   -12.969 -11.784 1.00 127.02 ? 200 ASP A O   1 
ATOM   300  C CB  . ASP A 1 71  ? 3.520   -14.507 -12.658 1.00 123.11 ? 200 ASP A CB  1 
ATOM   301  C CG  . ASP A 1 71  ? 4.958   -14.879 -12.396 1.00 137.96 ? 200 ASP A CG  1 
ATOM   302  O OD1 . ASP A 1 71  ? 5.704   -14.046 -11.832 1.00 139.10 ? 200 ASP A OD1 1 
ATOM   303  O OD2 . ASP A 1 71  ? 5.341   -16.009 -12.767 1.00 158.82 ? 200 ASP A OD2 1 
ATOM   304  N N   . ALA A 1 72  ? 0.402   -15.123 -12.138 1.00 103.72 ? 201 ALA A N   1 
ATOM   305  C CA  . ALA A 1 72  ? -0.970  -14.843 -12.573 1.00 101.01 ? 201 ALA A CA  1 
ATOM   306  C C   . ALA A 1 72  ? -1.900  -14.443 -11.429 1.00 96.17  ? 201 ALA A C   1 
ATOM   307  O O   . ALA A 1 72  ? -3.031  -14.037 -11.673 1.00 91.78  ? 201 ALA A O   1 
ATOM   308  C CB  . ALA A 1 72  ? -1.537  -16.030 -13.339 1.00 112.10 ? 201 ALA A CB  1 
ATOM   309  N N   . PHE A 1 73  ? -1.410  -14.552 -10.194 1.00 97.51  ? 202 PHE A N   1 
ATOM   310  C CA  . PHE A 1 73  ? -2.181  -14.227 -8.990  1.00 97.48  ? 202 PHE A CA  1 
ATOM   311  C C   . PHE A 1 73  ? -1.579  -13.083 -8.191  1.00 100.17 ? 202 PHE A C   1 
ATOM   312  O O   . PHE A 1 73  ? -0.386  -12.782 -8.321  1.00 101.85 ? 202 PHE A O   1 
ATOM   313  C CB  . PHE A 1 73  ? -2.276  -15.441 -8.073  1.00 97.87  ? 202 PHE A CB  1 
ATOM   314  C CG  . PHE A 1 73  ? -3.132  -16.537 -8.607  1.00 95.97  ? 202 PHE A CG  1 
ATOM   315  C CD1 . PHE A 1 73  ? -2.589  -17.511 -9.449  1.00 92.97  ? 202 PHE A CD1 1 
ATOM   316  C CD2 . PHE A 1 73  ? -4.483  -16.615 -8.250  1.00 94.35  ? 202 PHE A CD2 1 
ATOM   317  C CE1 . PHE A 1 73  ? -3.384  -18.535 -9.939  1.00 101.95 ? 202 PHE A CE1 1 
ATOM   318  C CE2 . PHE A 1 73  ? -5.286  -17.638 -8.734  1.00 92.80  ? 202 PHE A CE2 1 
ATOM   319  C CZ  . PHE A 1 73  ? -4.732  -18.599 -9.578  1.00 100.24 ? 202 PHE A CZ  1 
ATOM   320  N N   . ALA A 1 74  ? -2.407  -12.481 -7.335  1.00 92.63  ? 203 ALA A N   1 
ATOM   321  C CA  . ALA A 1 74  ? -2.022  -11.310 -6.560  1.00 90.25  ? 203 ALA A CA  1 
ATOM   322  C C   . ALA A 1 74  ? -2.577  -11.379 -5.141  1.00 91.85  ? 203 ALA A C   1 
ATOM   323  O O   . ALA A 1 74  ? -3.734  -11.762 -4.943  1.00 91.51  ? 203 ALA A O   1 
ATOM   324  C CB  . ALA A 1 74  ? -2.507  -10.051 -7.263  1.00 81.42  ? 203 ALA A CB  1 
ATOM   325  N N   . LEU A 1 75  ? -1.750  -11.021 -4.156  1.00 86.90  ? 204 LEU A N   1 
ATOM   326  C CA  . LEU A 1 75  ? -2.238  -10.865 -2.785  1.00 84.17  ? 204 LEU A CA  1 
ATOM   327  C C   . LEU A 1 75  ? -2.812  -9.444  -2.617  1.00 86.73  ? 204 LEU A C   1 
ATOM   328  O O   . LEU A 1 75  ? -2.181  -8.471  -3.040  1.00 97.19  ? 204 LEU A O   1 
ATOM   329  C CB  . LEU A 1 75  ? -1.115  -11.135 -1.773  1.00 77.20  ? 204 LEU A CB  1 
ATOM   330  C CG  . LEU A 1 75  ? -1.341  -11.810 -0.405  1.00 80.32  ? 204 LEU A CG  1 
ATOM   331  C CD1 . LEU A 1 75  ? -0.490  -11.119 0.642   1.00 83.97  ? 204 LEU A CD1 1 
ATOM   332  C CD2 . LEU A 1 75  ? -2.772  -11.844 0.108   1.00 83.68  ? 204 LEU A CD2 1 
ATOM   333  N N   . CYS A 1 76  ? -3.997  -9.327  -2.013  1.00 83.35  ? 205 CYS A N   1 
ATOM   334  C CA  . CYS A 1 76  ? -4.699  -8.039  -1.903  1.00 81.98  ? 205 CYS A CA  1 
ATOM   335  C C   . CYS A 1 76  ? -5.101  -7.655  -0.486  1.00 85.52  ? 205 CYS A C   1 
ATOM   336  O O   . CYS A 1 76  ? -5.666  -8.462  0.245   1.00 95.54  ? 205 CYS A O   1 
ATOM   337  C CB  . CYS A 1 76  ? -5.940  -8.032  -2.795  1.00 81.52  ? 205 CYS A CB  1 
ATOM   338  S SG  . CYS A 1 76  ? -5.575  -8.328  -4.540  1.00 104.32 ? 205 CYS A SG  1 
ATOM   339  N N   . ASP A 1 77  ? -4.808  -6.415  -0.109  1.00 88.97  ? 206 ASP A N   1 
ATOM   340  C CA  . ASP A 1 77  ? -5.332  -5.833  1.121   1.00 91.86  ? 206 ASP A CA  1 
ATOM   341  C C   . ASP A 1 77  ? -6.665  -5.217  0.722   1.00 94.73  ? 206 ASP A C   1 
ATOM   342  O O   . ASP A 1 77  ? -6.709  -4.221  -0.010  1.00 99.07  ? 206 ASP A O   1 
ATOM   343  C CB  . ASP A 1 77  ? -4.361  -4.784  1.705   1.00 93.20  ? 206 ASP A CB  1 
ATOM   344  C CG  . ASP A 1 77  ? -4.793  -4.256  3.082   1.00 93.03  ? 206 ASP A CG  1 
ATOM   345  O OD1 . ASP A 1 77  ? -5.791  -4.732  3.661   1.00 98.46  ? 206 ASP A OD1 1 
ATOM   346  O OD2 . ASP A 1 77  ? -4.118  -3.347  3.600   1.00 88.67  ? 206 ASP A OD2 1 
ATOM   347  N N   . ALA A 1 78  ? -7.748  -5.841  1.176   1.00 97.02  ? 207 ALA A N   1 
ATOM   348  C CA  . ALA A 1 78  ? -9.094  -5.479  0.740   1.00 93.82  ? 207 ALA A CA  1 
ATOM   349  C C   . ALA A 1 78  ? -9.878  -4.851  1.869   1.00 99.24  ? 207 ALA A C   1 
ATOM   350  O O   . ALA A 1 78  ? -9.695  -5.206  3.045   1.00 99.01  ? 207 ALA A O   1 
ATOM   351  C CB  . ALA A 1 78  ? -9.822  -6.694  0.193   1.00 84.11  ? 207 ALA A CB  1 
ATOM   352  N N   . LEU A 1 79  ? -10.756 -3.922  1.492   1.00 105.97 ? 208 LEU A N   1 
ATOM   353  C CA  . LEU A 1 79  ? -11.559 -3.162  2.445   1.00 110.24 ? 208 LEU A CA  1 
ATOM   354  C C   . LEU A 1 79  ? -13.050 -3.152  2.112   1.00 113.44 ? 208 LEU A C   1 
ATOM   355  O O   . LEU A 1 79  ? -13.459 -2.748  1.019   1.00 113.03 ? 208 LEU A O   1 
ATOM   356  C CB  . LEU A 1 79  ? -11.041 -1.726  2.554   1.00 111.85 ? 208 LEU A CB  1 
ATOM   357  C CG  . LEU A 1 79  ? -9.623  -1.431  3.042   1.00 105.35 ? 208 LEU A CG  1 
ATOM   358  C CD1 . LEU A 1 79  ? -9.334  0.009   2.701   1.00 106.15 ? 208 LEU A CD1 1 
ATOM   359  C CD2 . LEU A 1 79  ? -9.461  -1.659  4.536   1.00 104.38 ? 208 LEU A CD2 1 
ATOM   360  N N   . GLY A 1 80  ? -13.845 -3.603  3.077   1.00 119.75 ? 209 GLY A N   1 
ATOM   361  C CA  . GLY A 1 80  ? -15.303 -3.557  3.002   1.00 126.56 ? 209 GLY A CA  1 
ATOM   362  C C   . GLY A 1 80  ? -15.888 -3.025  4.297   1.00 135.27 ? 209 GLY A C   1 
ATOM   363  O O   . GLY A 1 80  ? -15.187 -2.377  5.084   1.00 130.82 ? 209 GLY A O   1 
ATOM   364  N N   . ARG A 1 81  ? -17.170 -3.311  4.520   1.00 144.09 ? 210 ARG A N   1 
ATOM   365  C CA  . ARG A 1 81  ? -17.899 -2.828  5.700   1.00 153.76 ? 210 ARG A CA  1 
ATOM   366  C C   . ARG A 1 81  ? -18.553 -3.982  6.480   1.00 164.30 ? 210 ARG A C   1 
ATOM   367  O O   . ARG A 1 81  ? -19.155 -4.863  5.857   1.00 168.97 ? 210 ARG A O   1 
ATOM   368  C CB  . ARG A 1 81  ? -18.910 -1.756  5.285   1.00 141.86 ? 210 ARG A CB  1 
ATOM   369  C CG  . ARG A 1 81  ? -18.321 -0.353  5.302   1.00 134.51 ? 210 ARG A CG  1 
ATOM   370  C CD  . ARG A 1 81  ? -18.965 0.526   4.249   1.00 134.71 ? 210 ARG A CD  1 
ATOM   371  N NE  . ARG A 1 81  ? -18.710 1.948   4.475   1.00 138.58 ? 210 ARG A NE  1 
ATOM   372  C CZ  . ARG A 1 81  ? -18.990 2.924   3.609   1.00 137.03 ? 210 ARG A CZ  1 
ATOM   373  N NH1 . ARG A 1 81  ? -19.532 2.652   2.422   1.00 123.75 ? 210 ARG A NH1 1 
ATOM   374  N NH2 . ARG A 1 81  ? -18.715 4.183   3.930   1.00 128.07 ? 210 ARG A NH2 1 
ATOM   375  N N   . PRO A 1 82  ? -18.478 -3.950  7.841   1.00 170.26 ? 211 PRO A N   1 
ATOM   376  C CA  . PRO A 1 82  ? -18.530 -5.103  8.749   1.00 175.12 ? 211 PRO A CA  1 
ATOM   377  C C   . PRO A 1 82  ? -18.416 -6.513  8.121   1.00 181.22 ? 211 PRO A C   1 
ATOM   378  O O   . PRO A 1 82  ? -19.415 -7.141  7.760   1.00 182.11 ? 211 PRO A O   1 
ATOM   379  C CB  . PRO A 1 82  ? -19.846 -4.862  9.500   1.00 171.00 ? 211 PRO A CB  1 
ATOM   380  C CG  . PRO A 1 82  ? -19.938 -3.354  9.564   1.00 166.56 ? 211 PRO A CG  1 
ATOM   381  C CD  . PRO A 1 82  ? -18.926 -2.765  8.597   1.00 162.56 ? 211 PRO A CD  1 
ATOM   382  N N   . TRP A 1 92  ? -18.115 -11.142 2.743   1.00 156.71 ? 221 TRP A N   1 
ATOM   383  C CA  . TRP A 1 92  ? -18.783 -10.060 2.031   1.00 156.13 ? 221 TRP A CA  1 
ATOM   384  C C   . TRP A 1 92  ? -18.112 -9.704  0.693   1.00 153.90 ? 221 TRP A C   1 
ATOM   385  O O   . TRP A 1 92  ? -17.303 -10.483 0.173   1.00 142.87 ? 221 TRP A O   1 
ATOM   386  C CB  . TRP A 1 92  ? -18.942 -8.819  2.933   1.00 156.17 ? 221 TRP A CB  1 
ATOM   387  C CG  . TRP A 1 92  ? -17.739 -8.390  3.783   1.00 165.97 ? 221 TRP A CG  1 
ATOM   388  C CD1 . TRP A 1 92  ? -17.755 -8.140  5.130   1.00 170.62 ? 221 TRP A CD1 1 
ATOM   389  C CD2 . TRP A 1 92  ? -16.379 -8.132  3.351   1.00 161.20 ? 221 TRP A CD2 1 
ATOM   390  N NE1 . TRP A 1 92  ? -16.507 -7.753  5.564   1.00 172.41 ? 221 TRP A NE1 1 
ATOM   391  C CE2 . TRP A 1 92  ? -15.644 -7.740  4.499   1.00 163.10 ? 221 TRP A CE2 1 
ATOM   392  C CE3 . TRP A 1 92  ? -15.710 -8.201  2.115   1.00 145.91 ? 221 TRP A CE3 1 
ATOM   393  C CZ2 . TRP A 1 92  ? -14.276 -7.412  4.444   1.00 144.42 ? 221 TRP A CZ2 1 
ATOM   394  C CZ3 . TRP A 1 92  ? -14.348 -7.874  2.062   1.00 130.86 ? 221 TRP A CZ3 1 
ATOM   395  C CH2 . TRP A 1 92  ? -13.653 -7.475  3.217   1.00 131.11 ? 221 TRP A CH2 1 
ATOM   396  N N   . ARG A 1 93  ? -18.465 -8.532  0.148   1.00 146.43 ? 222 ARG A N   1 
ATOM   397  C CA  . ARG A 1 93  ? -17.846 -7.961  -1.058  1.00 129.69 ? 222 ARG A CA  1 
ATOM   398  C C   . ARG A 1 93  ? -16.969 -6.736  -0.721  1.00 126.23 ? 222 ARG A C   1 
ATOM   399  O O   . ARG A 1 93  ? -17.250 -5.993  0.232   1.00 120.09 ? 222 ARG A O   1 
ATOM   400  C CB  . ARG A 1 93  ? -18.914 -7.607  -2.101  1.00 123.39 ? 222 ARG A CB  1 
ATOM   401  N N   . ALA A 1 94  ? -15.909 -6.543  -1.506  1.00 117.42 ? 223 ALA A N   1 
ATOM   402  C CA  . ALA A 1 94  ? -14.863 -5.566  -1.201  1.00 111.23 ? 223 ALA A CA  1 
ATOM   403  C C   . ALA A 1 94  ? -15.051 -4.263  -1.965  1.00 114.71 ? 223 ALA A C   1 
ATOM   404  O O   . ALA A 1 94  ? -15.091 -4.258  -3.199  1.00 113.13 ? 223 ALA A O   1 
ATOM   405  C CB  . ALA A 1 94  ? -13.491 -6.163  -1.484  1.00 110.49 ? 223 ALA A CB  1 
ATOM   406  N N   . GLU A 1 95  ? -15.153 -3.161  -1.221  1.00 120.90 ? 224 GLU A N   1 
ATOM   407  C CA  . GLU A 1 95  ? -15.349 -1.823  -1.797  1.00 121.83 ? 224 GLU A CA  1 
ATOM   408  C C   . GLU A 1 95  ? -14.083 -1.253  -2.439  1.00 118.73 ? 224 GLU A C   1 
ATOM   409  O O   . GLU A 1 95  ? -14.135 -0.716  -3.553  1.00 121.20 ? 224 GLU A O   1 
ATOM   410  C CB  . GLU A 1 95  ? -15.933 -0.863  -0.753  1.00 127.91 ? 224 GLU A CB  1 
ATOM   411  C CG  . GLU A 1 95  ? -17.444 -0.985  -0.588  1.00 134.79 ? 224 GLU A CG  1 
ATOM   412  C CD  . GLU A 1 95  ? -17.930 -0.593  0.799   1.00 144.84 ? 224 GLU A CD  1 
ATOM   413  O OE1 . GLU A 1 95  ? -18.529 0.497   0.933   1.00 145.23 ? 224 GLU A OE1 1 
ATOM   414  O OE2 . GLU A 1 95  ? -17.713 -1.375  1.755   1.00 145.93 ? 224 GLU A OE2 1 
ATOM   415  N N   . HIS A 1 96  ? -12.958 -1.376  -1.735  1.00 116.75 ? 225 HIS A N   1 
ATOM   416  C CA  . HIS A 1 96  ? -11.644 -1.011  -2.273  1.00 113.41 ? 225 HIS A CA  1 
ATOM   417  C C   . HIS A 1 96  ? -10.610 -2.096  -1.962  1.00 105.46 ? 225 HIS A C   1 
ATOM   418  O O   . HIS A 1 96  ? -10.635 -2.708  -0.884  1.00 102.92 ? 225 HIS A O   1 
ATOM   419  C CB  . HIS A 1 96  ? -11.201 0.361   -1.726  1.00 119.14 ? 225 HIS A CB  1 
ATOM   420  C CG  . HIS A 1 96  ? -9.952  0.913   -2.360  1.00 119.85 ? 225 HIS A CG  1 
ATOM   421  N ND1 . HIS A 1 96  ? -9.841  1.155   -3.714  1.00 120.18 ? 225 HIS A ND1 1 
ATOM   422  C CD2 . HIS A 1 96  ? -8.771  1.296   -1.814  1.00 116.20 ? 225 HIS A CD2 1 
ATOM   423  C CE1 . HIS A 1 96  ? -8.642  1.647   -3.976  1.00 120.16 ? 225 HIS A CE1 1 
ATOM   424  N NE2 . HIS A 1 96  ? -7.973  1.744   -2.840  1.00 116.80 ? 225 HIS A NE2 1 
ATOM   425  N N   . LEU A 1 97  ? -9.720  -2.342  -2.921  1.00 94.75  ? 226 LEU A N   1 
ATOM   426  C CA  . LEU A 1 97  ? -8.534  -3.165  -2.671  1.00 102.20 ? 226 LEU A CA  1 
ATOM   427  C C   . LEU A 1 97  ? -7.230  -2.612  -3.264  1.00 104.11 ? 226 LEU A C   1 
ATOM   428  O O   . LEU A 1 97  ? -7.231  -1.860  -4.250  1.00 106.11 ? 226 LEU A O   1 
ATOM   429  C CB  . LEU A 1 97  ? -8.757  -4.641  -3.061  1.00 96.75  ? 226 LEU A CB  1 
ATOM   430  C CG  . LEU A 1 97  ? -9.229  -5.065  -4.454  1.00 93.47  ? 226 LEU A CG  1 
ATOM   431  C CD1 . LEU A 1 97  ? -8.114  -5.084  -5.490  1.00 91.30  ? 226 LEU A CD1 1 
ATOM   432  C CD2 . LEU A 1 97  ? -9.854  -6.443  -4.336  1.00 97.56  ? 226 LEU A CD2 1 
ATOM   433  N N   . ARG A 1 98  ? -6.126  -3.009  -2.636  1.00 99.74  ? 227 ARG A N   1 
ATOM   434  C CA  . ARG A 1 98  ? -4.789  -2.701  -3.090  1.00 91.35  ? 227 ARG A CA  1 
ATOM   435  C C   . ARG A 1 98  ? -4.024  -4.010  -3.326  1.00 91.64  ? 227 ARG A C   1 
ATOM   436  O O   . ARG A 1 98  ? -3.843  -4.796  -2.388  1.00 94.45  ? 227 ARG A O   1 
ATOM   437  C CB  . ARG A 1 98  ? -4.096  -1.885  -2.012  1.00 89.27  ? 227 ARG A CB  1 
ATOM   438  C CG  . ARG A 1 98  ? -3.022  -0.959  -2.535  1.00 98.64  ? 227 ARG A CG  1 
ATOM   439  C CD  . ARG A 1 98  ? -2.046  -0.622  -1.429  1.00 93.49  ? 227 ARG A CD  1 
ATOM   440  N NE  . ARG A 1 98  ? -0.933  -1.556  -1.473  1.00 89.79  ? 227 ARG A NE  1 
ATOM   441  C CZ  . ARG A 1 98  ? -0.323  -2.050  -0.401  1.00 96.21  ? 227 ARG A CZ  1 
ATOM   442  N NH1 . ARG A 1 98  ? -0.703  -1.722  0.823   1.00 91.07  ? 227 ARG A NH1 1 
ATOM   443  N NH2 . ARG A 1 98  ? 0.671   -2.891  -0.556  1.00 97.64  ? 227 ARG A NH2 1 
ATOM   444  N N   . VAL A 1 99  ? -3.603  -4.251  -4.570  1.00 81.94  ? 228 VAL A N   1 
ATOM   445  C CA  . VAL A 1 99  ? -2.657  -5.339  -4.896  1.00 81.22  ? 228 VAL A CA  1 
ATOM   446  C C   . VAL A 1 99  ? -1.287  -5.059  -4.245  1.00 82.31  ? 228 VAL A C   1 
ATOM   447  O O   . VAL A 1 99  ? -0.689  -4.013  -4.481  1.00 85.40  ? 228 VAL A O   1 
ATOM   448  C CB  . VAL A 1 99  ? -2.469  -5.508  -6.440  1.00 81.96  ? 228 VAL A CB  1 
ATOM   449  C CG1 . VAL A 1 99  ? -1.323  -6.464  -6.786  1.00 70.84  ? 228 VAL A CG1 1 
ATOM   450  C CG2 . VAL A 1 99  ? -3.761  -5.953  -7.120  1.00 81.95  ? 228 VAL A CG2 1 
ATOM   451  N N   . LEU A 1 100 ? -0.798  -5.991  -3.430  1.00 81.15  ? 229 LEU A N   1 
ATOM   452  C CA  . LEU A 1 100 ? 0.535   -5.879  -2.850  1.00 80.79  ? 229 LEU A CA  1 
ATOM   453  C C   . LEU A 1 100 ? 1.634   -6.135  -3.886  1.00 94.86  ? 229 LEU A C   1 
ATOM   454  O O   . LEU A 1 100 ? 1.455   -6.929  -4.822  1.00 102.92 ? 229 LEU A O   1 
ATOM   455  C CB  . LEU A 1 100 ? 0.677   -6.816  -1.662  1.00 72.61  ? 229 LEU A CB  1 
ATOM   456  C CG  . LEU A 1 100 ? 0.153   -6.255  -0.330  1.00 77.56  ? 229 LEU A CG  1 
ATOM   457  C CD1 . LEU A 1 100 ? -1.347  -5.956  -0.330  1.00 69.34  ? 229 LEU A CD1 1 
ATOM   458  C CD2 . LEU A 1 100 ? 0.520   -7.181  0.822   1.00 77.20  ? 229 LEU A CD2 1 
ATOM   459  N N   . GLY A 1 101 ? 2.755   -5.429  -3.735  1.00 96.95  ? 230 GLY A N   1 
ATOM   460  C CA  . GLY A 1 101 ? 3.931   -5.657  -4.573  1.00 94.64  ? 230 GLY A CA  1 
ATOM   461  C C   . GLY A 1 101 ? 4.593   -6.949  -4.141  1.00 95.29  ? 230 GLY A C   1 
ATOM   462  O O   . GLY A 1 101 ? 4.547   -7.295  -2.960  1.00 94.70  ? 230 GLY A O   1 
ATOM   463  N N   . ASP A 1 102 ? 5.201   -7.659  -5.094  1.00 98.33  ? 231 ASP A N   1 
ATOM   464  C CA  . ASP A 1 102 ? 5.867   -8.952  -4.836  1.00 96.73  ? 231 ASP A CA  1 
ATOM   465  C C   . ASP A 1 102 ? 6.789   -8.922  -3.622  1.00 91.18  ? 231 ASP A C   1 
ATOM   466  O O   . ASP A 1 102 ? 6.751   -9.820  -2.787  1.00 97.11  ? 231 ASP A O   1 
ATOM   467  C CB  . ASP A 1 102 ? 6.658   -9.412  -6.064  1.00 103.63 ? 231 ASP A CB  1 
ATOM   468  C CG  . ASP A 1 102 ? 5.776   -9.686  -7.275  1.00 116.66 ? 231 ASP A CG  1 
ATOM   469  O OD1 . ASP A 1 102 ? 4.624   -9.191  -7.338  1.00 125.71 ? 231 ASP A OD1 1 
ATOM   470  O OD2 . ASP A 1 102 ? 6.255   -10.399 -8.181  1.00 122.43 ? 231 ASP A OD2 1 
ATOM   471  N N   . SER A 1 103 ? 7.583   -7.861  -3.526  1.00 90.47  ? 232 SER A N   1 
ATOM   472  C CA  . SER A 1 103 ? 8.597   -7.698  -2.491  1.00 89.97  ? 232 SER A CA  1 
ATOM   473  C C   . SER A 1 103 ? 8.064   -7.148  -1.156  1.00 87.63  ? 232 SER A C   1 
ATOM   474  O O   . SER A 1 103 ? 8.807   -7.093  -0.176  1.00 93.14  ? 232 SER A O   1 
ATOM   475  C CB  . SER A 1 103 ? 9.720   -6.812  -3.025  1.00 91.03  ? 232 SER A CB  1 
ATOM   476  O OG  . SER A 1 103 ? 9.176   -5.674  -3.674  1.00 109.33 ? 232 SER A OG  1 
ATOM   477  N N   . GLU A 1 104 ? 6.787   -6.763  -1.118  1.00 86.62  ? 233 GLU A N   1 
ATOM   478  C CA  . GLU A 1 104 ? 6.141   -6.258  0.113   1.00 85.15  ? 233 GLU A CA  1 
ATOM   479  C C   . GLU A 1 104 ? 6.024   -7.306  1.197   1.00 85.49  ? 233 GLU A C   1 
ATOM   480  O O   . GLU A 1 104 ? 5.997   -8.498  0.909   1.00 95.60  ? 233 GLU A O   1 
ATOM   481  C CB  . GLU A 1 104 ? 4.753   -5.717  -0.175  1.00 82.25  ? 233 GLU A CB  1 
ATOM   482  C CG  . GLU A 1 104 ? 4.772   -4.389  -0.887  1.00 91.37  ? 233 GLU A CG  1 
ATOM   483  C CD  . GLU A 1 104 ? 3.484   -3.640  -0.705  1.00 95.85  ? 233 GLU A CD  1 
ATOM   484  O OE1 . GLU A 1 104 ? 3.185   -3.205  0.441   1.00 90.75  ? 233 GLU A OE1 1 
ATOM   485  O OE2 . GLU A 1 104 ? 2.770   -3.493  -1.721  1.00 97.19  ? 233 GLU A OE2 1 
ATOM   486  N N   . ARG A 1 105 ? 5.936   -6.859  2.441   1.00 80.82  ? 234 ARG A N   1 
ATOM   487  C CA  . ARG A 1 105 ? 5.950   -7.779  3.562   1.00 83.09  ? 234 ARG A CA  1 
ATOM   488  C C   . ARG A 1 105 ? 4.587   -7.775  4.265   1.00 85.03  ? 234 ARG A C   1 
ATOM   489  O O   . ARG A 1 105 ? 4.312   -6.907  5.107   1.00 86.92  ? 234 ARG A O   1 
ATOM   490  C CB  . ARG A 1 105 ? 7.157   -7.508  4.484   1.00 84.12  ? 234 ARG A CB  1 
ATOM   491  C CG  . ARG A 1 105 ? 8.493   -7.682  3.758   1.00 92.20  ? 234 ARG A CG  1 
ATOM   492  C CD  . ARG A 1 105 ? 9.711   -7.393  4.617   1.00 97.45  ? 234 ARG A CD  1 
ATOM   493  N NE  . ARG A 1 105 ? 9.986   -5.961  4.758   1.00 96.49  ? 234 ARG A NE  1 
ATOM   494  C CZ  . ARG A 1 105 ? 10.596  -5.402  5.805   1.00 94.63  ? 234 ARG A CZ  1 
ATOM   495  N NH1 . ARG A 1 105 ? 10.995  -6.135  6.841   1.00 91.91  ? 234 ARG A NH1 1 
ATOM   496  N NH2 . ARG A 1 105 ? 10.802  -4.092  5.825   1.00 96.48  ? 234 ARG A NH2 1 
ATOM   497  N N   . PRO A 1 106 ? 3.717   -8.749  3.904   1.00 86.03  ? 235 PRO A N   1 
ATOM   498  C CA  . PRO A 1 106 ? 2.312   -8.750  4.338   1.00 81.95  ? 235 PRO A CA  1 
ATOM   499  C C   . PRO A 1 106 ? 2.113   -8.664  5.850   1.00 80.09  ? 235 PRO A C   1 
ATOM   500  O O   . PRO A 1 106 ? 1.178   -7.999  6.305   1.00 80.11  ? 235 PRO A O   1 
ATOM   501  C CB  . PRO A 1 106 ? 1.782   -10.068 3.777   1.00 81.10  ? 235 PRO A CB  1 
ATOM   502  C CG  . PRO A 1 106 ? 2.618   -10.283 2.552   1.00 81.64  ? 235 PRO A CG  1 
ATOM   503  C CD  . PRO A 1 106 ? 3.987   -9.882  2.993   1.00 79.28  ? 235 PRO A CD  1 
ATOM   504  N N   . LEU A 1 107 ? 2.995   -9.292  6.623   1.00 78.51  ? 236 LEU A N   1 
ATOM   505  C CA  . LEU A 1 107 ? 2.886   -9.228  8.079   1.00 81.20  ? 236 LEU A CA  1 
ATOM   506  C C   . LEU A 1 107 ? 2.931   -7.780  8.588   1.00 86.07  ? 236 LEU A C   1 
ATOM   507  O O   . LEU A 1 107 ? 2.167   -7.417  9.502   1.00 85.87  ? 236 LEU A O   1 
ATOM   508  C CB  . LEU A 1 107 ? 3.949   -10.096 8.767   1.00 76.85  ? 236 LEU A CB  1 
ATOM   509  C CG  . LEU A 1 107 ? 4.016   -10.054 10.303  1.00 78.29  ? 236 LEU A CG  1 
ATOM   510  C CD1 . LEU A 1 107 ? 2.727   -10.538 10.970  1.00 74.68  ? 236 LEU A CD1 1 
ATOM   511  C CD2 . LEU A 1 107 ? 5.228   -10.821 10.810  1.00 74.06  ? 236 LEU A CD2 1 
ATOM   512  N N   . LEU A 1 108 ? 3.812   -6.974  7.983   1.00 82.68  ? 237 LEU A N   1 
ATOM   513  C CA  . LEU A 1 108 ? 3.944   -5.551  8.315   1.00 80.35  ? 237 LEU A CA  1 
ATOM   514  C C   . LEU A 1 108 ? 2.770   -4.720  7.802   1.00 81.00  ? 237 LEU A C   1 
ATOM   515  O O   . LEU A 1 108 ? 2.303   -3.813  8.499   1.00 79.53  ? 237 LEU A O   1 
ATOM   516  C CB  . LEU A 1 108 ? 5.263   -4.973  7.799   1.00 81.40  ? 237 LEU A CB  1 
ATOM   517  C CG  . LEU A 1 108 ? 6.624   -5.544  8.232   1.00 84.54  ? 237 LEU A CG  1 
ATOM   518  C CD1 . LEU A 1 108 ? 7.701   -4.554  7.811   1.00 78.29  ? 237 LEU A CD1 1 
ATOM   519  C CD2 . LEU A 1 108 ? 6.725   -5.861  9.722   1.00 78.25  ? 237 LEU A CD2 1 
ATOM   520  N N   . VAL A 1 109 ? 2.296   -5.039  6.597   1.00 79.66  ? 238 VAL A N   1 
ATOM   521  C CA  . VAL A 1 109 ? 1.103   -4.413  6.015   1.00 76.35  ? 238 VAL A CA  1 
ATOM   522  C C   . VAL A 1 109 ? -0.086  -4.572  6.954   1.00 78.43  ? 238 VAL A C   1 
ATOM   523  O O   . VAL A 1 109 ? -0.795  -3.608  7.221   1.00 87.80  ? 238 VAL A O   1 
ATOM   524  C CB  . VAL A 1 109 ? 0.757   -4.997  4.633   1.00 75.40  ? 238 VAL A CB  1 
ATOM   525  C CG1 . VAL A 1 109 ? -0.516  -4.378  4.096   1.00 76.64  ? 238 VAL A CG1 1 
ATOM   526  C CG2 . VAL A 1 109 ? 1.901   -4.790  3.648   1.00 79.47  ? 238 VAL A CG2 1 
ATOM   527  N N   . GLN A 1 110 ? -0.273  -5.779  7.480   1.00 87.60  ? 239 GLN A N   1 
ATOM   528  C CA  . GLN A 1 110 ? -1.391  -6.063  8.374   1.00 90.92  ? 239 GLN A CA  1 
ATOM   529  C C   . GLN A 1 110 ? -1.243  -5.435  9.753   1.00 85.87  ? 239 GLN A C   1 
ATOM   530  O O   . GLN A 1 110 ? -2.226  -4.985  10.322  1.00 92.73  ? 239 GLN A O   1 
ATOM   531  C CB  . GLN A 1 110 ? -1.613  -7.563  8.517   1.00 94.17  ? 239 GLN A CB  1 
ATOM   532  C CG  . GLN A 1 110 ? -2.869  -7.908  9.296   1.00 97.07  ? 239 GLN A CG  1 
ATOM   533  C CD  . GLN A 1 110 ? -2.902  -9.349  9.693   1.00 100.03 ? 239 GLN A CD  1 
ATOM   534  O OE1 . GLN A 1 110 ? -3.404  -10.199 8.955   1.00 111.02 ? 239 GLN A OE1 1 
ATOM   535  N NE2 . GLN A 1 110 ? -2.358  -9.645  10.865  1.00 95.44  ? 239 GLN A NE2 1 
ATOM   536  N N   . GLU A 1 111 ? -0.026  -5.394  10.278  1.00 91.36  ? 240 GLU A N   1 
ATOM   537  C CA  . GLU A 1 111 ? 0.174   -4.972  11.662  1.00 97.02  ? 240 GLU A CA  1 
ATOM   538  C C   . GLU A 1 111 ? 0.446   -3.484  11.879  1.00 96.06  ? 240 GLU A C   1 
ATOM   539  O O   . GLU A 1 111 ? 0.050   -2.946  12.910  1.00 98.62  ? 240 GLU A O   1 
ATOM   540  C CB  . GLU A 1 111 ? 1.218   -5.846  12.363  1.00 107.08 ? 240 GLU A CB  1 
ATOM   541  C CG  . GLU A 1 111 ? 0.781   -7.300  12.587  1.00 121.98 ? 240 GLU A CG  1 
ATOM   542  C CD  . GLU A 1 111 ? -0.439  -7.476  13.502  1.00 126.42 ? 240 GLU A CD  1 
ATOM   543  O OE1 . GLU A 1 111 ? -0.679  -6.642  14.408  1.00 130.61 ? 240 GLU A OE1 1 
ATOM   544  O OE2 . GLU A 1 111 ? -1.165  -8.475  13.321  1.00 128.56 ? 240 GLU A OE2 1 
ATOM   545  N N   . LEU A 1 112 ? 1.092   -2.828  10.913  1.00 94.89  ? 241 LEU A N   1 
ATOM   546  C CA  . LEU A 1 112 ? 1.434   -1.396  11.016  1.00 90.52  ? 241 LEU A CA  1 
ATOM   547  C C   . LEU A 1 112 ? 0.348   -0.445  10.513  1.00 94.90  ? 241 LEU A C   1 
ATOM   548  O O   . LEU A 1 112 ? 0.404   0.758   10.782  1.00 92.23  ? 241 LEU A O   1 
ATOM   549  C CB  . LEU A 1 112 ? 2.763   -1.092  10.314  1.00 84.57  ? 241 LEU A CB  1 
ATOM   550  C CG  . LEU A 1 112 ? 4.031   -1.806  10.795  1.00 83.88  ? 241 LEU A CG  1 
ATOM   551  C CD1 . LEU A 1 112 ? 5.165   -1.513  9.830   1.00 84.68  ? 241 LEU A CD1 1 
ATOM   552  C CD2 . LEU A 1 112 ? 4.427   -1.429  12.219  1.00 82.42  ? 241 LEU A CD2 1 
ATOM   553  N N   . TRP A 1 113 ? -0.627  -0.990  9.783   1.00 98.67  ? 242 TRP A N   1 
ATOM   554  C CA  . TRP A 1 113 ? -1.799  -0.239  9.346   1.00 95.13  ? 242 TRP A CA  1 
ATOM   555  C C   . TRP A 1 113 ? -3.103  -0.868  9.834   1.00 98.72  ? 242 TRP A C   1 
ATOM   556  O O   . TRP A 1 113 ? -3.159  -2.061  10.128  1.00 99.17  ? 242 TRP A O   1 
ATOM   557  C CB  . TRP A 1 113 ? -1.825  -0.144  7.831   1.00 92.15  ? 242 TRP A CB  1 
ATOM   558  C CG  . TRP A 1 113 ? -0.909  0.878   7.247   1.00 91.10  ? 242 TRP A CG  1 
ATOM   559  C CD1 . TRP A 1 113 ? -1.152  2.218   7.111   1.00 92.27  ? 242 TRP A CD1 1 
ATOM   560  C CD2 . TRP A 1 113 ? 0.383   0.646   6.680   1.00 88.96  ? 242 TRP A CD2 1 
ATOM   561  N NE1 . TRP A 1 113 ? -0.087  2.837   6.498   1.00 85.26  ? 242 TRP A NE1 1 
ATOM   562  C CE2 . TRP A 1 113 ? 0.870   1.897   6.225   1.00 87.40  ? 242 TRP A CE2 1 
ATOM   563  C CE3 . TRP A 1 113 ? 1.181   -0.495  6.512   1.00 85.04  ? 242 TRP A CE3 1 
ATOM   564  C CZ2 . TRP A 1 113 ? 2.121   2.038   5.613   1.00 87.97  ? 242 TRP A CZ2 1 
ATOM   565  C CZ3 . TRP A 1 113 ? 2.424   -0.356  5.900   1.00 84.64  ? 242 TRP A CZ3 1 
ATOM   566  C CH2 . TRP A 1 113 ? 2.881   0.904   5.459   1.00 86.70  ? 242 TRP A CH2 1 
ATOM   567  N N   . ARG A 1 114 ? -4.141  -0.036  9.912   1.00 103.60 ? 243 ARG A N   1 
ATOM   568  C CA  . ARG A 1 114 ? -5.504  -0.432  10.260  1.00 99.26  ? 243 ARG A CA  1 
ATOM   569  C C   . ARG A 1 114 ? -6.449  0.001   9.149   1.00 104.93 ? 243 ARG A C   1 
ATOM   570  O O   . ARG A 1 114 ? -6.090  0.840   8.309   1.00 108.03 ? 243 ARG A O   1 
ATOM   571  C CB  . ARG A 1 114 ? -5.937  0.277   11.537  1.00 100.19 ? 243 ARG A CB  1 
ATOM   572  C CG  . ARG A 1 114 ? -5.462  -0.353  12.829  1.00 113.02 ? 243 ARG A CG  1 
ATOM   573  C CD  . ARG A 1 114 ? -6.150  0.321   14.007  1.00 125.33 ? 243 ARG A CD  1 
ATOM   574  N NE  . ARG A 1 114 ? -5.396  1.467   14.519  1.00 130.83 ? 243 ARG A NE  1 
ATOM   575  C CZ  . ARG A 1 114 ? -5.927  2.609   14.958  1.00 133.53 ? 243 ARG A CZ  1 
ATOM   576  N NH1 . ARG A 1 114 ? -7.240  2.813   14.929  1.00 132.66 ? 243 ARG A NH1 1 
ATOM   577  N NH2 . ARG A 1 114 ? -5.128  3.570   15.409  1.00 135.28 ? 243 ARG A NH2 1 
ATOM   578  N N   . ALA A 1 115 ? -7.658  -0.558  9.143   1.00 106.11 ? 244 ALA A N   1 
ATOM   579  C CA  . ALA A 1 115 ? -8.734  -0.016  8.311   1.00 109.35 ? 244 ALA A CA  1 
ATOM   580  C C   . ALA A 1 115 ? -9.298  1.235   8.984   1.00 119.10 ? 244 ALA A C   1 
ATOM   581  O O   . ALA A 1 115 ? -9.256  1.357   10.221  1.00 124.81 ? 244 ALA A O   1 
ATOM   582  C CB  . ALA A 1 115 ? -9.822  -1.052  8.095   1.00 97.82  ? 244 ALA A CB  1 
ATOM   583  N N   . ARG A 1 116 ? -9.796  2.168   8.170   1.00 128.26 ? 245 ARG A N   1 
ATOM   584  C CA  . ARG A 1 116 ? -10.520 3.351   8.656   1.00 135.76 ? 245 ARG A CA  1 
ATOM   585  C C   . ARG A 1 116 ? -11.617 2.894   9.629   1.00 135.64 ? 245 ARG A C   1 
ATOM   586  O O   . ARG A 1 116 ? -12.351 1.948   9.307   1.00 132.68 ? 245 ARG A O   1 
ATOM   587  C CB  . ARG A 1 116 ? -11.107 4.144   7.469   1.00 139.67 ? 245 ARG A CB  1 
ATOM   588  C CG  . ARG A 1 116 ? -12.336 4.997   7.770   1.00 146.28 ? 245 ARG A CG  1 
ATOM   589  C CD  . ARG A 1 116 ? -12.004 6.453   8.063   1.00 158.26 ? 245 ARG A CD  1 
ATOM   590  N NE  . ARG A 1 116 ? -12.242 7.307   6.897   1.00 165.06 ? 245 ARG A NE  1 
ATOM   591  C CZ  . ARG A 1 116 ? -13.424 7.815   6.544   1.00 165.01 ? 245 ARG A CZ  1 
ATOM   592  N NH1 . ARG A 1 116 ? -14.519 7.569   7.260   1.00 165.63 ? 245 ARG A NH1 1 
ATOM   593  N NH2 . ARG A 1 116 ? -13.515 8.575   5.459   1.00 165.50 ? 245 ARG A NH2 1 
ATOM   594  N N   . PRO A 1 117 ? -11.720 3.542   10.818  1.00 134.56 ? 246 PRO A N   1 
ATOM   595  C CA  . PRO A 1 117 ? -12.710 3.127   11.829  1.00 128.72 ? 246 PRO A CA  1 
ATOM   596  C C   . PRO A 1 117 ? -14.096 2.938   11.214  1.00 122.17 ? 246 PRO A C   1 
ATOM   597  O O   . PRO A 1 117 ? -14.570 3.806   10.472  1.00 110.26 ? 246 PRO A O   1 
ATOM   598  C CB  . PRO A 1 117 ? -12.700 4.279   12.845  1.00 128.45 ? 246 PRO A CB  1 
ATOM   599  C CG  . PRO A 1 117 ? -11.966 5.401   12.182  1.00 135.28 ? 246 PRO A CG  1 
ATOM   600  C CD  . PRO A 1 117 ? -10.994 4.750   11.248  1.00 136.11 ? 246 PRO A CD  1 
ATOM   601  N N   . GLY A 1 118 ? -14.696 1.779   11.480  1.00 124.42 ? 247 GLY A N   1 
ATOM   602  C CA  . GLY A 1 118 ? -15.959 1.389   10.854  1.00 123.31 ? 247 GLY A CA  1 
ATOM   603  C C   . GLY A 1 118 ? -15.830 0.370   9.736   1.00 121.41 ? 247 GLY A C   1 
ATOM   604  O O   . GLY A 1 118 ? -16.707 -0.478  9.566   1.00 131.18 ? 247 GLY A O   1 
ATOM   605  N N   . TRP A 1 119 ? -14.745 0.454   8.969   1.00 119.49 ? 248 TRP A N   1 
ATOM   606  C CA  . TRP A 1 119 ? -14.496 -0.475  7.860   1.00 117.36 ? 248 TRP A CA  1 
ATOM   607  C C   . TRP A 1 119 ? -13.935 -1.833  8.312   1.00 118.31 ? 248 TRP A C   1 
ATOM   608  O O   . TRP A 1 119 ? -13.444 -1.973  9.438   1.00 115.03 ? 248 TRP A O   1 
ATOM   609  C CB  . TRP A 1 119 ? -13.542 0.159   6.858   1.00 111.23 ? 248 TRP A CB  1 
ATOM   610  C CG  . TRP A 1 119 ? -14.122 1.261   6.050   1.00 106.04 ? 248 TRP A CG  1 
ATOM   611  C CD1 . TRP A 1 119 ? -14.501 2.494   6.493   1.00 108.00 ? 248 TRP A CD1 1 
ATOM   612  C CD2 . TRP A 1 119 ? -14.354 1.249   4.638   1.00 105.82 ? 248 TRP A CD2 1 
ATOM   613  N NE1 . TRP A 1 119 ? -14.969 3.251   5.446   1.00 105.45 ? 248 TRP A NE1 1 
ATOM   614  C CE2 . TRP A 1 119 ? -14.890 2.514   4.295   1.00 104.32 ? 248 TRP A CE2 1 
ATOM   615  C CE3 . TRP A 1 119 ? -14.166 0.291   3.625   1.00 106.12 ? 248 TRP A CE3 1 
ATOM   616  C CZ2 . TRP A 1 119 ? -15.246 2.850   2.974   1.00 106.40 ? 248 TRP A CZ2 1 
ATOM   617  C CZ3 . TRP A 1 119 ? -14.521 0.621   2.306   1.00 105.77 ? 248 TRP A CZ3 1 
ATOM   618  C CH2 . TRP A 1 119 ? -15.053 1.895   1.996   1.00 104.51 ? 248 TRP A CH2 1 
ATOM   619  N N   . ALA A 1 120 ? -14.018 -2.821  7.417   1.00 117.83 ? 249 ALA A N   1 
ATOM   620  C CA  . ALA A 1 120 ? -13.453 -4.161  7.627   1.00 120.44 ? 249 ALA A CA  1 
ATOM   621  C C   . ALA A 1 120 ? -12.323 -4.456  6.641   1.00 122.70 ? 249 ALA A C   1 
ATOM   622  O O   . ALA A 1 120 ? -12.266 -3.881  5.549   1.00 125.51 ? 249 ALA A O   1 
ATOM   623  C CB  . ALA A 1 120 ? -14.538 -5.222  7.520   1.00 129.60 ? 249 ALA A CB  1 
ATOM   624  N N   . ARG A 1 121 ? -11.443 -5.375  7.028   1.00 116.62 ? 250 ARG A N   1 
ATOM   625  C CA  . ARG A 1 121 ? -10.204 -5.616  6.302   1.00 104.11 ? 250 ARG A CA  1 
ATOM   626  C C   . ARG A 1 121 ? -9.812  -7.090  6.264   1.00 103.37 ? 250 ARG A C   1 
ATOM   627  O O   . ARG A 1 121 ? -9.883  -7.783  7.289   1.00 104.96 ? 250 ARG A O   1 
ATOM   628  C CB  . ARG A 1 121 ? -9.100  -4.826  6.982   1.00 103.47 ? 250 ARG A CB  1 
ATOM   629  C CG  . ARG A 1 121 ? -7.816  -4.751  6.200   1.00 98.80  ? 250 ARG A CG  1 
ATOM   630  C CD  . ARG A 1 121 ? -6.747  -4.173  7.086   1.00 98.28  ? 250 ARG A CD  1 
ATOM   631  N NE  . ARG A 1 121 ? -5.525  -3.927  6.340   1.00 95.51  ? 250 ARG A NE  1 
ATOM   632  C CZ  . ARG A 1 121 ? -4.350  -3.691  6.907   1.00 94.14  ? 250 ARG A CZ  1 
ATOM   633  N NH1 . ARG A 1 121 ? -4.236  -3.666  8.238   1.00 87.45  ? 250 ARG A NH1 1 
ATOM   634  N NH2 . ARG A 1 121 ? -3.293  -3.492  6.136   1.00 88.98  ? 250 ARG A NH2 1 
ATOM   635  N N   . ARG A 1 122 ? -9.388  -7.559  5.088   1.00 92.27  ? 251 ARG A N   1 
ATOM   636  C CA  . ARG A 1 122 ? -8.803  -8.895  4.951   1.00 95.03  ? 251 ARG A CA  1 
ATOM   637  C C   . ARG A 1 122 ? -7.916  -9.041  3.717   1.00 94.27  ? 251 ARG A C   1 
ATOM   638  O O   . ARG A 1 122 ? -8.018  -8.257  2.761   1.00 91.71  ? 251 ARG A O   1 
ATOM   639  C CB  . ARG A 1 122 ? -9.895  -9.970  4.942   1.00 107.31 ? 251 ARG A CB  1 
ATOM   640  C CG  . ARG A 1 122 ? -10.631 -10.132 3.621   1.00 106.69 ? 251 ARG A CG  1 
ATOM   641  C CD  . ARG A 1 122 ? -12.093 -10.364 3.894   1.00 117.26 ? 251 ARG A CD  1 
ATOM   642  N NE  . ARG A 1 122 ? -12.781 -10.909 2.734   1.00 127.87 ? 251 ARG A NE  1 
ATOM   643  C CZ  . ARG A 1 122 ? -13.610 -11.944 2.784   1.00 127.39 ? 251 ARG A CZ  1 
ATOM   644  N NH1 . ARG A 1 122 ? -13.877 -12.534 3.949   1.00 118.43 ? 251 ARG A NH1 1 
ATOM   645  N NH2 . ARG A 1 122 ? -14.186 -12.378 1.669   1.00 127.97 ? 251 ARG A NH2 1 
ATOM   646  N N   . PHE A 1 123 ? -7.062  -10.059 3.745   1.00 90.33  ? 252 PHE A N   1 
ATOM   647  C CA  . PHE A 1 123 ? -6.262  -10.402 2.579   1.00 96.18  ? 252 PHE A CA  1 
ATOM   648  C C   . PHE A 1 123 ? -7.048  -11.295 1.623   1.00 88.84  ? 252 PHE A C   1 
ATOM   649  O O   . PHE A 1 123 ? -7.604  -12.307 2.035   1.00 95.22  ? 252 PHE A O   1 
ATOM   650  C CB  . PHE A 1 123 ? -4.942  -11.073 2.984   1.00 102.64 ? 252 PHE A CB  1 
ATOM   651  C CG  . PHE A 1 123 ? -3.957  -10.150 3.655   1.00 103.36 ? 252 PHE A CG  1 
ATOM   652  C CD1 . PHE A 1 123 ? -3.400  -9.068  2.965   1.00 104.98 ? 252 PHE A CD1 1 
ATOM   653  C CD2 . PHE A 1 123 ? -3.561  -10.378 4.975   1.00 104.58 ? 252 PHE A CD2 1 
ATOM   654  C CE1 . PHE A 1 123 ? -2.487  -8.225  3.590   1.00 103.79 ? 252 PHE A CE1 1 
ATOM   655  C CE2 . PHE A 1 123 ? -2.646  -9.542  5.602   1.00 98.29  ? 252 PHE A CE2 1 
ATOM   656  C CZ  . PHE A 1 123 ? -2.109  -8.466  4.908   1.00 101.86 ? 252 PHE A CZ  1 
ATOM   657  N N   . GLU A 1 124 ? -7.101  -10.913 0.354   1.00 83.25  ? 253 GLU A N   1 
ATOM   658  C CA  . GLU A 1 124 ? -7.770  -11.723 -0.663  1.00 87.18  ? 253 GLU A CA  1 
ATOM   659  C C   . GLU A 1 124 ? -6.742  -12.260 -1.649  1.00 88.56  ? 253 GLU A C   1 
ATOM   660  O O   . GLU A 1 124 ? -5.690  -11.643 -1.852  1.00 90.37  ? 253 GLU A O   1 
ATOM   661  C CB  . GLU A 1 124 ? -8.870  -10.923 -1.389  1.00 98.17  ? 253 GLU A CB  1 
ATOM   662  C CG  . GLU A 1 124 ? -9.980  -10.398 -0.471  1.00 107.56 ? 253 GLU A CG  1 
ATOM   663  C CD  . GLU A 1 124 ? -11.287 -10.039 -1.183  1.00 113.19 ? 253 GLU A CD  1 
ATOM   664  O OE1 . GLU A 1 124 ? -11.266 -9.358  -2.235  1.00 105.17 ? 253 GLU A OE1 1 
ATOM   665  O OE2 . GLU A 1 124 ? -12.358 -10.420 -0.660  1.00 119.01 ? 253 GLU A OE2 1 
ATOM   666  N N   . LEU A 1 125 ? -7.035  -13.414 -2.245  1.00 90.04  ? 254 LEU A N   1 
ATOM   667  C CA  . LEU A 1 125 ? -6.187  -13.997 -3.290  1.00 92.58  ? 254 LEU A CA  1 
ATOM   668  C C   . LEU A 1 125 ? -6.961  -13.917 -4.590  1.00 93.47  ? 254 LEU A C   1 
ATOM   669  O O   . LEU A 1 125 ? -8.057  -14.469 -4.691  1.00 111.91 ? 254 LEU A O   1 
ATOM   670  C CB  . LEU A 1 125 ? -5.838  -15.455 -2.973  1.00 90.06  ? 254 LEU A CB  1 
ATOM   671  C CG  . LEU A 1 125 ? -4.424  -16.043 -3.148  1.00 99.26  ? 254 LEU A CG  1 
ATOM   672  C CD1 . LEU A 1 125 ? -4.517  -17.553 -2.972  1.00 104.47 ? 254 LEU A CD1 1 
ATOM   673  C CD2 . LEU A 1 125 ? -3.704  -15.719 -4.457  1.00 92.63  ? 254 LEU A CD2 1 
ATOM   674  N N   . ARG A 1 126 ? -6.416  -13.207 -5.573  1.00 91.16  ? 255 ARG A N   1 
ATOM   675  C CA  . ARG A 1 126 ? -7.112  -12.982 -6.843  1.00 97.52  ? 255 ARG A CA  1 
ATOM   676  C C   . ARG A 1 126 ? -6.189  -13.156 -8.027  1.00 103.67 ? 255 ARG A C   1 
ATOM   677  O O   . ARG A 1 126 ? -4.967  -13.260 -7.868  1.00 102.41 ? 255 ARG A O   1 
ATOM   678  C CB  . ARG A 1 126 ? -7.754  -11.595 -6.881  1.00 100.09 ? 255 ARG A CB  1 
ATOM   679  C CG  . ARG A 1 126 ? -9.032  -11.501 -6.075  1.00 114.81 ? 255 ARG A CG  1 
ATOM   680  C CD  . ARG A 1 126 ? -9.182  -10.123 -5.459  1.00 119.04 ? 255 ARG A CD  1 
ATOM   681  N NE  . ARG A 1 126 ? -10.455 -9.965  -4.751  1.00 125.73 ? 255 ARG A NE  1 
ATOM   682  C CZ  . ARG A 1 126 ? -11.620 -9.655  -5.323  1.00 127.23 ? 255 ARG A CZ  1 
ATOM   683  N NH1 . ARG A 1 126 ? -11.715 -9.474  -6.641  1.00 125.19 ? 255 ARG A NH1 1 
ATOM   684  N NH2 . ARG A 1 126 ? -12.704 -9.528  -4.566  1.00 128.12 ? 255 ARG A NH2 1 
ATOM   685  N N   . GLY A 1 127 ? -6.793  -13.215 -9.213  1.00 108.71 ? 256 GLY A N   1 
ATOM   686  C CA  . GLY A 1 127 ? -6.053  -13.239 -10.465 1.00 108.24 ? 256 GLY A CA  1 
ATOM   687  C C   . GLY A 1 127 ? -5.512  -11.845 -10.669 1.00 113.35 ? 256 GLY A C   1 
ATOM   688  O O   . GLY A 1 127 ? -6.218  -10.864 -10.408 1.00 115.94 ? 256 GLY A O   1 
ATOM   689  N N   . ARG A 1 128 ? -4.259  -11.762 -11.108 1.00 110.28 ? 257 ARG A N   1 
ATOM   690  C CA  . ARG A 1 128 ? -3.576  -10.490 -11.282 1.00 109.04 ? 257 ARG A CA  1 
ATOM   691  C C   . ARG A 1 128 ? -4.364  -9.555  -12.218 1.00 112.98 ? 257 ARG A C   1 
ATOM   692  O O   . ARG A 1 128 ? -4.853  -8.514  -11.762 1.00 104.97 ? 257 ARG A O   1 
ATOM   693  C CB  . ARG A 1 128 ? -2.128  -10.707 -11.738 1.00 105.68 ? 257 ARG A CB  1 
ATOM   694  C CG  . ARG A 1 128 ? -1.208  -9.555  -11.391 1.00 105.43 ? 257 ARG A CG  1 
ATOM   695  C CD  . ARG A 1 128 ? 0.238   -9.996  -11.320 1.00 109.16 ? 257 ARG A CD  1 
ATOM   696  N NE  . ARG A 1 128 ? 1.008   -9.135  -10.425 1.00 121.17 ? 257 ARG A NE  1 
ATOM   697  C CZ  . ARG A 1 128 ? 1.176   -9.348  -9.120  1.00 127.08 ? 257 ARG A CZ  1 
ATOM   698  N NH1 . ARG A 1 128 ? 1.888   -8.495  -8.390  1.00 128.94 ? 257 ARG A NH1 1 
ATOM   699  N NH2 . ARG A 1 128 ? 0.639   -10.410 -8.537  1.00 127.11 ? 257 ARG A NH2 1 
ATOM   700  N N   . GLU A 1 129 ? -4.542  -9.965  -13.483 1.00 120.39 ? 258 GLU A N   1 
ATOM   701  C CA  . GLU A 1 129 ? -5.229  -9.157  -14.522 1.00 124.32 ? 258 GLU A CA  1 
ATOM   702  C C   . GLU A 1 129 ? -6.599  -8.607  -14.097 1.00 119.65 ? 258 GLU A C   1 
ATOM   703  O O   . GLU A 1 129 ? -6.955  -7.474  -14.441 1.00 126.29 ? 258 GLU A O   1 
ATOM   704  C CB  . GLU A 1 129 ? -5.344  -9.931  -15.848 1.00 116.32 ? 258 GLU A CB  1 
ATOM   705  N N   . GLU A 1 130 ? -7.340  -9.406  -13.334 1.00 112.59 ? 259 GLU A N   1 
ATOM   706  C CA  . GLU A 1 130 ? -8.635  -9.010  -12.794 1.00 116.56 ? 259 GLU A CA  1 
ATOM   707  C C   . GLU A 1 130 ? -8.496  -8.047  -11.602 1.00 117.14 ? 259 GLU A C   1 
ATOM   708  O O   . GLU A 1 130 ? -9.231  -7.060  -11.521 1.00 114.07 ? 259 GLU A O   1 
ATOM   709  C CB  . GLU A 1 130 ? -9.451  -10.253 -12.414 1.00 118.81 ? 259 GLU A CB  1 
ATOM   710  C CG  . GLU A 1 130 ? -10.964 -10.090 -12.552 1.00 129.85 ? 259 GLU A CG  1 
ATOM   711  C CD  . GLU A 1 130 ? -11.697 -9.830  -11.236 1.00 140.26 ? 259 GLU A CD  1 
ATOM   712  O OE1 . GLU A 1 130 ? -12.938 -9.988  -11.220 1.00 132.79 ? 259 GLU A OE1 1 
ATOM   713  O OE2 . GLU A 1 130 ? -11.057 -9.476  -10.215 1.00 153.44 ? 259 GLU A OE2 1 
ATOM   714  N N   . ALA A 1 131 ? -7.558  -8.335  -10.695 1.00 119.20 ? 260 ALA A N   1 
ATOM   715  C CA  . ALA A 1 131 ? -7.361  -7.538  -9.476  1.00 116.36 ? 260 ALA A CA  1 
ATOM   716  C C   . ALA A 1 131 ? -6.754  -6.160  -9.749  1.00 122.30 ? 260 ALA A C   1 
ATOM   717  O O   . ALA A 1 131 ? -7.148  -5.179  -9.107  1.00 116.70 ? 260 ALA A O   1 
ATOM   718  C CB  . ALA A 1 131 ? -6.523  -8.299  -8.462  1.00 111.63 ? 260 ALA A CB  1 
ATOM   719  N N   . ARG A 1 132 ? -5.803  -6.100  -10.691 1.00 125.79 ? 261 ARG A N   1 
ATOM   720  C CA  . ARG A 1 132 ? -5.219  -4.833  -11.168 1.00 121.67 ? 261 ARG A CA  1 
ATOM   721  C C   . ARG A 1 132 ? -6.305  -3.944  -11.772 1.00 126.73 ? 261 ARG A C   1 
ATOM   722  O O   . ARG A 1 132 ? -6.328  -2.738  -11.517 1.00 139.46 ? 261 ARG A O   1 
ATOM   723  C CB  . ARG A 1 132 ? -4.064  -5.063  -12.161 1.00 114.79 ? 261 ARG A CB  1 
ATOM   724  C CG  . ARG A 1 132 ? -2.665  -5.106  -11.533 1.00 119.61 ? 261 ARG A CG  1 
ATOM   725  C CD  . ARG A 1 132 ? -1.572  -5.331  -12.582 1.00 127.84 ? 261 ARG A CD  1 
ATOM   726  N NE  . ARG A 1 132 ? -0.256  -5.692  -12.023 1.00 127.93 ? 261 ARG A NE  1 
ATOM   727  C CZ  . ARG A 1 132 ? 0.771   -6.191  -12.726 1.00 122.81 ? 261 ARG A CZ  1 
ATOM   728  N NH1 . ARG A 1 132 ? 1.913   -6.486  -12.122 1.00 110.37 ? 261 ARG A NH1 1 
ATOM   729  N NH2 . ARG A 1 132 ? 0.671   -6.406  -14.032 1.00 122.50 ? 261 ARG A NH2 1 
ATOM   730  N N   . ARG A 1 133 ? -7.214  -4.553  -12.535 1.00 131.20 ? 262 ARG A N   1 
ATOM   731  C CA  . ARG A 1 133 ? -8.396  -3.863  -13.068 1.00 135.43 ? 262 ARG A CA  1 
ATOM   732  C C   . ARG A 1 133 ? -9.382  -3.457  -11.964 1.00 125.44 ? 262 ARG A C   1 
ATOM   733  O O   . ARG A 1 133 ? -10.006 -2.401  -12.047 1.00 131.27 ? 262 ARG A O   1 
ATOM   734  C CB  . ARG A 1 133 ? -9.117  -4.731  -14.106 1.00 143.61 ? 262 ARG A CB  1 
ATOM   735  C CG  . ARG A 1 133 ? -9.826  -3.948  -15.211 1.00 147.75 ? 262 ARG A CG  1 
ATOM   736  C CD  . ARG A 1 133 ? -11.316 -4.271  -15.347 1.00 148.69 ? 262 ARG A CD  1 
ATOM   737  N NE  . ARG A 1 133 ? -11.632 -5.700  -15.257 1.00 149.55 ? 262 ARG A NE  1 
ATOM   738  C CZ  . ARG A 1 133 ? -12.342 -6.270  -14.281 1.00 146.65 ? 262 ARG A CZ  1 
ATOM   739  N NH1 . ARG A 1 133 ? -12.850 -5.549  -13.286 1.00 131.41 ? 262 ARG A NH1 1 
ATOM   740  N NH2 . ARG A 1 133 ? -12.554 -7.580  -14.305 1.00 147.68 ? 262 ARG A NH2 1 
ATOM   741  N N   . LEU A 1 134 ? -9.504  -4.294  -10.935 1.00 123.79 ? 263 LEU A N   1 
ATOM   742  C CA  . LEU A 1 134 ? -10.481 -4.100  -9.856  1.00 124.63 ? 263 LEU A CA  1 
ATOM   743  C C   . LEU A 1 134 ? -10.165 -2.910  -8.944  1.00 124.67 ? 263 LEU A C   1 
ATOM   744  O O   . LEU A 1 134 ? -11.068 -2.362  -8.308  1.00 119.85 ? 263 LEU A O   1 
ATOM   745  C CB  . LEU A 1 134 ? -10.614 -5.392  -9.027  1.00 130.73 ? 263 LEU A CB  1 
ATOM   746  C CG  . LEU A 1 134 ? -11.982 -5.976  -8.610  1.00 130.87 ? 263 LEU A CG  1 
ATOM   747  C CD1 . LEU A 1 134 ? -12.693 -5.181  -7.514  1.00 125.11 ? 263 LEU A CD1 1 
ATOM   748  C CD2 . LEU A 1 134 ? -12.896 -6.195  -9.814  1.00 130.81 ? 263 LEU A CD2 1 
ATOM   749  N N   . GLU A 1 135 ? -8.886  -2.526  -8.893  1.00 136.08 ? 264 GLU A N   1 
ATOM   750  C CA  . GLU A 1 135 ? -8.392  -1.401  -8.080  1.00 136.26 ? 264 GLU A CA  1 
ATOM   751  C C   . GLU A 1 135 ? -9.112  -0.077  -8.359  1.00 139.30 ? 264 GLU A C   1 
ATOM   752  O O   . GLU A 1 135 ? -9.486  0.630   -7.417  1.00 136.24 ? 264 GLU A O   1 
ATOM   753  C CB  . GLU A 1 135 ? -6.881  -1.214  -8.267  1.00 129.91 ? 264 GLU A CB  1 
ATOM   754  C CG  . GLU A 1 135 ? -6.028  -2.335  -7.694  1.00 132.02 ? 264 GLU A CG  1 
ATOM   755  C CD  . GLU A 1 135 ? -4.561  -1.957  -7.568  1.00 136.69 ? 264 GLU A CD  1 
ATOM   756  O OE1 . GLU A 1 135 ? -3.780  -2.297  -8.489  1.00 126.46 ? 264 GLU A OE1 1 
ATOM   757  O OE2 . GLU A 1 135 ? -4.193  -1.320  -6.551  1.00 138.42 ? 264 GLU A OE2 1 
ATOM   758  N N   . GLN A 1 136 ? -9.321  0.218   -9.649  1.00 138.82 ? 265 GLN A N   1 
ATOM   759  C CA  . GLN A 1 136 ? -9.912  1.480   -10.129 1.00 138.70 ? 265 GLN A CA  1 
ATOM   760  C C   . GLN A 1 136 ? -11.403 1.687   -9.843  1.00 139.68 ? 265 GLN A C   1 
ATOM   761  O O   . GLN A 1 136 ? -11.819 2.809   -9.530  1.00 129.99 ? 265 GLN A O   1 
ATOM   762  C CB  . GLN A 1 136 ? -9.630  1.668   -11.624 1.00 139.46 ? 265 GLN A CB  1 
ATOM   763  C CG  . GLN A 1 136 ? -8.323  2.391   -11.937 1.00 149.07 ? 265 GLN A CG  1 
ATOM   764  C CD  . GLN A 1 136 ? -7.093  1.503   -11.827 1.00 150.48 ? 265 GLN A CD  1 
ATOM   765  O OE1 . GLN A 1 136 ? -6.596  0.989   -12.831 1.00 150.28 ? 265 GLN A OE1 1 
ATOM   766  N NE2 . GLN A 1 136 ? -6.594  1.321   -10.608 1.00 146.61 ? 265 GLN A NE2 1 
ATOM   767  N N   . GLU A 1 137 ? -12.201 0.622   -9.953  1.00 143.98 ? 266 GLU A N   1 
ATOM   768  C CA  . GLU A 1 137 ? -13.636 0.681   -9.634  1.00 148.68 ? 266 GLU A CA  1 
ATOM   769  C C   . GLU A 1 137 ? -13.881 0.815   -8.113  1.00 156.83 ? 266 GLU A C   1 
ATOM   770  O O   . GLU A 1 137 ? -14.070 -0.184  -7.403  1.00 152.84 ? 266 GLU A O   1 
ATOM   771  C CB  . GLU A 1 137 ? -14.382 -0.520  -10.237 1.00 134.15 ? 266 GLU A CB  1 
ATOM   772  N N   . ALA A 1 138 ? -13.856 2.063   -7.633  1.00 161.39 ? 267 ALA A N   1 
ATOM   773  C CA  . ALA A 1 138 ? -14.012 2.387   -6.207  1.00 159.01 ? 267 ALA A CA  1 
ATOM   774  C C   . ALA A 1 138 ? -14.631 3.774   -6.014  1.00 149.47 ? 267 ALA A C   1 
ATOM   775  O O   . ALA A 1 138 ? -14.780 4.254   -4.888  1.00 141.42 ? 267 ALA A O   1 
ATOM   776  C CB  . ALA A 1 138 ? -12.671 2.290   -5.483  1.00 158.26 ? 267 ALA A CB  1 
ATOM   777  N N   . ALA B 1 14  ? -14.787 10.237  -0.841  1.00 146.11 ? 143 ALA B N   1 
ATOM   778  C CA  . ALA B 1 14  ? -15.505 11.160  -1.767  1.00 142.06 ? 143 ALA B CA  1 
ATOM   779  C C   . ALA B 1 14  ? -14.943 12.604  -1.770  1.00 140.02 ? 143 ALA B C   1 
ATOM   780  O O   . ALA B 1 14  ? -14.463 13.046  -2.823  1.00 144.98 ? 143 ALA B O   1 
ATOM   781  C CB  . ALA B 1 14  ? -17.019 11.131  -1.515  1.00 133.92 ? 143 ALA B CB  1 
ATOM   782  N N   . PRO B 1 15  ? -14.955 13.323  -0.609  1.00 131.70 ? 144 PRO B N   1 
ATOM   783  C CA  . PRO B 1 15  ? -14.666 14.765  -0.705  1.00 127.74 ? 144 PRO B CA  1 
ATOM   784  C C   . PRO B 1 15  ? -13.186 15.079  -0.974  1.00 126.54 ? 144 PRO B C   1 
ATOM   785  O O   . PRO B 1 15  ? -12.324 14.438  -0.368  1.00 133.60 ? 144 PRO B O   1 
ATOM   786  C CB  . PRO B 1 15  ? -15.091 15.295  0.669   1.00 128.06 ? 144 PRO B CB  1 
ATOM   787  C CG  . PRO B 1 15  ? -14.905 14.146  1.603   1.00 123.63 ? 144 PRO B CG  1 
ATOM   788  C CD  . PRO B 1 15  ? -15.041 12.880  0.804   1.00 126.03 ? 144 PRO B CD  1 
ATOM   789  N N   . PRO B 1 16  ? -12.888 16.047  -1.880  1.00 126.46 ? 145 PRO B N   1 
ATOM   790  C CA  . PRO B 1 16  ? -11.487 16.443  -2.122  1.00 127.00 ? 145 PRO B CA  1 
ATOM   791  C C   . PRO B 1 16  ? -10.785 16.880  -0.834  1.00 126.71 ? 145 PRO B C   1 
ATOM   792  O O   . PRO B 1 16  ? -11.414 17.486  0.041   1.00 135.33 ? 145 PRO B O   1 
ATOM   793  C CB  . PRO B 1 16  ? -11.609 17.625  -3.093  1.00 122.26 ? 145 PRO B CB  1 
ATOM   794  C CG  . PRO B 1 16  ? -12.913 17.425  -3.776  1.00 125.86 ? 145 PRO B CG  1 
ATOM   795  C CD  . PRO B 1 16  ? -13.817 16.802  -2.746  1.00 130.53 ? 145 PRO B CD  1 
ATOM   796  N N   . GLY B 1 17  ? -9.505  16.544  -0.714  1.00 119.57 ? 146 GLY B N   1 
ATOM   797  C CA  . GLY B 1 17  ? -8.732  16.856  0.481   1.00 114.23 ? 146 GLY B CA  1 
ATOM   798  C C   . GLY B 1 17  ? -7.381  17.466  0.171   1.00 117.26 ? 146 GLY B C   1 
ATOM   799  O O   . GLY B 1 17  ? -6.877  17.356  -0.957  1.00 112.75 ? 146 GLY B O   1 
ATOM   800  N N   . VAL B 1 18  ? -6.803  18.118  1.177   1.00 118.11 ? 147 VAL B N   1 
ATOM   801  C CA  . VAL B 1 18  ? -5.431  18.621  1.082   1.00 118.35 ? 147 VAL B CA  1 
ATOM   802  C C   . VAL B 1 18  ? -4.480  17.609  1.708   1.00 113.35 ? 147 VAL B C   1 
ATOM   803  O O   . VAL B 1 18  ? -4.719  17.128  2.823   1.00 106.91 ? 147 VAL B O   1 
ATOM   804  C CB  . VAL B 1 18  ? -5.216  19.987  1.773   1.00 120.84 ? 147 VAL B CB  1 
ATOM   805  C CG1 . VAL B 1 18  ? -4.113  20.754  1.062   1.00 114.67 ? 147 VAL B CG1 1 
ATOM   806  C CG2 . VAL B 1 18  ? -6.493  20.809  1.795   1.00 125.83 ? 147 VAL B CG2 1 
ATOM   807  N N   . LEU B 1 19  ? -3.406  17.293  0.990   1.00 106.13 ? 148 LEU B N   1 
ATOM   808  C CA  . LEU B 1 19  ? -2.404  16.359  1.486   1.00 101.40 ? 148 LEU B CA  1 
ATOM   809  C C   . LEU B 1 19  ? -1.093  17.067  1.769   1.00 100.08 ? 148 LEU B C   1 
ATOM   810  O O   . LEU B 1 19  ? -0.579  17.795  0.914   1.00 101.18 ? 148 LEU B O   1 
ATOM   811  C CB  . LEU B 1 19  ? -2.192  15.213  0.492   1.00 101.70 ? 148 LEU B CB  1 
ATOM   812  C CG  . LEU B 1 19  ? -3.364  14.300  0.106   1.00 97.68  ? 148 LEU B CG  1 
ATOM   813  C CD1 . LEU B 1 19  ? -2.905  13.360  -0.993  1.00 93.84  ? 148 LEU B CD1 1 
ATOM   814  C CD2 . LEU B 1 19  ? -3.913  13.507  1.285   1.00 88.04  ? 148 LEU B CD2 1 
ATOM   815  N N   . LYS B 1 20  ? -0.569  16.861  2.976   1.00 96.64  ? 149 LYS B N   1 
ATOM   816  C CA  . LYS B 1 20  ? 0.751   17.379  3.350   1.00 93.15  ? 149 LYS B CA  1 
ATOM   817  C C   . LYS B 1 20  ? 1.842   16.415  2.865   1.00 93.07  ? 149 LYS B C   1 
ATOM   818  O O   . LYS B 1 20  ? 2.051   15.341  3.443   1.00 101.28 ? 149 LYS B O   1 
ATOM   819  C CB  . LYS B 1 20  ? 0.854   17.629  4.863   1.00 90.22  ? 149 LYS B CB  1 
ATOM   820  C CG  . LYS B 1 20  ? -0.235  18.534  5.420   1.00 105.77 ? 149 LYS B CG  1 
ATOM   821  C CD  . LYS B 1 20  ? -0.117  18.734  6.921   1.00 114.21 ? 149 LYS B CD  1 
ATOM   822  C CE  . LYS B 1 20  ? -1.373  19.389  7.474   1.00 118.38 ? 149 LYS B CE  1 
ATOM   823  N NZ  . LYS B 1 20  ? -1.067  20.138  8.723   1.00 130.83 ? 149 LYS B NZ  1 
ATOM   824  N N   . ILE B 1 21  ? 2.507   16.803  1.783   1.00 84.02  ? 150 ILE B N   1 
ATOM   825  C CA  . ILE B 1 21  ? 3.616   16.047  1.219   1.00 84.04  ? 150 ILE B CA  1 
ATOM   826  C C   . ILE B 1 21  ? 4.967   16.625  1.703   1.00 90.29  ? 150 ILE B C   1 
ATOM   827  O O   . ILE B 1 21  ? 5.401   17.697  1.257   1.00 95.15  ? 150 ILE B O   1 
ATOM   828  C CB  . ILE B 1 21  ? 3.503   16.013  -0.322  1.00 80.73  ? 150 ILE B CB  1 
ATOM   829  C CG1 . ILE B 1 21  ? 2.195   15.311  -0.717  1.00 84.57  ? 150 ILE B CG1 1 
ATOM   830  C CG2 . ILE B 1 21  ? 4.730   15.361  -0.961  1.00 77.81  ? 150 ILE B CG2 1 
ATOM   831  C CD1 . ILE B 1 21  ? 1.865   15.345  -2.199  1.00 96.64  ? 150 ILE B CD1 1 
ATOM   832  N N   . PHE B 1 22  ? 5.618   15.904  2.617   1.00 89.87  ? 151 PHE B N   1 
ATOM   833  C CA  . PHE B 1 22  ? 6.908   16.308  3.204   1.00 92.59  ? 151 PHE B CA  1 
ATOM   834  C C   . PHE B 1 22  ? 8.110   15.955  2.312   1.00 97.59  ? 151 PHE B C   1 
ATOM   835  O O   . PHE B 1 22  ? 8.133   14.888  1.704   1.00 108.51 ? 151 PHE B O   1 
ATOM   836  C CB  . PHE B 1 22  ? 7.079   15.650  4.567   1.00 89.79  ? 151 PHE B CB  1 
ATOM   837  C CG  . PHE B 1 22  ? 6.050   16.065  5.598   1.00 95.77  ? 151 PHE B CG  1 
ATOM   838  C CD1 . PHE B 1 22  ? 4.721   15.621  5.521   1.00 98.34  ? 151 PHE B CD1 1 
ATOM   839  C CD2 . PHE B 1 22  ? 6.422   16.864  6.685   1.00 96.80  ? 151 PHE B CD2 1 
ATOM   840  C CE1 . PHE B 1 22  ? 3.784   15.985  6.493   1.00 105.16 ? 151 PHE B CE1 1 
ATOM   841  C CE2 . PHE B 1 22  ? 5.493   17.225  7.660   1.00 99.75  ? 151 PHE B CE2 1 
ATOM   842  C CZ  . PHE B 1 22  ? 4.173   16.787  7.564   1.00 103.52 ? 151 PHE B CZ  1 
ATOM   843  N N   . GLY B 1 23  ? 9.099   16.849  2.229   1.00 103.74 ? 152 GLY B N   1 
ATOM   844  C CA  . GLY B 1 23  ? 10.310  16.626  1.411   1.00 109.50 ? 152 GLY B CA  1 
ATOM   845  C C   . GLY B 1 23  ? 11.487  16.081  2.212   1.00 119.00 ? 152 GLY B C   1 
ATOM   846  O O   . GLY B 1 23  ? 11.808  16.606  3.277   1.00 122.79 ? 152 GLY B O   1 
ATOM   847  N N   . ALA B 1 24  ? 12.125  15.027  1.696   1.00 123.75 ? 153 ALA B N   1 
ATOM   848  C CA  . ALA B 1 24  ? 13.280  14.376  2.340   1.00 126.14 ? 153 ALA B CA  1 
ATOM   849  C C   . ALA B 1 24  ? 14.504  14.316  1.390   1.00 134.41 ? 153 ALA B C   1 
ATOM   850  O O   . ALA B 1 24  ? 14.513  13.547  0.421   1.00 141.05 ? 153 ALA B O   1 
ATOM   851  C CB  . ALA B 1 24  ? 12.893  12.992  2.851   1.00 110.57 ? 153 ALA B CB  1 
ATOM   852  N N   . GLY B 1 25  ? 15.526  15.129  1.686   1.00 133.80 ? 154 GLY B N   1 
ATOM   853  C CA  . GLY B 1 25  ? 16.609  15.449  0.734   1.00 125.56 ? 154 GLY B CA  1 
ATOM   854  C C   . GLY B 1 25  ? 16.143  16.482  -0.288  1.00 136.51 ? 154 GLY B C   1 
ATOM   855  O O   . GLY B 1 25  ? 16.783  16.681  -1.331  1.00 125.98 ? 154 GLY B O   1 
ATOM   856  N N   . LEU B 1 26  ? 15.035  17.145  0.070   1.00 150.28 ? 155 LEU B N   1 
ATOM   857  C CA  . LEU B 1 26  ? 14.169  18.020  -0.761  1.00 139.95 ? 155 LEU B CA  1 
ATOM   858  C C   . LEU B 1 26  ? 14.772  18.747  -1.967  1.00 134.37 ? 155 LEU B C   1 
ATOM   859  O O   . LEU B 1 26  ? 15.609  19.638  -1.826  1.00 142.86 ? 155 LEU B O   1 
ATOM   860  C CB  . LEU B 1 26  ? 13.394  19.005  0.150   1.00 133.51 ? 155 LEU B CB  1 
ATOM   861  C CG  . LEU B 1 26  ? 14.094  19.621  1.380   1.00 129.83 ? 155 LEU B CG  1 
ATOM   862  C CD1 . LEU B 1 26  ? 14.672  21.012  1.102   1.00 119.04 ? 155 LEU B CD1 1 
ATOM   863  C CD2 . LEU B 1 26  ? 13.151  19.642  2.578   1.00 115.59 ? 155 LEU B CD2 1 
ATOM   864  N N   . ASN B 1 31  ? 8.793   20.722  7.391   1.00 100.41 ? 160 ASN B N   1 
ATOM   865  C CA  . ASN B 1 31  ? 8.723   21.313  6.062   1.00 114.58 ? 160 ASN B CA  1 
ATOM   866  C C   . ASN B 1 31  ? 7.863   20.435  5.145   1.00 125.55 ? 160 ASN B C   1 
ATOM   867  O O   . ASN B 1 31  ? 8.190   19.265  4.910   1.00 131.44 ? 160 ASN B O   1 
ATOM   868  C CB  . ASN B 1 31  ? 10.135  21.493  5.489   1.00 117.24 ? 160 ASN B CB  1 
ATOM   869  C CG  . ASN B 1 31  ? 10.134  22.162  4.127   1.00 124.49 ? 160 ASN B CG  1 
ATOM   870  O OD1 . ASN B 1 31  ? 10.086  23.388  4.024   1.00 122.45 ? 160 ASN B OD1 1 
ATOM   871  N ND2 . ASN B 1 31  ? 10.201  21.354  3.072   1.00 126.76 ? 160 ASN B ND2 1 
ATOM   872  N N   . TYR B 1 32  ? 6.766   21.006  4.637   1.00 126.51 ? 161 TYR B N   1 
ATOM   873  C CA  . TYR B 1 32  ? 5.830   20.288  3.760   1.00 114.41 ? 161 TYR B CA  1 
ATOM   874  C C   . TYR B 1 32  ? 5.155   21.170  2.729   1.00 107.04 ? 161 TYR B C   1 
ATOM   875  O O   . TYR B 1 32  ? 4.951   22.351  2.965   1.00 120.61 ? 161 TYR B O   1 
ATOM   876  C CB  . TYR B 1 32  ? 4.765   19.558  4.586   1.00 118.57 ? 161 TYR B CB  1 
ATOM   877  C CG  . TYR B 1 32  ? 3.787   20.422  5.368   1.00 124.57 ? 161 TYR B CG  1 
ATOM   878  C CD1 . TYR B 1 32  ? 2.608   20.903  4.774   1.00 130.07 ? 161 TYR B CD1 1 
ATOM   879  C CD2 . TYR B 1 32  ? 4.005   20.711  6.723   1.00 128.14 ? 161 TYR B CD2 1 
ATOM   880  C CE1 . TYR B 1 32  ? 1.697   21.671  5.496   1.00 134.14 ? 161 TYR B CE1 1 
ATOM   881  C CE2 . TYR B 1 32  ? 3.096   21.475  7.455   1.00 131.42 ? 161 TYR B CE2 1 
ATOM   882  C CZ  . TYR B 1 32  ? 1.944   21.954  6.839   1.00 133.37 ? 161 TYR B CZ  1 
ATOM   883  O OH  . TYR B 1 32  ? 1.040   22.718  7.553   1.00 137.04 ? 161 TYR B OH  1 
ATOM   884  N N   . LYS B 1 33  ? 4.803   20.586  1.592   1.00 101.50 ? 162 LYS B N   1 
ATOM   885  C CA  . LYS B 1 33  ? 3.919   21.243  0.636   1.00 105.44 ? 162 LYS B CA  1 
ATOM   886  C C   . LYS B 1 33  ? 2.507   20.660  0.716   1.00 110.03 ? 162 LYS B C   1 
ATOM   887  O O   . LYS B 1 33  ? 2.316   19.446  0.585   1.00 115.06 ? 162 LYS B O   1 
ATOM   888  C CB  . LYS B 1 33  ? 4.454   21.159  -0.805  1.00 103.10 ? 162 LYS B CB  1 
ATOM   889  C CG  . LYS B 1 33  ? 5.872   21.682  -1.039  1.00 114.64 ? 162 LYS B CG  1 
ATOM   890  C CD  . LYS B 1 33  ? 6.039   23.187  -0.873  1.00 119.27 ? 162 LYS B CD  1 
ATOM   891  C CE  . LYS B 1 33  ? 6.728   23.553  0.434   1.00 117.30 ? 162 LYS B CE  1 
ATOM   892  N NZ  . LYS B 1 33  ? 6.564   25.006  0.724   1.00 118.33 ? 162 LYS B NZ  1 
ATOM   893  N N   . SER B 1 34  ? 1.529   21.532  0.959   1.00 106.77 ? 163 SER B N   1 
ATOM   894  C CA  . SER B 1 34  ? 0.119   21.175  0.843   1.00 98.10  ? 163 SER B CA  1 
ATOM   895  C C   . SER B 1 34  ? -0.268  21.040  -0.623  1.00 97.45  ? 163 SER B C   1 
ATOM   896  O O   . SER B 1 34  ? 0.261   21.757  -1.473  1.00 98.64  ? 163 SER B O   1 
ATOM   897  C CB  . SER B 1 34  ? -0.752  22.199  1.540   1.00 93.26  ? 163 SER B CB  1 
ATOM   898  O OG  . SER B 1 34  ? -0.714  21.985  2.938   1.00 101.67 ? 163 SER B OG  1 
ATOM   899  N N   . VAL B 1 35  ? -1.158  20.086  -0.902  1.00 102.59 ? 164 VAL B N   1 
ATOM   900  C CA  . VAL B 1 35  ? -1.605  19.737  -2.262  1.00 98.03  ? 164 VAL B CA  1 
ATOM   901  C C   . VAL B 1 35  ? -3.085  19.338  -2.225  1.00 102.33 ? 164 VAL B C   1 
ATOM   902  O O   . VAL B 1 35  ? -3.498  18.508  -1.402  1.00 100.90 ? 164 VAL B O   1 
ATOM   903  C CB  . VAL B 1 35  ? -0.759  18.590  -2.884  1.00 86.88  ? 164 VAL B CB  1 
ATOM   904  C CG1 . VAL B 1 35  ? -1.470  17.952  -4.058  1.00 88.91  ? 164 VAL B CG1 1 
ATOM   905  C CG2 . VAL B 1 35  ? 0.581   19.097  -3.374  1.00 90.60  ? 164 VAL B CG2 1 
ATOM   906  N N   . LEU B 1 36  ? -3.871  19.933  -3.119  1.00 100.92 ? 165 LEU B N   1 
ATOM   907  C CA  . LEU B 1 36  ? -5.258  19.535  -3.308  1.00 103.75 ? 165 LEU B CA  1 
ATOM   908  C C   . LEU B 1 36  ? -5.280  18.229  -4.079  1.00 101.78 ? 165 LEU B C   1 
ATOM   909  O O   . LEU B 1 36  ? -4.774  18.154  -5.205  1.00 100.42 ? 165 LEU B O   1 
ATOM   910  C CB  . LEU B 1 36  ? -6.055  20.635  -4.041  1.00 107.84 ? 165 LEU B CB  1 
ATOM   911  C CG  . LEU B 1 36  ? -7.565  20.593  -4.374  1.00 101.83 ? 165 LEU B CG  1 
ATOM   912  C CD1 . LEU B 1 36  ? -7.803  20.012  -5.767  1.00 105.65 ? 165 LEU B CD1 1 
ATOM   913  C CD2 . LEU B 1 36  ? -8.426  19.898  -3.317  1.00 94.95  ? 165 LEU B CD2 1 
ATOM   914  N N   . ALA B 1 37  ? -5.852  17.205  -3.452  1.00 104.89 ? 166 ALA B N   1 
ATOM   915  C CA  . ALA B 1 37  ? -6.018  15.898  -4.077  1.00 107.82 ? 166 ALA B CA  1 
ATOM   916  C C   . ALA B 1 37  ? -7.475  15.466  -4.061  1.00 113.12 ? 166 ALA B C   1 
ATOM   917  O O   . ALA B 1 37  ? -8.125  15.456  -3.005  1.00 102.26 ? 166 ALA B O   1 
ATOM   918  C CB  . ALA B 1 37  ? -5.146  14.859  -3.394  1.00 106.40 ? 166 ALA B CB  1 
ATOM   919  N N   . THR B 1 38  ? -7.972  15.143  -5.254  1.00 122.04 ? 167 THR B N   1 
ATOM   920  C CA  . THR B 1 38  ? -9.291  14.537  -5.449  1.00 124.53 ? 167 THR B CA  1 
ATOM   921  C C   . THR B 1 38  ? -9.162  13.004  -5.532  1.00 124.23 ? 167 THR B C   1 
ATOM   922  O O   . THR B 1 38  ? -8.066  12.483  -5.763  1.00 124.85 ? 167 THR B O   1 
ATOM   923  C CB  . THR B 1 38  ? -10.026 15.130  -6.680  1.00 125.55 ? 167 THR B CB  1 
ATOM   924  O OG1 . THR B 1 38  ? -11.279 14.460  -6.856  1.00 144.73 ? 167 THR B OG1 1 
ATOM   925  C CG2 . THR B 1 38  ? -9.198  15.012  -7.977  1.00 116.94 ? 167 THR B CG2 1 
ATOM   926  N N   . ALA B 1 39  ? -10.279 12.295  -5.351  1.00 120.85 ? 168 ALA B N   1 
ATOM   927  C CA  . ALA B 1 39  ? -10.299 10.820  -5.315  1.00 110.16 ? 168 ALA B CA  1 
ATOM   928  C C   . ALA B 1 39  ? -9.929  10.140  -6.642  1.00 105.78 ? 168 ALA B C   1 
ATOM   929  O O   . ALA B 1 39  ? -9.878  8.917   -6.720  1.00 104.74 ? 168 ALA B O   1 
ATOM   930  C CB  . ALA B 1 39  ? -11.642 10.314  -4.798  1.00 108.39 ? 168 ALA B CB  1 
ATOM   931  N N   . ARG B 1 40  ? -9.659  10.944  -7.666  1.00 109.65 ? 169 ARG B N   1 
ATOM   932  C CA  . ARG B 1 40  ? -9.186  10.466  -8.968  1.00 113.68 ? 169 ARG B CA  1 
ATOM   933  C C   . ARG B 1 40  ? -7.756  10.959  -9.287  1.00 114.34 ? 169 ARG B C   1 
ATOM   934  O O   . ARG B 1 40  ? -7.245  10.751  -10.401 1.00 109.89 ? 169 ARG B O   1 
ATOM   935  C CB  . ARG B 1 40  ? -10.186 10.853  -10.076 1.00 127.64 ? 169 ARG B CB  1 
ATOM   936  C CG  . ARG B 1 40  ? -10.804 12.240  -9.923  1.00 133.61 ? 169 ARG B CG  1 
ATOM   937  C CD  . ARG B 1 40  ? -11.811 12.574  -11.016 1.00 130.33 ? 169 ARG B CD  1 
ATOM   938  N NE  . ARG B 1 40  ? -12.806 13.545  -10.550 1.00 133.08 ? 169 ARG B NE  1 
ATOM   939  C CZ  . ARG B 1 40  ? -12.635 14.869  -10.490 1.00 135.59 ? 169 ARG B CZ  1 
ATOM   940  N NH1 . ARG B 1 40  ? -11.492 15.441  -10.864 1.00 139.21 ? 169 ARG B NH1 1 
ATOM   941  N NH2 . ARG B 1 40  ? -13.623 15.632  -10.041 1.00 134.12 ? 169 ARG B NH2 1 
ATOM   942  N N   . SER B 1 41  ? -7.120  11.608  -8.305  1.00 110.54 ? 170 SER B N   1 
ATOM   943  C CA  . SER B 1 41  ? -5.714  12.015  -8.407  1.00 103.54 ? 170 SER B CA  1 
ATOM   944  C C   . SER B 1 41  ? -4.804  10.804  -8.240  1.00 101.50 ? 170 SER B C   1 
ATOM   945  O O   . SER B 1 41  ? -4.884  10.094  -7.228  1.00 87.22  ? 170 SER B O   1 
ATOM   946  C CB  . SER B 1 41  ? -5.358  13.065  -7.355  1.00 103.83 ? 170 SER B CB  1 
ATOM   947  O OG  . SER B 1 41  ? -5.995  14.299  -7.612  1.00 107.02 ? 170 SER B OG  1 
ATOM   948  N N   . THR B 1 42  ? -3.960  10.567  -9.244  1.00 94.14  ? 171 THR B N   1 
ATOM   949  C CA  . THR B 1 42  ? -2.975  9.498   -9.171  1.00 95.56  ? 171 THR B CA  1 
ATOM   950  C C   . THR B 1 42  ? -1.771  9.963   -8.361  1.00 96.13  ? 171 THR B C   1 
ATOM   951  O O   . THR B 1 42  ? -1.533  11.167  -8.230  1.00 95.65  ? 171 THR B O   1 
ATOM   952  C CB  . THR B 1 42  ? -2.526  8.991   -10.560 1.00 101.86 ? 171 THR B CB  1 
ATOM   953  O OG1 . THR B 1 42  ? -1.772  10.004  -11.230 1.00 102.52 ? 171 THR B OG1 1 
ATOM   954  C CG2 . THR B 1 42  ? -3.722  8.574   -11.420 1.00 112.52 ? 171 THR B CG2 1 
ATOM   955  N N   . ALA B 1 43  ? -1.022  9.006   -7.813  1.00 94.27  ? 172 ALA B N   1 
ATOM   956  C CA  . ALA B 1 43  ? 0.180   9.308   -7.050  1.00 91.16  ? 172 ALA B CA  1 
ATOM   957  C C   . ALA B 1 43  ? 1.223   10.023  -7.903  1.00 93.81  ? 172 ALA B C   1 
ATOM   958  O O   . ALA B 1 43  ? 1.838   10.978  -7.432  1.00 102.82 ? 172 ALA B O   1 
ATOM   959  C CB  . ALA B 1 43  ? 0.755   8.050   -6.427  1.00 88.81  ? 172 ALA B CB  1 
ATOM   960  N N   . ARG B 1 44  ? 1.384   9.581   -9.152  1.00 87.40  ? 173 ARG B N   1 
ATOM   961  C CA  . ARG B 1 44  ? 2.346   10.159  -10.096 1.00 91.87  ? 173 ARG B CA  1 
ATOM   962  C C   . ARG B 1 44  ? 2.045   11.631  -10.428 1.00 104.17 ? 173 ARG B C   1 
ATOM   963  O O   . ARG B 1 44  ? 2.977   12.437  -10.579 1.00 110.19 ? 173 ARG B O   1 
ATOM   964  C CB  . ARG B 1 44  ? 2.414   9.315   -11.372 1.00 88.66  ? 173 ARG B CB  1 
ATOM   965  C CG  . ARG B 1 44  ? 3.606   9.606   -12.263 1.00 93.30  ? 173 ARG B CG  1 
ATOM   966  C CD  . ARG B 1 44  ? 3.607   8.753   -13.524 1.00 105.51 ? 173 ARG B CD  1 
ATOM   967  N NE  . ARG B 1 44  ? 3.921   9.564   -14.703 1.00 118.50 ? 173 ARG B NE  1 
ATOM   968  C CZ  . ARG B 1 44  ? 5.145   9.859   -15.141 1.00 119.88 ? 173 ARG B CZ  1 
ATOM   969  N NH1 . ARG B 1 44  ? 6.230   9.403   -14.523 1.00 112.58 ? 173 ARG B NH1 1 
ATOM   970  N NH2 . ARG B 1 44  ? 5.279   10.621  -16.218 1.00 126.19 ? 173 ARG B NH2 1 
ATOM   971  N N   . GLU B 1 45  ? 0.750   11.960  -10.535 1.00 111.28 ? 174 GLU B N   1 
ATOM   972  C CA  . GLU B 1 45  ? 0.259   13.340  -10.715 1.00 107.62 ? 174 GLU B CA  1 
ATOM   973  C C   . GLU B 1 45  ? 0.632   14.232  -9.529  1.00 107.60 ? 174 GLU B C   1 
ATOM   974  O O   . GLU B 1 45  ? 1.049   15.380  -9.722  1.00 113.91 ? 174 GLU B O   1 
ATOM   975  C CB  . GLU B 1 45  ? -1.264  13.365  -10.886 1.00 110.59 ? 174 GLU B CB  1 
ATOM   976  C CG  . GLU B 1 45  ? -1.797  13.010  -12.268 1.00 111.32 ? 174 GLU B CG  1 
ATOM   977  C CD  . GLU B 1 45  ? -3.288  12.680  -12.268 1.00 119.13 ? 174 GLU B CD  1 
ATOM   978  O OE1 . GLU B 1 45  ? -3.925  12.685  -11.187 1.00 125.71 ? 174 GLU B OE1 1 
ATOM   979  O OE2 . GLU B 1 45  ? -3.834  12.406  -13.359 1.00 122.58 ? 174 GLU B OE2 1 
ATOM   980  N N   . LEU B 1 46  ? 0.471   13.701  -8.314  1.00 100.91 ? 175 LEU B N   1 
ATOM   981  C CA  . LEU B 1 46  ? 0.853   14.413  -7.089  1.00 99.27  ? 175 LEU B CA  1 
ATOM   982  C C   . LEU B 1 46  ? 2.360   14.521  -6.892  1.00 97.81  ? 175 LEU B C   1 
ATOM   983  O O   . LEU B 1 46  ? 2.830   15.462  -6.262  1.00 96.28  ? 175 LEU B O   1 
ATOM   984  C CB  . LEU B 1 46  ? 0.217   13.780  -5.857  1.00 96.56  ? 175 LEU B CB  1 
ATOM   985  C CG  . LEU B 1 46  ? -1.307  13.785  -5.730  1.00 102.17 ? 175 LEU B CG  1 
ATOM   986  C CD1 . LEU B 1 46  ? -1.652  13.518  -4.273  1.00 97.58  ? 175 LEU B CD1 1 
ATOM   987  C CD2 . LEU B 1 46  ? -1.961  15.080  -6.216  1.00 95.14  ? 175 LEU B CD2 1 
ATOM   988  N N   . VAL B 1 47  ? 3.106   13.552  -7.422  1.00 99.18  ? 176 VAL B N   1 
ATOM   989  C CA  . VAL B 1 47  ? 4.565   13.619  -7.439  1.00 102.61 ? 176 VAL B CA  1 
ATOM   990  C C   . VAL B 1 47  ? 4.987   14.819  -8.289  1.00 103.97 ? 176 VAL B C   1 
ATOM   991  O O   . VAL B 1 47  ? 5.708   15.687  -7.793  1.00 105.60 ? 176 VAL B O   1 
ATOM   992  C CB  . VAL B 1 47  ? 5.217   12.271  -7.869  1.00 103.06 ? 176 VAL B CB  1 
ATOM   993  C CG1 . VAL B 1 47  ? 6.633   12.449  -8.416  1.00 103.32 ? 176 VAL B CG1 1 
ATOM   994  C CG2 . VAL B 1 47  ? 5.244   11.316  -6.686  1.00 97.84  ? 176 VAL B CG2 1 
ATOM   995  N N   . ALA B 1 48  ? 4.497   14.880  -9.532  1.00 103.83 ? 177 ALA B N   1 
ATOM   996  C CA  . ALA B 1 48  ? 4.767   15.998  -10.448 1.00 99.79  ? 177 ALA B CA  1 
ATOM   997  C C   . ALA B 1 48  ? 4.428   17.357  -9.817  1.00 101.94 ? 177 ALA B C   1 
ATOM   998  O O   . ALA B 1 48  ? 5.236   18.291  -9.884  1.00 99.75  ? 177 ALA B O   1 
ATOM   999  C CB  . ALA B 1 48  ? 4.039   15.806  -11.775 1.00 83.93  ? 177 ALA B CB  1 
ATOM   1000 N N   . GLU B 1 49  ? 3.264   17.441  -9.166  1.00 104.66 ? 178 GLU B N   1 
ATOM   1001 C CA  . GLU B 1 49  ? 2.829   18.677  -8.522  1.00 112.84 ? 178 GLU B CA  1 
ATOM   1002 C C   . GLU B 1 49  ? 3.725   19.065  -7.346  1.00 111.77 ? 178 GLU B C   1 
ATOM   1003 O O   . GLU B 1 49  ? 4.134   20.218  -7.248  1.00 121.95 ? 178 GLU B O   1 
ATOM   1004 C CB  . GLU B 1 49  ? 1.359   18.610  -8.095  1.00 122.18 ? 178 GLU B CB  1 
ATOM   1005 C CG  . GLU B 1 49  ? 0.697   19.981  -8.034  1.00 141.01 ? 178 GLU B CG  1 
ATOM   1006 C CD  . GLU B 1 49  ? -0.717  19.955  -7.475  1.00 160.62 ? 178 GLU B CD  1 
ATOM   1007 O OE1 . GLU B 1 49  ? -1.003  20.763  -6.564  1.00 173.03 ? 178 GLU B OE1 1 
ATOM   1008 O OE2 . GLU B 1 49  ? -1.546  19.141  -7.944  1.00 167.81 ? 178 GLU B OE2 1 
ATOM   1009 N N   . ALA B 1 50  ? 4.047   18.104  -6.480  1.00 113.87 ? 179 ALA B N   1 
ATOM   1010 C CA  . ALA B 1 50  ? 4.951   18.345  -5.342  1.00 109.74 ? 179 ALA B CA  1 
ATOM   1011 C C   . ALA B 1 50  ? 6.368   18.708  -5.795  1.00 108.26 ? 179 ALA B C   1 
ATOM   1012 O O   . ALA B 1 50  ? 7.068   19.449  -5.098  1.00 110.08 ? 179 ALA B O   1 
ATOM   1013 C CB  . ALA B 1 50  ? 4.979   17.149  -4.391  1.00 100.67 ? 179 ALA B CB  1 
ATOM   1014 N N   . LEU B 1 51  ? 6.774   18.192  -6.958  1.00 103.63 ? 180 LEU B N   1 
ATOM   1015 C CA  . LEU B 1 51  ? 8.093   18.465  -7.510  1.00 105.47 ? 180 LEU B CA  1 
ATOM   1016 C C   . LEU B 1 51  ? 8.243   19.928  -7.903  1.00 118.28 ? 180 LEU B C   1 
ATOM   1017 O O   . LEU B 1 51  ? 9.167   20.600  -7.425  1.00 123.28 ? 180 LEU B O   1 
ATOM   1018 C CB  . LEU B 1 51  ? 8.425   17.543  -8.690  1.00 99.59  ? 180 LEU B CB  1 
ATOM   1019 C CG  . LEU B 1 51  ? 9.002   16.151  -8.386  1.00 100.55 ? 180 LEU B CG  1 
ATOM   1020 C CD1 . LEU B 1 51  ? 9.320   15.406  -9.677  1.00 91.91  ? 180 LEU B CD1 1 
ATOM   1021 C CD2 . LEU B 1 51  ? 10.230  16.209  -7.486  1.00 93.77  ? 180 LEU B CD2 1 
ATOM   1022 N N   . GLU B 1 52  ? 7.332   20.428  -8.741  1.00 122.21 ? 181 GLU B N   1 
ATOM   1023 C CA  . GLU B 1 52  ? 7.376   21.834  -9.148  1.00 116.98 ? 181 GLU B CA  1 
ATOM   1024 C C   . GLU B 1 52  ? 7.134   22.790  -7.970  1.00 107.09 ? 181 GLU B C   1 
ATOM   1025 O O   . GLU B 1 52  ? 7.651   23.900  -7.974  1.00 120.30 ? 181 GLU B O   1 
ATOM   1026 C CB  . GLU B 1 52  ? 6.509   22.126  -10.393 1.00 119.00 ? 181 GLU B CB  1 
ATOM   1027 C CG  . GLU B 1 52  ? 4.999   22.024  -10.221 1.00 137.33 ? 181 GLU B CG  1 
ATOM   1028 C CD  . GLU B 1 52  ? 4.349   23.310  -9.719  1.00 153.13 ? 181 GLU B CD  1 
ATOM   1029 O OE1 . GLU B 1 52  ? 3.471   23.229  -8.831  1.00 166.73 ? 181 GLU B OE1 1 
ATOM   1030 O OE2 . GLU B 1 52  ? 4.702   24.409  -10.204 1.00 158.44 ? 181 GLU B OE2 1 
ATOM   1031 N N   . ARG B 1 53  ? 6.397   22.336  -6.952  1.00 98.23  ? 182 ARG B N   1 
ATOM   1032 C CA  . ARG B 1 53  ? 6.199   23.107  -5.703  1.00 109.59 ? 182 ARG B CA  1 
ATOM   1033 C C   . ARG B 1 53  ? 7.430   23.110  -4.765  1.00 113.18 ? 182 ARG B C   1 
ATOM   1034 O O   . ARG B 1 53  ? 7.410   23.730  -3.696  1.00 108.01 ? 182 ARG B O   1 
ATOM   1035 C CB  . ARG B 1 53  ? 4.909   22.676  -4.959  1.00 111.02 ? 182 ARG B CB  1 
ATOM   1036 C CG  . ARG B 1 53  ? 3.647   23.401  -5.432  1.00 109.31 ? 182 ARG B CG  1 
ATOM   1037 C CD  . ARG B 1 53  ? 2.383   23.117  -4.613  1.00 109.72 ? 182 ARG B CD  1 
ATOM   1038 N NE  . ARG B 1 53  ? 2.466   23.421  -3.169  1.00 115.20 ? 182 ARG B NE  1 
ATOM   1039 C CZ  . ARG B 1 53  ? 2.592   24.636  -2.614  1.00 117.71 ? 182 ARG B CZ  1 
ATOM   1040 N NH1 . ARG B 1 53  ? 2.635   24.756  -1.286  1.00 102.89 ? 182 ARG B NH1 1 
ATOM   1041 N NH2 . ARG B 1 53  ? 2.695   25.735  -3.361  1.00 125.31 ? 182 ARG B NH2 1 
ATOM   1042 N N   . TYR B 1 54  ? 8.478   22.390  -5.170  1.00 130.54 ? 183 TYR B N   1 
ATOM   1043 C CA  . TYR B 1 54  ? 9.827   22.494  -4.580  1.00 129.86 ? 183 TYR B CA  1 
ATOM   1044 C C   . TYR B 1 54  ? 10.784  23.118  -5.615  1.00 129.89 ? 183 TYR B C   1 
ATOM   1045 O O   . TYR B 1 54  ? 11.912  23.479  -5.283  1.00 130.80 ? 183 TYR B O   1 
ATOM   1046 C CB  . TYR B 1 54  ? 10.351  21.125  -4.082  1.00 119.93 ? 183 TYR B CB  1 
ATOM   1047 C CG  . TYR B 1 54  ? 9.911   20.714  -2.677  1.00 114.01 ? 183 TYR B CG  1 
ATOM   1048 C CD1 . TYR B 1 54  ? 10.557  21.230  -1.537  1.00 115.38 ? 183 TYR B CD1 1 
ATOM   1049 C CD2 . TYR B 1 54  ? 8.867   19.792  -2.480  1.00 106.57 ? 183 TYR B CD2 1 
ATOM   1050 C CE1 . TYR B 1 54  ? 10.163  20.861  -0.245  1.00 112.89 ? 183 TYR B CE1 1 
ATOM   1051 C CE2 . TYR B 1 54  ? 8.472   19.403  -1.192  1.00 112.08 ? 183 TYR B CE2 1 
ATOM   1052 C CZ  . TYR B 1 54  ? 9.116   19.944  -0.072  1.00 114.99 ? 183 TYR B CZ  1 
ATOM   1053 O OH  . TYR B 1 54  ? 8.728   19.577  1.215   1.00 101.22 ? 183 TYR B OH  1 
ATOM   1054 N N   . GLY B 1 55  ? 10.321  23.219  -6.865  1.00 135.83 ? 184 GLY B N   1 
ATOM   1055 C CA  . GLY B 1 55  ? 10.991  23.983  -7.927  1.00 139.22 ? 184 GLY B CA  1 
ATOM   1056 C C   . GLY B 1 55  ? 11.924  23.186  -8.814  1.00 141.92 ? 184 GLY B C   1 
ATOM   1057 O O   . GLY B 1 55  ? 13.132  23.439  -8.830  1.00 142.97 ? 184 GLY B O   1 
ATOM   1058 N N   . LEU B 1 56  ? 11.360  22.235  -9.562  1.00 140.02 ? 185 LEU B N   1 
ATOM   1059 C CA  . LEU B 1 56  ? 12.152  21.250  -10.309 1.00 133.62 ? 185 LEU B CA  1 
ATOM   1060 C C   . LEU B 1 56  ? 11.640  21.033  -11.726 1.00 122.96 ? 185 LEU B C   1 
ATOM   1061 O O   . LEU B 1 56  ? 10.437  20.988  -11.952 1.00 123.26 ? 185 LEU B O   1 
ATOM   1062 C CB  . LEU B 1 56  ? 12.195  19.917  -9.548  1.00 128.00 ? 185 LEU B CB  1 
ATOM   1063 C CG  . LEU B 1 56  ? 13.100  19.756  -8.308  1.00 124.44 ? 185 LEU B CG  1 
ATOM   1064 C CD1 . LEU B 1 56  ? 12.531  20.356  -7.032  1.00 113.39 ? 185 LEU B CD1 1 
ATOM   1065 C CD2 . LEU B 1 56  ? 13.365  18.285  -8.063  1.00 130.87 ? 185 LEU B CD2 1 
ATOM   1066 N N   . SER B 1 67  ? 8.456   16.737  -15.074 1.00 161.63 ? 196 SER B N   1 
ATOM   1067 C CA  . SER B 1 67  ? 8.524   16.202  -16.427 1.00 164.04 ? 196 SER B CA  1 
ATOM   1068 C C   . SER B 1 67  ? 9.532   15.035  -16.530 1.00 169.51 ? 196 SER B C   1 
ATOM   1069 O O   . SER B 1 67  ? 9.124   13.877  -16.697 1.00 164.68 ? 196 SER B O   1 
ATOM   1070 C CB  . SER B 1 67  ? 8.834   17.329  -17.428 1.00 160.64 ? 196 SER B CB  1 
ATOM   1071 O OG  . SER B 1 67  ? 8.658   16.912  -18.771 1.00 155.78 ? 196 SER B OG  1 
ATOM   1072 N N   . SER B 1 68  ? 10.829  15.341  -16.405 1.00 167.25 ? 197 SER B N   1 
ATOM   1073 C CA  . SER B 1 68  ? 11.915  14.356  -16.567 1.00 156.35 ? 197 SER B CA  1 
ATOM   1074 C C   . SER B 1 68  ? 12.125  13.510  -15.314 1.00 148.97 ? 197 SER B C   1 
ATOM   1075 O O   . SER B 1 68  ? 12.166  12.274  -15.374 1.00 134.42 ? 197 SER B O   1 
ATOM   1076 C CB  . SER B 1 68  ? 13.231  15.055  -16.942 1.00 152.07 ? 197 SER B CB  1 
ATOM   1077 O OG  . SER B 1 68  ? 13.176  15.616  -18.241 1.00 143.81 ? 197 SER B OG  1 
ATOM   1078 N N   . CYS B 1 69  ? 12.245  14.204  -14.185 1.00 144.71 ? 198 CYS B N   1 
ATOM   1079 C CA  . CYS B 1 69  ? 12.590  13.604  -12.903 1.00 142.64 ? 198 CYS B CA  1 
ATOM   1080 C C   . CYS B 1 69  ? 11.378  13.175  -12.057 1.00 137.94 ? 198 CYS B C   1 
ATOM   1081 O O   . CYS B 1 69  ? 11.485  13.045  -10.837 1.00 144.71 ? 198 CYS B O   1 
ATOM   1082 C CB  . CYS B 1 69  ? 13.512  14.556  -12.121 1.00 151.35 ? 198 CYS B CB  1 
ATOM   1083 S SG  . CYS B 1 69  ? 13.071  16.311  -12.194 1.00 162.59 ? 198 CYS B SG  1 
ATOM   1084 N N   . VAL B 1 70  ? 10.235  12.947  -12.705 1.00 133.40 ? 199 VAL B N   1 
ATOM   1085 C CA  . VAL B 1 70  ? 9.030   12.437  -12.027 1.00 122.07 ? 199 VAL B CA  1 
ATOM   1086 C C   . VAL B 1 70  ? 9.291   10.980  -11.631 1.00 117.88 ? 199 VAL B C   1 
ATOM   1087 O O   . VAL B 1 70  ? 9.054   10.580  -10.480 1.00 107.91 ? 199 VAL B O   1 
ATOM   1088 C CB  . VAL B 1 70  ? 7.748   12.601  -12.902 1.00 117.94 ? 199 VAL B CB  1 
ATOM   1089 C CG1 . VAL B 1 70  ? 6.517   11.996  -12.237 1.00 113.56 ? 199 VAL B CG1 1 
ATOM   1090 C CG2 . VAL B 1 70  ? 7.480   14.070  -13.186 1.00 114.40 ? 199 VAL B CG2 1 
ATOM   1091 N N   . ASP B 1 71  ? 9.829   10.218  -12.584 1.00 110.40 ? 200 ASP B N   1 
ATOM   1092 C CA  . ASP B 1 71  ? 10.127  8.807   -12.385 1.00 114.45 ? 200 ASP B CA  1 
ATOM   1093 C C   . ASP B 1 71  ? 11.326  8.547   -11.479 1.00 108.64 ? 200 ASP B C   1 
ATOM   1094 O O   . ASP B 1 71  ? 11.529  7.426   -11.015 1.00 118.97 ? 200 ASP B O   1 
ATOM   1095 C CB  . ASP B 1 71  ? 10.265  8.097   -13.734 1.00 124.87 ? 200 ASP B CB  1 
ATOM   1096 C CG  . ASP B 1 71  ? 8.922   7.911   -14.432 1.00 137.45 ? 200 ASP B CG  1 
ATOM   1097 O OD1 . ASP B 1 71  ? 7.982   7.341   -13.825 1.00 144.03 ? 200 ASP B OD1 1 
ATOM   1098 O OD2 . ASP B 1 71  ? 8.799   8.344   -15.594 1.00 143.34 ? 200 ASP B OD2 1 
ATOM   1099 N N   . ALA B 1 72  ? 12.109  9.587   -11.225 1.00 106.29 ? 201 ALA B N   1 
ATOM   1100 C CA  . ALA B 1 72  ? 13.255  9.504   -10.326 1.00 106.68 ? 201 ALA B CA  1 
ATOM   1101 C C   . ALA B 1 72  ? 12.851  9.644   -8.855  1.00 101.27 ? 201 ALA B C   1 
ATOM   1102 O O   . ALA B 1 72  ? 13.602  9.260   -7.953  1.00 102.96 ? 201 ALA B O   1 
ATOM   1103 C CB  . ALA B 1 72  ? 14.288  10.550  -10.703 1.00 109.25 ? 201 ALA B CB  1 
ATOM   1104 N N   . PHE B 1 73  ? 11.665  10.199  -8.625  1.00 96.49  ? 202 PHE B N   1 
ATOM   1105 C CA  . PHE B 1 73  ? 11.137  10.396  -7.278  1.00 95.01  ? 202 PHE B CA  1 
ATOM   1106 C C   . PHE B 1 73  ? 9.970   9.446   -7.011  1.00 94.10  ? 202 PHE B C   1 
ATOM   1107 O O   . PHE B 1 73  ? 9.504   8.769   -7.932  1.00 96.64  ? 202 PHE B O   1 
ATOM   1108 C CB  . PHE B 1 73  ? 10.695  11.847  -7.090  1.00 94.94  ? 202 PHE B CB  1 
ATOM   1109 C CG  . PHE B 1 73  ? 11.827  12.812  -6.889  1.00 98.95  ? 202 PHE B CG  1 
ATOM   1110 C CD1 . PHE B 1 73  ? 12.546  13.314  -7.980  1.00 94.13  ? 202 PHE B CD1 1 
ATOM   1111 C CD2 . PHE B 1 73  ? 12.168  13.243  -5.602  1.00 101.94 ? 202 PHE B CD2 1 
ATOM   1112 C CE1 . PHE B 1 73  ? 13.583  14.215  -7.791  1.00 95.66  ? 202 PHE B CE1 1 
ATOM   1113 C CE2 . PHE B 1 73  ? 13.207  14.147  -5.405  1.00 94.86  ? 202 PHE B CE2 1 
ATOM   1114 C CZ  . PHE B 1 73  ? 13.916  14.630  -6.504  1.00 97.98  ? 202 PHE B CZ  1 
ATOM   1115 N N   . ALA B 1 74  ? 9.508   9.409   -5.758  1.00 83.74  ? 203 ALA B N   1 
ATOM   1116 C CA  . ALA B 1 74  ? 8.440   8.519   -5.322  1.00 84.33  ? 203 ALA B CA  1 
ATOM   1117 C C   . ALA B 1 74  ? 7.656   9.093   -4.136  1.00 91.08  ? 203 ALA B C   1 
ATOM   1118 O O   . ALA B 1 74  ? 8.250   9.627   -3.191  1.00 91.05  ? 203 ALA B O   1 
ATOM   1119 C CB  . ALA B 1 74  ? 9.018   7.158   -4.957  1.00 84.72  ? 203 ALA B CB  1 
ATOM   1120 N N   . LEU B 1 75  ? 6.326   8.968   -4.191  1.00 92.23  ? 204 LEU B N   1 
ATOM   1121 C CA  . LEU B 1 75  ? 5.450   9.299   -3.060  1.00 86.97  ? 204 LEU B CA  1 
ATOM   1122 C C   . LEU B 1 75  ? 5.378   8.104   -2.111  1.00 87.78  ? 204 LEU B C   1 
ATOM   1123 O O   . LEU B 1 75  ? 5.237   6.955   -2.550  1.00 89.18  ? 204 LEU B O   1 
ATOM   1124 C CB  . LEU B 1 75  ? 4.039   9.674   -3.537  1.00 86.02  ? 204 LEU B CB  1 
ATOM   1125 C CG  . LEU B 1 75  ? 3.215   10.821  -2.928  1.00 85.51  ? 204 LEU B CG  1 
ATOM   1126 C CD1 . LEU B 1 75  ? 1.791   10.332  -2.753  1.00 83.52  ? 204 LEU B CD1 1 
ATOM   1127 C CD2 . LEU B 1 75  ? 3.732   11.359  -1.597  1.00 86.83  ? 204 LEU B CD2 1 
ATOM   1128 N N   . CYS B 1 76  ? 5.474   8.375   -0.813  1.00 87.96  ? 205 CYS B N   1 
ATOM   1129 C CA  . CYS B 1 76  ? 5.584   7.314   0.182   1.00 86.49  ? 205 CYS B CA  1 
ATOM   1130 C C   . CYS B 1 76  ? 4.623   7.504   1.329   1.00 87.08  ? 205 CYS B C   1 
ATOM   1131 O O   . CYS B 1 76  ? 4.540   8.585   1.898   1.00 88.79  ? 205 CYS B O   1 
ATOM   1132 C CB  . CYS B 1 76  ? 7.007   7.235   0.740   1.00 88.46  ? 205 CYS B CB  1 
ATOM   1133 S SG  . CYS B 1 76  ? 8.297   7.094   -0.516  1.00 109.20 ? 205 CYS B SG  1 
ATOM   1134 N N   . ASP B 1 77  ? 3.897   6.440   1.656   1.00 88.09  ? 206 ASP B N   1 
ATOM   1135 C CA  . ASP B 1 77  ? 3.151   6.355   2.894   1.00 82.17  ? 206 ASP B CA  1 
ATOM   1136 C C   . ASP B 1 77  ? 4.201   5.951   3.929   1.00 87.09  ? 206 ASP B C   1 
ATOM   1137 O O   . ASP B 1 77  ? 4.725   4.834   3.870   1.00 95.24  ? 206 ASP B O   1 
ATOM   1138 C CB  . ASP B 1 77  ? 2.022   5.317   2.752   1.00 79.11  ? 206 ASP B CB  1 
ATOM   1139 C CG  . ASP B 1 77  ? 1.000   5.357   3.907   1.00 85.78  ? 206 ASP B CG  1 
ATOM   1140 O OD1 . ASP B 1 77  ? 1.172   6.111   4.897   1.00 84.25  ? 206 ASP B OD1 1 
ATOM   1141 O OD2 . ASP B 1 77  ? 0.000   4.606   3.819   1.00 82.57  ? 206 ASP B OD2 1 
ATOM   1142 N N   . ALA B 1 78  ? 4.544   6.875   4.835   1.00 85.47  ? 207 ALA B N   1 
ATOM   1143 C CA  . ALA B 1 78  ? 5.596   6.659   5.850   1.00 81.21  ? 207 ALA B CA  1 
ATOM   1144 C C   . ALA B 1 78  ? 5.059   6.628   7.281   1.00 83.51  ? 207 ALA B C   1 
ATOM   1145 O O   . ALA B 1 78  ? 4.143   7.378   7.614   1.00 91.37  ? 207 ALA B O   1 
ATOM   1146 C CB  . ALA B 1 78  ? 6.668   7.723   5.715   1.00 77.79  ? 207 ALA B CB  1 
ATOM   1147 N N   . LEU B 1 79  ? 5.641   5.768   8.117   1.00 84.17  ? 208 LEU B N   1 
ATOM   1148 C CA  . LEU B 1 79  ? 5.215   5.595   9.517   1.00 87.23  ? 208 LEU B CA  1 
ATOM   1149 C C   . LEU B 1 79  ? 6.376   5.676   10.513  1.00 93.00  ? 208 LEU B C   1 
ATOM   1150 O O   . LEU B 1 79  ? 7.476   5.215   10.217  1.00 98.09  ? 208 LEU B O   1 
ATOM   1151 C CB  . LEU B 1 79  ? 4.506   4.251   9.706   1.00 86.48  ? 208 LEU B CB  1 
ATOM   1152 C CG  . LEU B 1 79  ? 3.404   3.746   8.773   1.00 88.77  ? 208 LEU B CG  1 
ATOM   1153 C CD1 . LEU B 1 79  ? 3.170   2.275   9.054   1.00 90.22  ? 208 LEU B CD1 1 
ATOM   1154 C CD2 . LEU B 1 79  ? 2.108   4.521   8.924   1.00 90.07  ? 208 LEU B CD2 1 
ATOM   1155 N N   . GLY B 1 80  ? 6.120   6.245   11.692  1.00 99.67  ? 209 GLY B N   1 
ATOM   1156 C CA  . GLY B 1 80  ? 7.134   6.383   12.751  1.00 105.55 ? 209 GLY B CA  1 
ATOM   1157 C C   . GLY B 1 80  ? 6.524   6.701   14.105  1.00 111.61 ? 209 GLY B C   1 
ATOM   1158 O O   . GLY B 1 80  ? 5.384   6.309   14.376  1.00 105.64 ? 209 GLY B O   1 
ATOM   1159 N N   . ARG B 1 81  ? 7.277   7.413   14.950  1.00 118.82 ? 210 ARG B N   1 
ATOM   1160 C CA  . ARG B 1 81  ? 6.789   7.827   16.276  1.00 117.97 ? 210 ARG B CA  1 
ATOM   1161 C C   . ARG B 1 81  ? 6.958   9.309   16.609  1.00 116.14 ? 210 ARG B C   1 
ATOM   1162 O O   . ARG B 1 81  ? 6.080   9.915   17.229  1.00 110.85 ? 210 ARG B O   1 
ATOM   1163 C CB  . ARG B 1 81  ? 7.414   6.971   17.367  1.00 119.72 ? 210 ARG B CB  1 
ATOM   1164 C CG  . ARG B 1 81  ? 6.643   5.688   17.627  1.00 123.44 ? 210 ARG B CG  1 
ATOM   1165 C CD  . ARG B 1 81  ? 7.313   4.468   17.011  1.00 117.62 ? 210 ARG B CD  1 
ATOM   1166 N NE  . ARG B 1 81  ? 6.712   3.227   17.511  1.00 117.41 ? 210 ARG B NE  1 
ATOM   1167 C CZ  . ARG B 1 81  ? 7.388   2.137   17.876  1.00 116.06 ? 210 ARG B CZ  1 
ATOM   1168 N NH1 . ARG B 1 81  ? 8.720   2.097   17.822  1.00 114.87 ? 210 ARG B NH1 1 
ATOM   1169 N NH2 . ARG B 1 81  ? 6.722   1.077   18.313  1.00 110.09 ? 210 ARG B NH2 1 
ATOM   1170 N N   . TRP B 1 92  ? 11.932  14.088  13.048  1.00 133.64 ? 221 TRP B N   1 
ATOM   1171 C CA  . TRP B 1 92  ? 11.096  12.893  13.029  1.00 136.31 ? 221 TRP B CA  1 
ATOM   1172 C C   . TRP B 1 92  ? 11.621  11.883  12.004  1.00 135.09 ? 221 TRP B C   1 
ATOM   1173 O O   . TRP B 1 92  ? 11.790  12.211  10.822  1.00 128.57 ? 221 TRP B O   1 
ATOM   1174 C CB  . TRP B 1 92  ? 9.647   13.281  12.729  1.00 138.97 ? 221 TRP B CB  1 
ATOM   1175 C CG  . TRP B 1 92  ? 8.660   12.137  12.702  1.00 137.12 ? 221 TRP B CG  1 
ATOM   1176 C CD1 . TRP B 1 92  ? 7.967   11.626  13.763  1.00 137.99 ? 221 TRP B CD1 1 
ATOM   1177 C CD2 . TRP B 1 92  ? 8.232   11.397  11.551  1.00 130.46 ? 221 TRP B CD2 1 
ATOM   1178 N NE1 . TRP B 1 92  ? 7.144   10.605  13.349  1.00 133.37 ? 221 TRP B NE1 1 
ATOM   1179 C CE2 . TRP B 1 92  ? 7.285   10.440  11.996  1.00 128.64 ? 221 TRP B CE2 1 
ATOM   1180 C CE3 . TRP B 1 92  ? 8.567   11.437  10.187  1.00 118.81 ? 221 TRP B CE3 1 
ATOM   1181 C CZ2 . TRP B 1 92  ? 6.662   9.534   11.127  1.00 122.58 ? 221 TRP B CZ2 1 
ATOM   1182 C CZ3 . TRP B 1 92  ? 7.954   10.531  9.324   1.00 119.14 ? 221 TRP B CZ3 1 
ATOM   1183 C CH2 . TRP B 1 92  ? 7.009   9.592   9.799   1.00 121.68 ? 221 TRP B CH2 1 
ATOM   1184 N N   . ARG B 1 93  ? 11.874  10.660  12.471  1.00 129.05 ? 222 ARG B N   1 
ATOM   1185 C CA  . ARG B 1 93  ? 12.456  9.603   11.642  1.00 120.26 ? 222 ARG B CA  1 
ATOM   1186 C C   . ARG B 1 93  ? 11.438  8.493   11.330  1.00 120.58 ? 222 ARG B C   1 
ATOM   1187 O O   . ARG B 1 93  ? 10.797  7.937   12.241  1.00 116.73 ? 222 ARG B O   1 
ATOM   1188 C CB  . ARG B 1 93  ? 13.716  9.033   12.304  1.00 114.19 ? 222 ARG B CB  1 
ATOM   1189 N N   . ALA B 1 94  ? 11.295  8.193   10.036  1.00 110.05 ? 223 ALA B N   1 
ATOM   1190 C CA  . ALA B 1 94  ? 10.378  7.162   9.555   1.00 104.62 ? 223 ALA B CA  1 
ATOM   1191 C C   . ALA B 1 94  ? 10.930  5.761   9.826   1.00 105.49 ? 223 ALA B C   1 
ATOM   1192 O O   . ALA B 1 94  ? 12.011  5.418   9.343   1.00 107.30 ? 223 ALA B O   1 
ATOM   1193 C CB  . ALA B 1 94  ? 10.110  7.351   8.072   1.00 98.04  ? 223 ALA B CB  1 
ATOM   1194 N N   . GLU B 1 95  ? 10.191  4.968   10.603  1.00 101.69 ? 224 GLU B N   1 
ATOM   1195 C CA  . GLU B 1 95  ? 10.581  3.584   10.913  1.00 103.72 ? 224 GLU B CA  1 
ATOM   1196 C C   . GLU B 1 95  ? 10.283  2.563   9.808   1.00 97.85  ? 224 GLU B C   1 
ATOM   1197 O O   . GLU B 1 95  ? 11.003  1.586   9.652   1.00 109.18 ? 224 GLU B O   1 
ATOM   1198 C CB  . GLU B 1 95  ? 10.028  3.134   12.271  1.00 112.09 ? 224 GLU B CB  1 
ATOM   1199 C CG  . GLU B 1 95  ? 11.014  3.396   13.403  1.00 123.76 ? 224 GLU B CG  1 
ATOM   1200 C CD  . GLU B 1 95  ? 10.361  3.500   14.766  1.00 130.83 ? 224 GLU B CD  1 
ATOM   1201 O OE1 . GLU B 1 95  ? 10.093  2.447   15.385  1.00 132.93 ? 224 GLU B OE1 1 
ATOM   1202 O OE2 . GLU B 1 95  ? 10.140  4.642   15.222  1.00 133.94 ? 224 GLU B OE2 1 
ATOM   1203 N N   . HIS B 1 96  ? 9.215   2.789   9.058   1.00 98.48  ? 225 HIS B N   1 
ATOM   1204 C CA  . HIS B 1 96  ? 8.888   1.979   7.886   1.00 95.16  ? 225 HIS B CA  1 
ATOM   1205 C C   . HIS B 1 96  ? 8.185   2.853   6.844   1.00 90.56  ? 225 HIS B C   1 
ATOM   1206 O O   . HIS B 1 96  ? 7.625   3.900   7.187   1.00 100.39 ? 225 HIS B O   1 
ATOM   1207 C CB  . HIS B 1 96  ? 8.029   0.757   8.282   1.00 96.42  ? 225 HIS B CB  1 
ATOM   1208 C CG  . HIS B 1 96  ? 7.734   -0.178  7.141   1.00 99.77  ? 225 HIS B CG  1 
ATOM   1209 N ND1 . HIS B 1 96  ? 6.454   -0.562  6.804   1.00 93.76  ? 225 HIS B ND1 1 
ATOM   1210 C CD2 . HIS B 1 96  ? 8.555   -0.783  6.245   1.00 97.71  ? 225 HIS B CD2 1 
ATOM   1211 C CE1 . HIS B 1 96  ? 6.498   -1.374  5.762   1.00 92.92  ? 225 HIS B CE1 1 
ATOM   1212 N NE2 . HIS B 1 96  ? 7.760   -1.520  5.401   1.00 95.58  ? 225 HIS B NE2 1 
ATOM   1213 N N   . LEU B 1 97  ? 8.238   2.445   5.577   1.00 77.84  ? 226 LEU B N   1 
ATOM   1214 C CA  . LEU B 1 97  ? 7.490   3.126   4.536   1.00 79.53  ? 226 LEU B CA  1 
ATOM   1215 C C   . LEU B 1 97  ? 7.033   2.226   3.386   1.00 84.00  ? 226 LEU B C   1 
ATOM   1216 O O   . LEU B 1 97  ? 7.546   1.124   3.211   1.00 98.75  ? 226 LEU B O   1 
ATOM   1217 C CB  . LEU B 1 97  ? 8.261   4.351   4.018   1.00 80.42  ? 226 LEU B CB  1 
ATOM   1218 C CG  . LEU B 1 97  ? 9.574   4.330   3.236   1.00 84.64  ? 226 LEU B CG  1 
ATOM   1219 C CD1 . LEU B 1 97  ? 9.430   3.857   1.792   1.00 84.94  ? 226 LEU B CD1 1 
ATOM   1220 C CD2 . LEU B 1 97  ? 10.109  5.754   3.254   1.00 87.13  ? 226 LEU B CD2 1 
ATOM   1221 N N   . ARG B 1 98  ? 6.070   2.720   2.607   1.00 78.11  ? 227 ARG B N   1 
ATOM   1222 C CA  . ARG B 1 98  ? 5.608   2.055   1.403   1.00 73.88  ? 227 ARG B CA  1 
ATOM   1223 C C   . ARG B 1 98  ? 5.604   3.035   0.229   1.00 79.02  ? 227 ARG B C   1 
ATOM   1224 O O   . ARG B 1 98  ? 4.997   4.109   0.308   1.00 81.64  ? 227 ARG B O   1 
ATOM   1225 C CB  . ARG B 1 98  ? 4.205   1.473   1.617   1.00 72.75  ? 227 ARG B CB  1 
ATOM   1226 C CG  . ARG B 1 98  ? 3.634   0.800   0.379   1.00 70.47  ? 227 ARG B CG  1 
ATOM   1227 C CD  . ARG B 1 98  ? 2.257   0.245   0.651   1.00 74.94  ? 227 ARG B CD  1 
ATOM   1228 N NE  . ARG B 1 98  ? 1.150   1.193   0.460   1.00 81.00  ? 227 ARG B NE  1 
ATOM   1229 C CZ  . ARG B 1 98  ? 0.690   1.629   -0.719  1.00 77.54  ? 227 ARG B CZ  1 
ATOM   1230 N NH1 . ARG B 1 98  ? 1.257   1.265   -1.857  1.00 77.52  ? 227 ARG B NH1 1 
ATOM   1231 N NH2 . ARG B 1 98  ? -0.341  2.450   -0.761  1.00 76.08  ? 227 ARG B NH2 1 
ATOM   1232 N N   . VAL B 1 99  ? 6.266   2.650   -0.861  1.00 74.37  ? 228 VAL B N   1 
ATOM   1233 C CA  . VAL B 1 99  ? 6.247   3.439   -2.089  1.00 73.92  ? 228 VAL B CA  1 
ATOM   1234 C C   . VAL B 1 99  ? 4.938   3.201   -2.822  1.00 77.29  ? 228 VAL B C   1 
ATOM   1235 O O   . VAL B 1 99  ? 4.657   2.078   -3.240  1.00 87.23  ? 228 VAL B O   1 
ATOM   1236 C CB  . VAL B 1 99  ? 7.436   3.094   -3.010  1.00 72.47  ? 228 VAL B CB  1 
ATOM   1237 C CG1 . VAL B 1 99  ? 7.298   3.762   -4.379  1.00 65.08  ? 228 VAL B CG1 1 
ATOM   1238 C CG2 . VAL B 1 99  ? 8.752   3.476   -2.342  1.00 72.01  ? 228 VAL B CG2 1 
ATOM   1239 N N   . LEU B 1 100 ? 4.153   4.267   -2.968  1.00 79.76  ? 229 LEU B N   1 
ATOM   1240 C CA  . LEU B 1 100 ? 2.901   4.238   -3.723  1.00 76.49  ? 229 LEU B CA  1 
ATOM   1241 C C   . LEU B 1 100 ? 3.094   3.998   -5.215  1.00 80.72  ? 229 LEU B C   1 
ATOM   1242 O O   . LEU B 1 100 ? 4.044   4.501   -5.825  1.00 81.80  ? 229 LEU B O   1 
ATOM   1243 C CB  . LEU B 1 100 ? 2.115   5.523   -3.502  1.00 72.32  ? 229 LEU B CB  1 
ATOM   1244 C CG  . LEU B 1 100 ? 1.080   5.428   -2.388  1.00 74.77  ? 229 LEU B CG  1 
ATOM   1245 C CD1 . LEU B 1 100 ? 1.709   5.587   -1.010  1.00 73.22  ? 229 LEU B CD1 1 
ATOM   1246 C CD2 . LEU B 1 100 ? -0.003  6.471   -2.617  1.00 75.88  ? 229 LEU B CD2 1 
ATOM   1247 N N   . GLY B 1 101 ? 2.188   3.212   -5.793  1.00 81.80  ? 230 GLY B N   1 
ATOM   1248 C CA  . GLY B 1 101 ? 2.230   2.910   -7.219  1.00 84.97  ? 230 GLY B CA  1 
ATOM   1249 C C   . GLY B 1 101 ? 1.800   4.125   -8.001  1.00 86.01  ? 230 GLY B C   1 
ATOM   1250 O O   . GLY B 1 101 ? 0.978   4.897   -7.514  1.00 85.13  ? 230 GLY B O   1 
ATOM   1251 N N   . ASP B 1 102 ? 2.350   4.278   -9.207  1.00 92.74  ? 231 ASP B N   1 
ATOM   1252 C CA  . ASP B 1 102 ? 2.105   5.444   -10.081 1.00 94.38  ? 231 ASP B CA  1 
ATOM   1253 C C   . ASP B 1 102 ? 0.644   5.851   -10.238 1.00 100.14 ? 231 ASP B C   1 
ATOM   1254 O O   . ASP B 1 102 ? 0.321   7.045   -10.195 1.00 104.51 ? 231 ASP B O   1 
ATOM   1255 C CB  . ASP B 1 102 ? 2.754   5.246   -11.456 1.00 96.01  ? 231 ASP B CB  1 
ATOM   1256 C CG  . ASP B 1 102 ? 4.216   5.701   -11.500 1.00 110.55 ? 231 ASP B CG  1 
ATOM   1257 O OD1 . ASP B 1 102 ? 4.803   6.032   -10.439 1.00 114.67 ? 231 ASP B OD1 1 
ATOM   1258 O OD2 . ASP B 1 102 ? 4.787   5.736   -12.615 1.00 117.92 ? 231 ASP B OD2 1 
ATOM   1259 N N   . SER B 1 103 ? -0.239  4.866   -10.383 1.00 104.39 ? 232 SER B N   1 
ATOM   1260 C CA  . SER B 1 103 ? -1.666  5.146   -10.534 1.00 100.45 ? 232 SER B CA  1 
ATOM   1261 C C   . SER B 1 103 ? -2.523  4.832   -9.292  1.00 93.13  ? 232 SER B C   1 
ATOM   1262 O O   . SER B 1 103 ? -3.753  4.810   -9.384  1.00 94.88  ? 232 SER B O   1 
ATOM   1263 C CB  . SER B 1 103 ? -2.219  4.513   -11.821 1.00 99.54  ? 232 SER B CB  1 
ATOM   1264 O OG  . SER B 1 103 ? -1.828  3.157   -11.935 1.00 111.91 ? 232 SER B OG  1 
ATOM   1265 N N   . GLU B 1 104 ? -1.883  4.630   -8.134  1.00 83.19  ? 233 GLU B N   1 
ATOM   1266 C CA  . GLU B 1 104 ? -2.597  4.620   -6.844  1.00 84.01  ? 233 GLU B CA  1 
ATOM   1267 C C   . GLU B 1 104 ? -3.199  5.992   -6.564  1.00 88.82  ? 233 GLU B C   1 
ATOM   1268 O O   . GLU B 1 104 ? -2.702  7.002   -7.065  1.00 89.45  ? 233 GLU B O   1 
ATOM   1269 C CB  . GLU B 1 104 ? -1.676  4.246   -5.683  1.00 82.16  ? 233 GLU B CB  1 
ATOM   1270 C CG  . GLU B 1 104 ? -1.468  2.759   -5.491  1.00 90.33  ? 233 GLU B CG  1 
ATOM   1271 C CD  . GLU B 1 104 ? -0.949  2.406   -4.105  1.00 94.90  ? 233 GLU B CD  1 
ATOM   1272 O OE1 . GLU B 1 104 ? -1.704  2.552   -3.111  1.00 95.76  ? 233 GLU B OE1 1 
ATOM   1273 O OE2 . GLU B 1 104 ? 0.214   1.964   -4.016  1.00 88.85  ? 233 GLU B OE2 1 
ATOM   1274 N N   . ARG B 1 105 ? -4.260  6.028   -5.761  1.00 94.62  ? 234 ARG B N   1 
ATOM   1275 C CA  . ARG B 1 105 ? -4.942  7.286   -5.448  1.00 92.44  ? 234 ARG B CA  1 
ATOM   1276 C C   . ARG B 1 105 ? -4.720  7.668   -3.982  1.00 89.91  ? 234 ARG B C   1 
ATOM   1277 O O   . ARG B 1 105 ? -5.370  7.110   -3.076  1.00 90.09  ? 234 ARG B O   1 
ATOM   1278 C CB  . ARG B 1 105 ? -6.415  7.240   -5.871  1.00 97.26  ? 234 ARG B CB  1 
ATOM   1279 C CG  . ARG B 1 105 ? -6.572  7.205   -7.391  1.00 111.07 ? 234 ARG B CG  1 
ATOM   1280 C CD  . ARG B 1 105 ? -7.926  6.683   -7.842  1.00 124.42 ? 234 ARG B CD  1 
ATOM   1281 N NE  . ARG B 1 105 ? -8.116  5.265   -7.535  1.00 135.30 ? 234 ARG B NE  1 
ATOM   1282 C CZ  . ARG B 1 105 ? -9.296  4.655   -7.429  1.00 145.92 ? 234 ARG B CZ  1 
ATOM   1283 N NH1 . ARG B 1 105 ? -10.431 5.324   -7.592  1.00 152.07 ? 234 ARG B NH1 1 
ATOM   1284 N NH2 . ARG B 1 105 ? -9.341  3.362   -7.142  1.00 157.35 ? 234 ARG B NH2 1 
ATOM   1285 N N   . PRO B 1 106 ? -3.762  8.596   -3.748  1.00 84.16  ? 235 PRO B N   1 
ATOM   1286 C CA  . PRO B 1 106 ? -3.268  8.955   -2.414  1.00 81.49  ? 235 PRO B CA  1 
ATOM   1287 C C   . PRO B 1 106 ? -4.317  9.428   -1.432  1.00 82.16  ? 235 PRO B C   1 
ATOM   1288 O O   . PRO B 1 106 ? -4.163  9.175   -0.242  1.00 85.66  ? 235 PRO B O   1 
ATOM   1289 C CB  . PRO B 1 106 ? -2.277  10.072  -2.699  1.00 80.99  ? 235 PRO B CB  1 
ATOM   1290 C CG  . PRO B 1 106 ? -1.748  9.727   -4.042  1.00 84.36  ? 235 PRO B CG  1 
ATOM   1291 C CD  . PRO B 1 106 ? -2.935  9.218   -4.798  1.00 82.14  ? 235 PRO B CD  1 
ATOM   1292 N N   . LEU B 1 107 ? -5.371  10.090  -1.913  1.00 86.43  ? 236 LEU B N   1 
ATOM   1293 C CA  . LEU B 1 107 ? -6.476  10.508  -1.045  1.00 88.17  ? 236 LEU B CA  1 
ATOM   1294 C C   . LEU B 1 107 ? -7.081  9.296   -0.326  1.00 94.65  ? 236 LEU B C   1 
ATOM   1295 O O   . LEU B 1 107 ? -7.284  9.326   0.903   1.00 91.99  ? 236 LEU B O   1 
ATOM   1296 C CB  . LEU B 1 107 ? -7.557  11.238  -1.844  1.00 87.90  ? 236 LEU B CB  1 
ATOM   1297 C CG  . LEU B 1 107 ? -8.390  12.382  -1.231  1.00 97.60  ? 236 LEU B CG  1 
ATOM   1298 C CD1 . LEU B 1 107 ? -9.717  12.479  -1.977  1.00 96.14  ? 236 LEU B CD1 1 
ATOM   1299 C CD2 . LEU B 1 107 ? -8.645  12.325  0.280   1.00 85.60  ? 236 LEU B CD2 1 
ATOM   1300 N N   . LEU B 1 108 ? -7.332  8.232   -1.096  1.00 93.68  ? 237 LEU B N   1 
ATOM   1301 C CA  . LEU B 1 108 ? -7.942  7.004   -0.576  1.00 94.01  ? 237 LEU B CA  1 
ATOM   1302 C C   . LEU B 1 108 ? -6.993  6.235   0.340   1.00 92.43  ? 237 LEU B C   1 
ATOM   1303 O O   . LEU B 1 108 ? -7.436  5.658   1.337   1.00 87.01  ? 237 LEU B O   1 
ATOM   1304 C CB  . LEU B 1 108 ? -8.479  6.111   -1.711  1.00 98.76  ? 237 LEU B CB  1 
ATOM   1305 C CG  . LEU B 1 108 ? -9.254  6.742   -2.889  1.00 105.87 ? 237 LEU B CG  1 
ATOM   1306 C CD1 . LEU B 1 108 ? -9.568  5.702   -3.959  1.00 110.11 ? 237 LEU B CD1 1 
ATOM   1307 C CD2 . LEU B 1 108 ? -10.525 7.470   -2.468  1.00 97.50  ? 237 LEU B CD2 1 
ATOM   1308 N N   . VAL B 1 109 ? -5.695  6.245   0.009   1.00 85.14  ? 238 VAL B N   1 
ATOM   1309 C CA  . VAL B 1 109 ? -4.653  5.671   0.878   1.00 80.91  ? 238 VAL B CA  1 
ATOM   1310 C C   . VAL B 1 109 ? -4.648  6.390   2.231   1.00 86.91  ? 238 VAL B C   1 
ATOM   1311 O O   . VAL B 1 109 ? -4.644  5.747   3.289   1.00 91.04  ? 238 VAL B O   1 
ATOM   1312 C CB  . VAL B 1 109 ? -3.251  5.746   0.237   1.00 79.61  ? 238 VAL B CB  1 
ATOM   1313 C CG1 . VAL B 1 109 ? -2.198  5.151   1.165   1.00 73.98  ? 238 VAL B CG1 1 
ATOM   1314 C CG2 . VAL B 1 109 ? -3.225  5.049   -1.117  1.00 81.16  ? 238 VAL B CG2 1 
ATOM   1315 N N   . GLN B 1 110 ? -4.673  7.723   2.170   1.00 91.85  ? 239 GLN B N   1 
ATOM   1316 C CA  . GLN B 1 110 ? -4.762  8.604   3.330   1.00 91.85  ? 239 GLN B CA  1 
ATOM   1317 C C   . GLN B 1 110 ? -5.973  8.275   4.200   1.00 91.19  ? 239 GLN B C   1 
ATOM   1318 O O   . GLN B 1 110 ? -5.861  8.243   5.426   1.00 82.62  ? 239 GLN B O   1 
ATOM   1319 C CB  . GLN B 1 110 ? -4.848  10.056  2.844   1.00 101.44 ? 239 GLN B CB  1 
ATOM   1320 C CG  . GLN B 1 110 ? -5.240  11.097  3.885   1.00 107.53 ? 239 GLN B CG  1 
ATOM   1321 C CD  . GLN B 1 110 ? -4.057  11.840  4.450   1.00 111.25 ? 239 GLN B CD  1 
ATOM   1322 O OE1 . GLN B 1 110 ? -3.070  11.240  4.873   1.00 121.69 ? 239 GLN B OE1 1 
ATOM   1323 N NE2 . GLN B 1 110 ? -4.150  13.161  4.462   1.00 116.15 ? 239 GLN B NE2 1 
ATOM   1324 N N   . GLU B 1 111 ? -7.115  8.025   3.555   1.00 94.92  ? 240 GLU B N   1 
ATOM   1325 C CA  . GLU B 1 111 ? -8.400  7.991   4.257   1.00 101.25 ? 240 GLU B CA  1 
ATOM   1326 C C   . GLU B 1 111 ? -8.885  6.611   4.679   1.00 100.75 ? 240 GLU B C   1 
ATOM   1327 O O   . GLU B 1 111 ? -9.340  6.445   5.813   1.00 108.68 ? 240 GLU B O   1 
ATOM   1328 C CB  . GLU B 1 111 ? -9.487  8.746   3.470   1.00 105.68 ? 240 GLU B CB  1 
ATOM   1329 C CG  . GLU B 1 111 ? -9.312  10.273  3.401   1.00 117.75 ? 240 GLU B CG  1 
ATOM   1330 C CD  . GLU B 1 111 ? -9.103  10.974  4.755   1.00 127.11 ? 240 GLU B CD  1 
ATOM   1331 O OE1 . GLU B 1 111 ? -9.725  10.580  5.771   1.00 139.78 ? 240 GLU B OE1 1 
ATOM   1332 O OE2 . GLU B 1 111 ? -8.314  11.946  4.805   1.00 118.92 ? 240 GLU B OE2 1 
ATOM   1333 N N   . LEU B 1 112 ? -8.771  5.633   3.781   1.00 99.74  ? 241 LEU B N   1 
ATOM   1334 C CA  . LEU B 1 112 ? -9.297  4.281   4.008   1.00 96.05  ? 241 LEU B CA  1 
ATOM   1335 C C   . LEU B 1 112 ? -8.446  3.442   4.954   1.00 96.45  ? 241 LEU B C   1 
ATOM   1336 O O   . LEU B 1 112 ? -8.934  2.459   5.528   1.00 95.99  ? 241 LEU B O   1 
ATOM   1337 C CB  . LEU B 1 112 ? -9.513  3.545   2.681   1.00 98.59  ? 241 LEU B CB  1 
ATOM   1338 C CG  . LEU B 1 112 ? -10.483 4.146   1.653   1.00 99.11  ? 241 LEU B CG  1 
ATOM   1339 C CD1 . LEU B 1 112 ? -10.417 3.416   0.320   1.00 90.27  ? 241 LEU B CD1 1 
ATOM   1340 C CD2 . LEU B 1 112 ? -11.907 4.168   2.185   1.00 105.10 ? 241 LEU B CD2 1 
ATOM   1341 N N   . TRP B 1 113 ? -7.174  3.825   5.096   1.00 93.10  ? 242 TRP B N   1 
ATOM   1342 C CA  . TRP B 1 113 ? -6.285  3.232   6.093   1.00 89.19  ? 242 TRP B CA  1 
ATOM   1343 C C   . TRP B 1 113 ? -5.833  4.255   7.113   1.00 88.00  ? 242 TRP B C   1 
ATOM   1344 O O   . TRP B 1 113 ? -5.675  5.427   6.793   1.00 89.87  ? 242 TRP B O   1 
ATOM   1345 C CB  . TRP B 1 113 ? -5.058  2.614   5.441   1.00 82.67  ? 242 TRP B CB  1 
ATOM   1346 C CG  . TRP B 1 113 ? -5.352  1.391   4.650   1.00 81.93  ? 242 TRP B CG  1 
ATOM   1347 C CD1 . TRP B 1 113 ? -5.480  0.115   5.126   1.00 77.95  ? 242 TRP B CD1 1 
ATOM   1348 C CD2 . TRP B 1 113 ? -5.542  1.315   3.234   1.00 76.66  ? 242 TRP B CD2 1 
ATOM   1349 N NE1 . TRP B 1 113 ? -5.737  -0.752  4.092   1.00 74.55  ? 242 TRP B NE1 1 
ATOM   1350 C CE2 . TRP B 1 113 ? -5.783  -0.043  2.919   1.00 75.56  ? 242 TRP B CE2 1 
ATOM   1351 C CE3 . TRP B 1 113 ? -5.531  2.263   2.196   1.00 79.59  ? 242 TRP B CE3 1 
ATOM   1352 C CZ2 . TRP B 1 113 ? -6.007  -0.483  1.601   1.00 82.42  ? 242 TRP B CZ2 1 
ATOM   1353 C CZ3 . TRP B 1 113 ? -5.763  1.828   0.878   1.00 81.03  ? 242 TRP B CZ3 1 
ATOM   1354 C CH2 . TRP B 1 113 ? -6.000  0.466   0.597   1.00 84.70  ? 242 TRP B CH2 1 
ATOM   1355 N N   . ARG B 1 114 ? -5.638  3.786   8.340   1.00 91.29  ? 243 ARG B N   1 
ATOM   1356 C CA  . ARG B 1 114 ? -5.047  4.566   9.419   1.00 91.04  ? 243 ARG B CA  1 
ATOM   1357 C C   . ARG B 1 114 ? -3.764  3.856   9.865   1.00 96.60  ? 243 ARG B C   1 
ATOM   1358 O O   . ARG B 1 114 ? -3.584  2.661   9.599   1.00 102.87 ? 243 ARG B O   1 
ATOM   1359 C CB  . ARG B 1 114 ? -6.039  4.678   10.584  1.00 82.22  ? 243 ARG B CB  1 
ATOM   1360 N N   . ALA B 1 115 ? -2.864  4.584   10.519  1.00 97.64  ? 244 ALA B N   1 
ATOM   1361 C CA  . ALA B 1 115 ? -1.700  3.960   11.148  1.00 97.24  ? 244 ALA B CA  1 
ATOM   1362 C C   . ALA B 1 115 ? -2.163  3.218   12.387  1.00 96.33  ? 244 ALA B C   1 
ATOM   1363 O O   . ALA B 1 115 ? -3.161  3.598   12.988  1.00 102.84 ? 244 ALA B O   1 
ATOM   1364 C CB  . ALA B 1 115 ? -0.659  5.002   11.509  1.00 97.64  ? 244 ALA B CB  1 
ATOM   1365 N N   . ARG B 1 116 ? -1.446  2.159   12.762  1.00 109.12 ? 245 ARG B N   1 
ATOM   1366 C CA  . ARG B 1 116 ? -1.739  1.406   13.991  1.00 115.46 ? 245 ARG B CA  1 
ATOM   1367 C C   . ARG B 1 116 ? -1.631  2.349   15.204  1.00 111.26 ? 245 ARG B C   1 
ATOM   1368 O O   . ARG B 1 116 ? -0.965  3.385   15.096  1.00 113.74 ? 245 ARG B O   1 
ATOM   1369 C CB  . ARG B 1 116 ? -0.825  0.167   14.116  1.00 120.13 ? 245 ARG B CB  1 
ATOM   1370 C CG  . ARG B 1 116 ? 0.433   0.355   14.958  1.00 122.52 ? 245 ARG B CG  1 
ATOM   1371 C CD  . ARG B 1 116 ? 1.131   -0.952  15.326  1.00 129.18 ? 245 ARG B CD  1 
ATOM   1372 N NE  . ARG B 1 116 ? 0.291   -1.874  16.102  1.00 135.04 ? 245 ARG B NE  1 
ATOM   1373 C CZ  . ARG B 1 116 ? 0.706   -3.019  16.650  1.00 137.15 ? 245 ARG B CZ  1 
ATOM   1374 N NH1 . ARG B 1 116 ? 1.969   -3.417  16.537  1.00 153.65 ? 245 ARG B NH1 1 
ATOM   1375 N NH2 . ARG B 1 116 ? -0.149  -3.775  17.327  1.00 133.29 ? 245 ARG B NH2 1 
ATOM   1376 N N   . PRO B 1 117 ? -2.288  2.014   16.341  1.00 113.68 ? 246 PRO B N   1 
ATOM   1377 C CA  . PRO B 1 117 ? -2.332  2.962   17.460  1.00 119.52 ? 246 PRO B CA  1 
ATOM   1378 C C   . PRO B 1 117 ? -0.946  3.256   18.040  1.00 119.07 ? 246 PRO B C   1 
ATOM   1379 O O   . PRO B 1 117 ? -0.156  2.334   18.251  1.00 117.84 ? 246 PRO B O   1 
ATOM   1380 C CB  . PRO B 1 117 ? -3.216  2.248   18.494  1.00 122.23 ? 246 PRO B CB  1 
ATOM   1381 C CG  . PRO B 1 117 ? -3.981  1.237   17.713  1.00 123.94 ? 246 PRO B CG  1 
ATOM   1382 C CD  . PRO B 1 117 ? -2.994  0.769   16.688  1.00 119.75 ? 246 PRO B CD  1 
ATOM   1383 N N   . GLY B 1 118 ? -0.665  4.539   18.266  1.00 119.01 ? 247 GLY B N   1 
ATOM   1384 C CA  . GLY B 1 118 ? 0.651   4.990   18.722  1.00 123.45 ? 247 GLY B CA  1 
ATOM   1385 C C   . GLY B 1 118 ? 1.719   5.087   17.637  1.00 127.70 ? 247 GLY B C   1 
ATOM   1386 O O   . GLY B 1 118 ? 2.912   4.942   17.928  1.00 129.67 ? 247 GLY B O   1 
ATOM   1387 N N   . TRP B 1 119 ? 1.291   5.332   16.393  1.00 120.04 ? 248 TRP B N   1 
ATOM   1388 C CA  . TRP B 1 119 ? 2.202   5.538   15.260  1.00 107.95 ? 248 TRP B CA  1 
ATOM   1389 C C   . TRP B 1 119 ? 1.841   6.790   14.476  1.00 106.85 ? 248 TRP B C   1 
ATOM   1390 O O   . TRP B 1 119 ? 0.670   7.028   14.171  1.00 110.83 ? 248 TRP B O   1 
ATOM   1391 C CB  . TRP B 1 119 ? 2.210   4.327   14.324  1.00 103.13 ? 248 TRP B CB  1 
ATOM   1392 C CG  . TRP B 1 119 ? 3.100   3.193   14.770  1.00 101.68 ? 248 TRP B CG  1 
ATOM   1393 C CD1 . TRP B 1 119 ? 2.879   2.349   15.816  1.00 99.47  ? 248 TRP B CD1 1 
ATOM   1394 C CD2 . TRP B 1 119 ? 4.342   2.776   14.173  1.00 103.19 ? 248 TRP B CD2 1 
ATOM   1395 N NE1 . TRP B 1 119 ? 3.899   1.433   15.915  1.00 101.87 ? 248 TRP B NE1 1 
ATOM   1396 C CE2 . TRP B 1 119 ? 4.813   1.668   14.923  1.00 100.49 ? 248 TRP B CE2 1 
ATOM   1397 C CE3 . TRP B 1 119 ? 5.106   3.232   13.080  1.00 105.83 ? 248 TRP B CE3 1 
ATOM   1398 C CZ2 . TRP B 1 119 ? 6.018   0.997   14.614  1.00 93.95  ? 248 TRP B CZ2 1 
ATOM   1399 C CZ3 . TRP B 1 119 ? 6.316   2.562   12.769  1.00 101.25 ? 248 TRP B CZ3 1 
ATOM   1400 C CH2 . TRP B 1 119 ? 6.750   1.457   13.539  1.00 97.22  ? 248 TRP B CH2 1 
ATOM   1401 N N   . ALA B 1 120 ? 2.853   7.595   14.165  1.00 103.60 ? 249 ALA B N   1 
ATOM   1402 C CA  . ALA B 1 120 ? 2.677   8.744   13.286  1.00 102.68 ? 249 ALA B CA  1 
ATOM   1403 C C   . ALA B 1 120 ? 2.650   8.245   11.851  1.00 105.24 ? 249 ALA B C   1 
ATOM   1404 O O   . ALA B 1 120 ? 3.108   7.137   11.561  1.00 115.51 ? 249 ALA B O   1 
ATOM   1405 C CB  . ALA B 1 120 ? 3.792   9.760   13.484  1.00 101.79 ? 249 ALA B CB  1 
ATOM   1406 N N   . ARG B 1 121 ? 2.104   9.063   10.961  1.00 96.09  ? 250 ARG B N   1 
ATOM   1407 C CA  . ARG B 1 121 ? 1.936   8.694   9.567   1.00 89.62  ? 250 ARG B CA  1 
ATOM   1408 C C   . ARG B 1 121 ? 1.962   9.964   8.743   1.00 85.57  ? 250 ARG B C   1 
ATOM   1409 O O   . ARG B 1 121 ? 1.371   10.962  9.153   1.00 94.69  ? 250 ARG B O   1 
ATOM   1410 C CB  . ARG B 1 121 ? 0.608   7.942   9.389   1.00 91.15  ? 250 ARG B CB  1 
ATOM   1411 C CG  . ARG B 1 121 ? 0.136   7.766   7.956   1.00 87.88  ? 250 ARG B CG  1 
ATOM   1412 C CD  . ARG B 1 121 ? -0.922  6.692   7.881   1.00 87.23  ? 250 ARG B CD  1 
ATOM   1413 N NE  . ARG B 1 121 ? -1.127  6.280   6.501   1.00 84.56  ? 250 ARG B NE  1 
ATOM   1414 C CZ  . ARG B 1 121 ? -2.301  6.286   5.879   1.00 90.10  ? 250 ARG B CZ  1 
ATOM   1415 N NH1 . ARG B 1 121 ? -2.373  5.894   4.610   1.00 90.05  ? 250 ARG B NH1 1 
ATOM   1416 N NH2 . ARG B 1 121 ? -3.400  6.674   6.519   1.00 85.77  ? 250 ARG B NH2 1 
ATOM   1417 N N   . ARG B 1 122 ? 2.643   9.929   7.597   1.00 79.41  ? 251 ARG B N   1 
ATOM   1418 C CA  . ARG B 1 122 ? 2.712   11.077  6.686   1.00 82.59  ? 251 ARG B CA  1 
ATOM   1419 C C   . ARG B 1 122 ? 3.200   10.693  5.293   1.00 82.75  ? 251 ARG B C   1 
ATOM   1420 O O   . ARG B 1 122 ? 3.956   9.732   5.139   1.00 86.79  ? 251 ARG B O   1 
ATOM   1421 C CB  . ARG B 1 122 ? 3.598   12.196  7.258   1.00 88.21  ? 251 ARG B CB  1 
ATOM   1422 C CG  . ARG B 1 122 ? 4.977   11.744  7.695   1.00 94.95  ? 251 ARG B CG  1 
ATOM   1423 C CD  . ARG B 1 122 ? 6.059   12.718  7.269   1.00 107.34 ? 251 ARG B CD  1 
ATOM   1424 N NE  . ARG B 1 122 ? 6.602   13.483  8.391   1.00 120.41 ? 251 ARG B NE  1 
ATOM   1425 C CZ  . ARG B 1 122 ? 7.785   14.095  8.387   1.00 125.26 ? 251 ARG B CZ  1 
ATOM   1426 N NH1 . ARG B 1 122 ? 8.182   14.761  9.463   1.00 136.79 ? 251 ARG B NH1 1 
ATOM   1427 N NH2 . ARG B 1 122 ? 8.582   14.036  7.321   1.00 115.52 ? 251 ARG B NH2 1 
ATOM   1428 N N   . PHE B 1 123 ? 2.767   11.460  4.293   1.00 79.24  ? 252 PHE B N   1 
ATOM   1429 C CA  . PHE B 1 123 ? 3.223   11.294  2.919   1.00 80.70  ? 252 PHE B CA  1 
ATOM   1430 C C   . PHE B 1 123 ? 4.570   11.974  2.743   1.00 81.65  ? 252 PHE B C   1 
ATOM   1431 O O   . PHE B 1 123 ? 4.787   13.059  3.266   1.00 87.90  ? 252 PHE B O   1 
ATOM   1432 C CB  . PHE B 1 123 ? 2.196   11.836  1.911   1.00 86.13  ? 252 PHE B CB  1 
ATOM   1433 C CG  . PHE B 1 123 ? 0.988   10.953  1.735   1.00 95.78  ? 252 PHE B CG  1 
ATOM   1434 C CD1 . PHE B 1 123 ? 1.075   9.744   1.028   1.00 103.62 ? 252 PHE B CD1 1 
ATOM   1435 C CD2 . PHE B 1 123 ? -0.245  11.326  2.267   1.00 98.91  ? 252 PHE B CD2 1 
ATOM   1436 C CE1 . PHE B 1 123 ? -0.040  8.925   0.868   1.00 102.08 ? 252 PHE B CE1 1 
ATOM   1437 C CE2 . PHE B 1 123 ? -1.359  10.511  2.114   1.00 100.67 ? 252 PHE B CE2 1 
ATOM   1438 C CZ  . PHE B 1 123 ? -1.257  9.311   1.416   1.00 103.22 ? 252 PHE B CZ  1 
ATOM   1439 N N   . GLU B 1 124 ? 5.473   11.321  2.015   1.00 83.96  ? 253 GLU B N   1 
ATOM   1440 C CA  . GLU B 1 124 ? 6.833   11.817  1.827   1.00 84.11  ? 253 GLU B CA  1 
ATOM   1441 C C   . GLU B 1 124 ? 7.266   11.735  0.385   1.00 86.04  ? 253 GLU B C   1 
ATOM   1442 O O   . GLU B 1 124 ? 6.919   10.789  -0.321  1.00 88.36  ? 253 GLU B O   1 
ATOM   1443 C CB  . GLU B 1 124 ? 7.827   11.054  2.695   1.00 86.25  ? 253 GLU B CB  1 
ATOM   1444 C CG  . GLU B 1 124 ? 7.864   11.508  4.150   1.00 98.87  ? 253 GLU B CG  1 
ATOM   1445 C CD  . GLU B 1 124 ? 8.792   10.670  5.020   1.00 106.68 ? 253 GLU B CD  1 
ATOM   1446 O OE1 . GLU B 1 124 ? 9.494   9.791   4.483   1.00 108.15 ? 253 GLU B OE1 1 
ATOM   1447 O OE2 . GLU B 1 124 ? 8.823   10.887  6.253   1.00 110.25 ? 253 GLU B OE2 1 
ATOM   1448 N N   . LEU B 1 125 ? 8.023   12.746  -0.035  1.00 86.10  ? 254 LEU B N   1 
ATOM   1449 C CA  . LEU B 1 125 ? 8.600   12.806  -1.367  1.00 89.90  ? 254 LEU B CA  1 
ATOM   1450 C C   . LEU B 1 125 ? 10.068  12.440  -1.221  1.00 92.61  ? 254 LEU B C   1 
ATOM   1451 O O   . LEU B 1 125 ? 10.805  13.083  -0.471  1.00 98.20  ? 254 LEU B O   1 
ATOM   1452 C CB  . LEU B 1 125 ? 8.404   14.201  -1.971  1.00 94.49  ? 254 LEU B CB  1 
ATOM   1453 C CG  . LEU B 1 125 ? 8.522   14.525  -3.472  1.00 93.70  ? 254 LEU B CG  1 
ATOM   1454 C CD1 . LEU B 1 125 ? 9.766   15.343  -3.761  1.00 98.05  ? 254 LEU B CD1 1 
ATOM   1455 C CD2 . LEU B 1 125 ? 8.455   13.317  -4.394  1.00 98.61  ? 254 LEU B CD2 1 
ATOM   1456 N N   . ARG B 1 126 ? 10.466  11.370  -1.903  1.00 88.95  ? 255 ARG B N   1 
ATOM   1457 C CA  . ARG B 1 126 ? 11.772  10.742  -1.711  1.00 88.09  ? 255 ARG B CA  1 
ATOM   1458 C C   . ARG B 1 126 ? 12.354  10.318  -3.041  1.00 90.76  ? 255 ARG B C   1 
ATOM   1459 O O   . ARG B 1 126 ? 11.624  10.150  -4.023  1.00 94.24  ? 255 ARG B O   1 
ATOM   1460 C CB  . ARG B 1 126 ? 11.657  9.511   -0.799  1.00 85.86  ? 255 ARG B CB  1 
ATOM   1461 C CG  . ARG B 1 126 ? 11.550  9.826   0.682   1.00 85.71  ? 255 ARG B CG  1 
ATOM   1462 C CD  . ARG B 1 126 ? 12.076  8.683   1.524   1.00 86.05  ? 255 ARG B CD  1 
ATOM   1463 N NE  . ARG B 1 126 ? 12.927  9.183   2.605   1.00 92.23  ? 255 ARG B NE  1 
ATOM   1464 C CZ  . ARG B 1 126 ? 12.619  9.162   3.902   1.00 99.32  ? 255 ARG B CZ  1 
ATOM   1465 N NH1 . ARG B 1 126 ? 11.478  8.645   4.327   1.00 102.15 ? 255 ARG B NH1 1 
ATOM   1466 N NH2 . ARG B 1 126 ? 13.471  9.652   4.790   1.00 111.20 ? 255 ARG B NH2 1 
ATOM   1467 N N   . GLY B 1 127 ? 13.675  10.154  -3.075  1.00 91.42  ? 256 GLY B N   1 
ATOM   1468 C CA  . GLY B 1 127 ? 14.331  9.542   -4.223  1.00 91.59  ? 256 GLY B CA  1 
ATOM   1469 C C   . GLY B 1 127 ? 13.836  8.113   -4.302  1.00 92.64  ? 256 GLY B C   1 
ATOM   1470 O O   . GLY B 1 127 ? 13.679  7.453   -3.263  1.00 94.01  ? 256 GLY B O   1 
ATOM   1471 N N   . ARG B 1 128 ? 13.573  7.644   -5.520  1.00 87.48  ? 257 ARG B N   1 
ATOM   1472 C CA  . ARG B 1 128 ? 12.982  6.327   -5.723  1.00 87.60  ? 257 ARG B CA  1 
ATOM   1473 C C   . ARG B 1 128 ? 13.852  5.172   -5.203  1.00 94.97  ? 257 ARG B C   1 
ATOM   1474 O O   . ARG B 1 128 ? 13.363  4.343   -4.429  1.00 93.25  ? 257 ARG B O   1 
ATOM   1475 C CB  . ARG B 1 128 ? 12.591  6.123   -7.182  1.00 88.40  ? 257 ARG B CB  1 
ATOM   1476 C CG  . ARG B 1 128 ? 11.485  5.113   -7.352  1.00 89.17  ? 257 ARG B CG  1 
ATOM   1477 C CD  . ARG B 1 128 ? 10.834  5.216   -8.710  1.00 96.67  ? 257 ARG B CD  1 
ATOM   1478 N NE  . ARG B 1 128 ? 9.522   4.585   -8.660  1.00 108.69 ? 257 ARG B NE  1 
ATOM   1479 C CZ  . ARG B 1 128 ? 8.383   5.230   -8.428  1.00 107.55 ? 257 ARG B CZ  1 
ATOM   1480 N NH1 . ARG B 1 128 ? 7.234   4.565   -8.381  1.00 110.03 ? 257 ARG B NH1 1 
ATOM   1481 N NH2 . ARG B 1 128 ? 8.386   6.540   -8.252  1.00 108.38 ? 257 ARG B NH2 1 
ATOM   1482 N N   . GLU B 1 129 ? 15.129  5.138   -5.602  1.00 95.65  ? 258 GLU B N   1 
ATOM   1483 C CA  . GLU B 1 129 ? 16.045  4.078   -5.174  1.00 93.92  ? 258 GLU B CA  1 
ATOM   1484 C C   . GLU B 1 129 ? 16.255  4.087   -3.658  1.00 95.20  ? 258 GLU B C   1 
ATOM   1485 O O   . GLU B 1 129 ? 16.315  3.021   -3.046  1.00 107.17 ? 258 GLU B O   1 
ATOM   1486 C CB  . GLU B 1 129 ? 17.381  4.130   -5.923  1.00 89.83  ? 258 GLU B CB  1 
ATOM   1487 N N   . GLU B 1 130 ? 16.347  5.274   -3.060  1.00 92.00  ? 259 GLU B N   1 
ATOM   1488 C CA  . GLU B 1 130 ? 16.454  5.401   -1.601  1.00 100.69 ? 259 GLU B CA  1 
ATOM   1489 C C   . GLU B 1 130 ? 15.226  4.810   -0.891  1.00 105.01 ? 259 GLU B C   1 
ATOM   1490 O O   . GLU B 1 130 ? 15.357  4.105   0.115   1.00 110.18 ? 259 GLU B O   1 
ATOM   1491 C CB  . GLU B 1 130 ? 16.644  6.866   -1.183  1.00 104.80 ? 259 GLU B CB  1 
ATOM   1492 C CG  . GLU B 1 130 ? 16.886  7.077   0.313   1.00 119.36 ? 259 GLU B CG  1 
ATOM   1493 C CD  . GLU B 1 130 ? 16.080  8.226   0.923   1.00 137.55 ? 259 GLU B CD  1 
ATOM   1494 O OE1 . GLU B 1 130 ? 16.203  8.440   2.151   1.00 142.72 ? 259 GLU B OE1 1 
ATOM   1495 O OE2 . GLU B 1 130 ? 15.318  8.918   0.201   1.00 147.82 ? 259 GLU B OE2 1 
ATOM   1496 N N   . ALA B 1 131 ? 14.043  5.104   -1.427  1.00 100.41 ? 260 ALA B N   1 
ATOM   1497 C CA  . ALA B 1 131 ? 12.788  4.707   -0.805  1.00 92.84  ? 260 ALA B CA  1 
ATOM   1498 C C   . ALA B 1 131 ? 12.541  3.206   -0.955  1.00 95.77  ? 260 ALA B C   1 
ATOM   1499 O O   . ALA B 1 131 ? 12.182  2.543   0.024   1.00 90.70  ? 260 ALA B O   1 
ATOM   1500 C CB  . ALA B 1 131 ? 11.643  5.515   -1.381  1.00 91.89  ? 260 ALA B CB  1 
ATOM   1501 N N   . ARG B 1 132 ? 12.756  2.683   -2.172  1.00 98.65  ? 261 ARG B N   1 
ATOM   1502 C CA  . ARG B 1 132 ? 12.642  1.244   -2.463  1.00 90.55  ? 261 ARG B CA  1 
ATOM   1503 C C   . ARG B 1 132 ? 13.611  0.445   -1.586  1.00 89.19  ? 261 ARG B C   1 
ATOM   1504 O O   . ARG B 1 132 ? 13.288  -0.658  -1.165  1.00 98.33  ? 261 ARG B O   1 
ATOM   1505 C CB  . ARG B 1 132 ? 12.767  0.925   -3.978  1.00 85.94  ? 261 ARG B CB  1 
ATOM   1506 C CG  . ARG B 1 132 ? 11.427  0.867   -4.752  1.00 93.33  ? 261 ARG B CG  1 
ATOM   1507 C CD  . ARG B 1 132 ? 11.626  0.847   -6.282  1.00 113.18 ? 261 ARG B CD  1 
ATOM   1508 N NE  . ARG B 1 132 ? 10.382  0.889   -7.093  1.00 117.93 ? 261 ARG B NE  1 
ATOM   1509 C CZ  . ARG B 1 132 ? 10.311  1.067   -8.429  1.00 105.83 ? 261 ARG B CZ  1 
ATOM   1510 N NH1 . ARG B 1 132 ? 11.390  1.236   -9.186  1.00 94.61  ? 261 ARG B NH1 1 
ATOM   1511 N NH2 . ARG B 1 132 ? 9.134   1.082   -9.028  1.00 99.79  ? 261 ARG B NH2 1 
ATOM   1512 N N   . ARG B 1 133 ? 14.767  1.029   -1.270  1.00 93.80  ? 262 ARG B N   1 
ATOM   1513 C CA  . ARG B 1 133 ? 15.707  0.456   -0.303  1.00 96.92  ? 262 ARG B CA  1 
ATOM   1514 C C   . ARG B 1 133 ? 15.129  0.408   1.103   1.00 98.32  ? 262 ARG B C   1 
ATOM   1515 O O   . ARG B 1 133 ? 15.108  -0.658  1.714   1.00 115.92 ? 262 ARG B O   1 
ATOM   1516 C CB  . ARG B 1 133 ? 17.012  1.242   -0.258  1.00 103.59 ? 262 ARG B CB  1 
ATOM   1517 C CG  . ARG B 1 133 ? 18.114  0.773   -1.191  1.00 110.83 ? 262 ARG B CG  1 
ATOM   1518 C CD  . ARG B 1 133 ? 19.487  0.985   -0.556  1.00 119.33 ? 262 ARG B CD  1 
ATOM   1519 N NE  . ARG B 1 133 ? 19.539  2.113   0.389   1.00 123.94 ? 262 ARG B NE  1 
ATOM   1520 C CZ  . ARG B 1 133 ? 19.701  3.397   0.057   1.00 128.49 ? 262 ARG B CZ  1 
ATOM   1521 N NH1 . ARG B 1 133 ? 19.731  4.321   1.014   1.00 116.15 ? 262 ARG B NH1 1 
ATOM   1522 N NH2 . ARG B 1 133 ? 19.825  3.768   -1.218  1.00 129.92 ? 262 ARG B NH2 1 
ATOM   1523 N N   . LEU B 1 134 ? 14.663  1.555   1.607   1.00 99.54  ? 263 LEU B N   1 
ATOM   1524 C CA  . LEU B 1 134 ? 14.121  1.674   2.973   1.00 101.13 ? 263 LEU B CA  1 
ATOM   1525 C C   . LEU B 1 134 ? 12.888  0.812   3.241   1.00 103.86 ? 263 LEU B C   1 
ATOM   1526 O O   . LEU B 1 134 ? 12.504  0.626   4.405   1.00 113.20 ? 263 LEU B O   1 
ATOM   1527 C CB  . LEU B 1 134 ? 13.797  3.131   3.326   1.00 107.53 ? 263 LEU B CB  1 
ATOM   1528 C CG  . LEU B 1 134 ? 14.883  4.205   3.410   1.00 105.29 ? 263 LEU B CG  1 
ATOM   1529 C CD1 . LEU B 1 134 ? 14.242  5.518   3.831   1.00 98.87  ? 263 LEU B CD1 1 
ATOM   1530 C CD2 . LEU B 1 134 ? 16.011  3.819   4.359   1.00 108.59 ? 263 LEU B CD2 1 
ATOM   1531 N N   . GLU B 1 135 ? 12.276  0.303   2.167   1.00 99.44  ? 264 GLU B N   1 
ATOM   1532 C CA  . GLU B 1 135 ? 11.204  -0.684  2.253   1.00 96.54  ? 264 GLU B CA  1 
ATOM   1533 C C   . GLU B 1 135 ? 11.668  -2.011  2.862   1.00 103.24 ? 264 GLU B C   1 
ATOM   1534 O O   . GLU B 1 135 ? 10.850  -2.734  3.430   1.00 111.73 ? 264 GLU B O   1 
ATOM   1535 C CB  . GLU B 1 135 ? 10.562  -0.911  0.887   1.00 96.81  ? 264 GLU B CB  1 
ATOM   1536 C CG  . GLU B 1 135 ? 9.452   0.081   0.556   1.00 107.50 ? 264 GLU B CG  1 
ATOM   1537 C CD  . GLU B 1 135 ? 8.695   -0.241  -0.735  1.00 117.27 ? 264 GLU B CD  1 
ATOM   1538 O OE1 . GLU B 1 135 ? 7.458   -0.460  -0.661  1.00 118.97 ? 264 GLU B OE1 1 
ATOM   1539 O OE2 . GLU B 1 135 ? 9.325   -0.269  -1.827  1.00 114.10 ? 264 GLU B OE2 1 
ATOM   1540 N N   . GLN B 1 136 ? 12.970  -2.307  2.757   1.00 105.68 ? 265 GLN B N   1 
ATOM   1541 C CA  . GLN B 1 136 ? 13.592  -3.507  3.355   1.00 101.63 ? 265 GLN B CA  1 
ATOM   1542 C C   . GLN B 1 136 ? 14.072  -3.368  4.799   1.00 102.91 ? 265 GLN B C   1 
ATOM   1543 O O   . GLN B 1 136 ? 13.991  -4.342  5.555   1.00 100.38 ? 265 GLN B O   1 
ATOM   1544 C CB  . GLN B 1 136 ? 14.726  -4.036  2.483   1.00 110.71 ? 265 GLN B CB  1 
ATOM   1545 C CG  . GLN B 1 136 ? 14.283  -5.064  1.452   1.00 121.41 ? 265 GLN B CG  1 
ATOM   1546 C CD  . GLN B 1 136 ? 13.320  -4.507  0.414   1.00 122.28 ? 265 GLN B CD  1 
ATOM   1547 O OE1 . GLN B 1 136 ? 13.347  -3.319  0.092   1.00 126.68 ? 265 GLN B OE1 1 
ATOM   1548 N NE2 . GLN B 1 136 ? 12.461  -5.374  -0.113  1.00 131.77 ? 265 GLN B NE2 1 
ATOM   1549 N N   . GLU B 1 137 ? 14.589  -2.190  5.170   1.00 107.54 ? 266 GLU B N   1 
ATOM   1550 C CA  . GLU B 1 137 ? 14.961  -1.901  6.572   1.00 119.73 ? 266 GLU B CA  1 
ATOM   1551 C C   . GLU B 1 137 ? 13.784  -2.170  7.548   1.00 140.12 ? 266 GLU B C   1 
ATOM   1552 O O   . GLU B 1 137 ? 12.881  -1.327  7.717   1.00 146.30 ? 266 GLU B O   1 
ATOM   1553 C CB  . GLU B 1 137 ? 15.535  -0.484  6.727   1.00 98.13  ? 266 GLU B CB  1 
ATOM   1554 N N   . ALA B 1 138 ? 13.827  -3.365  8.160   1.00 144.23 ? 267 ALA B N   1 
ATOM   1555 C CA  . ALA B 1 138 ? 12.741  -3.962  8.970   1.00 141.88 ? 267 ALA B CA  1 
ATOM   1556 C C   . ALA B 1 138 ? 12.241  -3.099  10.133  1.00 141.04 ? 267 ALA B C   1 
ATOM   1557 O O   . ALA B 1 138 ? 12.825  -3.088  11.217  1.00 147.48 ? 267 ALA B O   1 
ATOM   1558 C CB  . ALA B 1 138 ? 13.155  -5.349  9.467   1.00 132.31 ? 267 ALA B CB  1 
HETATM 1559 C C1  . GOL C 2 .   ? -2.437  -0.268  2.717   1.00 101.30 ? 301 GOL A C1  1 
HETATM 1560 O O1  . GOL C 2 .   ? -2.222  -1.674  2.861   1.00 97.86  ? 301 GOL A O1  1 
HETATM 1561 C C2  . GOL C 2 .   ? -1.500  0.481   3.643   1.00 96.95  ? 301 GOL A C2  1 
HETATM 1562 O O2  . GOL C 2 .   ? -0.167  -0.030  3.503   1.00 107.50 ? 301 GOL A O2  1 
HETATM 1563 C C3  . GOL C 2 .   ? -1.550  1.947   3.247   1.00 94.15  ? 301 GOL A C3  1 
HETATM 1564 O O3  . GOL C 2 .   ? -0.695  2.209   2.126   1.00 84.76  ? 301 GOL A O3  1 
HETATM 1565 O O   . HOH D 3 .   ? -6.027  -26.304 5.500   1.00 77.51  ? 401 HOH A O   1 
HETATM 1566 O O   . HOH D 3 .   ? -8.466  3.259   12.532  1.00 115.33 ? 402 HOH A O   1 
HETATM 1567 O O   . HOH D 3 .   ? 5.582   -10.324 5.936   1.00 72.02  ? 403 HOH A O   1 
HETATM 1568 O O   . HOH D 3 .   ? -18.187 5.260   6.457   1.00 109.42 ? 404 HOH A O   1 
HETATM 1569 O O   . HOH D 3 .   ? -6.272  -22.962 7.436   1.00 87.41  ? 405 HOH A O   1 
HETATM 1570 O O   . HOH D 3 .   ? 5.199   -6.050  -8.141  1.00 87.97  ? 406 HOH A O   1 
HETATM 1571 O O   . HOH D 3 .   ? -6.985  -3.861  10.467  1.00 102.94 ? 407 HOH A O   1 
HETATM 1572 O O   . HOH E 3 .   ? -5.967  10.608  -4.594  1.00 87.90  ? 301 HOH B O   1 
HETATM 1573 O O   . HOH E 3 .   ? -3.313  7.924   10.008  1.00 86.15  ? 302 HOH B O   1 
# 
loop_
_pdbx_poly_seq_scheme.asym_id 
_pdbx_poly_seq_scheme.entity_id 
_pdbx_poly_seq_scheme.seq_id 
_pdbx_poly_seq_scheme.mon_id 
_pdbx_poly_seq_scheme.ndb_seq_num 
_pdbx_poly_seq_scheme.pdb_seq_num 
_pdbx_poly_seq_scheme.auth_seq_num 
_pdbx_poly_seq_scheme.pdb_mon_id 
_pdbx_poly_seq_scheme.auth_mon_id 
_pdbx_poly_seq_scheme.pdb_strand_id 
_pdbx_poly_seq_scheme.pdb_ins_code 
_pdbx_poly_seq_scheme.hetero 
A 1 1   GLY 1   130 ?   ?   ?   A . n 
A 1 2   ALA 2   131 ?   ?   ?   A . n 
A 1 3   MET 3   132 ?   ?   ?   A . n 
A 1 4   GLY 4   133 ?   ?   ?   A . n 
A 1 5   GLU 5   134 ?   ?   ?   A . n 
A 1 6   PRO 6   135 ?   ?   ?   A . n 
A 1 7   PRO 7   136 ?   ?   ?   A . n 
A 1 8   LEU 8   137 ?   ?   ?   A . n 
A 1 9   ALA 9   138 ?   ?   ?   A . n 
A 1 10  THR 10  139 ?   ?   ?   A . n 
A 1 11  ARG 11  140 ?   ?   ?   A . n 
A 1 12  ALA 12  141 ?   ?   ?   A . n 
A 1 13  THR 13  142 ?   ?   ?   A . n 
A 1 14  ALA 14  143 ?   ?   ?   A . n 
A 1 15  PRO 15  144 144 PRO PRO A . n 
A 1 16  PRO 16  145 145 PRO PRO A . n 
A 1 17  GLY 17  146 146 GLY GLY A . n 
A 1 18  VAL 18  147 147 VAL VAL A . n 
A 1 19  LEU 19  148 148 LEU LEU A . n 
A 1 20  LYS 20  149 149 LYS LYS A . n 
A 1 21  ILE 21  150 150 ILE ILE A . n 
A 1 22  PHE 22  151 151 PHE PHE A . n 
A 1 23  GLY 23  152 152 GLY GLY A . n 
A 1 24  ALA 24  153 153 ALA ALA A . n 
A 1 25  GLY 25  154 ?   ?   ?   A . n 
A 1 26  LEU 26  155 ?   ?   ?   A . n 
A 1 27  ALA 27  156 ?   ?   ?   A . n 
A 1 28  SER 28  157 ?   ?   ?   A . n 
A 1 29  GLY 29  158 ?   ?   ?   A . n 
A 1 30  ALA 30  159 159 ALA ALA A . n 
A 1 31  ASN 31  160 160 ASN ASN A . n 
A 1 32  TYR 32  161 161 TYR TYR A . n 
A 1 33  LYS 33  162 162 LYS LYS A . n 
A 1 34  SER 34  163 163 SER SER A . n 
A 1 35  VAL 35  164 164 VAL VAL A . n 
A 1 36  LEU 36  165 165 LEU LEU A . n 
A 1 37  ALA 37  166 166 ALA ALA A . n 
A 1 38  THR 38  167 167 THR THR A . n 
A 1 39  ALA 39  168 168 ALA ALA A . n 
A 1 40  ARG 40  169 169 ARG ARG A . n 
A 1 41  SER 41  170 170 SER SER A . n 
A 1 42  THR 42  171 171 THR THR A . n 
A 1 43  ALA 43  172 172 ALA ALA A . n 
A 1 44  ARG 44  173 173 ARG ARG A . n 
A 1 45  GLU 45  174 174 GLU GLU A . n 
A 1 46  LEU 46  175 175 LEU LEU A . n 
A 1 47  VAL 47  176 176 VAL VAL A . n 
A 1 48  ALA 48  177 177 ALA ALA A . n 
A 1 49  GLU 49  178 178 GLU GLU A . n 
A 1 50  ALA 50  179 179 ALA ALA A . n 
A 1 51  LEU 51  180 180 LEU LEU A . n 
A 1 52  GLU 52  181 181 GLU GLU A . n 
A 1 53  ARG 53  182 182 ARG ARG A . n 
A 1 54  TYR 54  183 183 TYR TYR A . n 
A 1 55  GLY 55  184 184 GLY GLY A . n 
A 1 56  LEU 56  185 185 LEU LEU A . n 
A 1 57  ALA 57  186 186 ALA ALA A . n 
A 1 58  GLY 58  187 ?   ?   ?   A . n 
A 1 59  SER 59  188 ?   ?   ?   A . n 
A 1 60  PRO 60  189 ?   ?   ?   A . n 
A 1 61  GLY 61  190 ?   ?   ?   A . n 
A 1 62  GLY 62  191 ?   ?   ?   A . n 
A 1 63  GLY 63  192 ?   ?   ?   A . n 
A 1 64  PRO 64  193 ?   ?   ?   A . n 
A 1 65  GLY 65  194 ?   ?   ?   A . n 
A 1 66  GLU 66  195 ?   ?   ?   A . n 
A 1 67  SER 67  196 ?   ?   ?   A . n 
A 1 68  SER 68  197 ?   ?   ?   A . n 
A 1 69  CYS 69  198 198 CYS CYS A . n 
A 1 70  VAL 70  199 199 VAL VAL A . n 
A 1 71  ASP 71  200 200 ASP ASP A . n 
A 1 72  ALA 72  201 201 ALA ALA A . n 
A 1 73  PHE 73  202 202 PHE PHE A . n 
A 1 74  ALA 74  203 203 ALA ALA A . n 
A 1 75  LEU 75  204 204 LEU LEU A . n 
A 1 76  CYS 76  205 205 CYS CYS A . n 
A 1 77  ASP 77  206 206 ASP ASP A . n 
A 1 78  ALA 78  207 207 ALA ALA A . n 
A 1 79  LEU 79  208 208 LEU LEU A . n 
A 1 80  GLY 80  209 209 GLY GLY A . n 
A 1 81  ARG 81  210 210 ARG ARG A . n 
A 1 82  PRO 82  211 211 PRO PRO A . n 
A 1 83  ALA 83  212 ?   ?   ?   A . n 
A 1 84  ALA 84  213 ?   ?   ?   A . n 
A 1 85  ALA 85  214 ?   ?   ?   A . n 
A 1 86  GLY 86  215 ?   ?   ?   A . n 
A 1 87  VAL 87  216 ?   ?   ?   A . n 
A 1 88  GLY 88  217 ?   ?   ?   A . n 
A 1 89  SER 89  218 ?   ?   ?   A . n 
A 1 90  GLY 90  219 ?   ?   ?   A . n 
A 1 91  GLU 91  220 ?   ?   ?   A . n 
A 1 92  TRP 92  221 221 TRP TRP A . n 
A 1 93  ARG 93  222 222 ARG ARG A . n 
A 1 94  ALA 94  223 223 ALA ALA A . n 
A 1 95  GLU 95  224 224 GLU GLU A . n 
A 1 96  HIS 96  225 225 HIS HIS A . n 
A 1 97  LEU 97  226 226 LEU LEU A . n 
A 1 98  ARG 98  227 227 ARG ARG A . n 
A 1 99  VAL 99  228 228 VAL VAL A . n 
A 1 100 LEU 100 229 229 LEU LEU A . n 
A 1 101 GLY 101 230 230 GLY GLY A . n 
A 1 102 ASP 102 231 231 ASP ASP A . n 
A 1 103 SER 103 232 232 SER SER A . n 
A 1 104 GLU 104 233 233 GLU GLU A . n 
A 1 105 ARG 105 234 234 ARG ARG A . n 
A 1 106 PRO 106 235 235 PRO PRO A . n 
A 1 107 LEU 107 236 236 LEU LEU A . n 
A 1 108 LEU 108 237 237 LEU LEU A . n 
A 1 109 VAL 109 238 238 VAL VAL A . n 
A 1 110 GLN 110 239 239 GLN GLN A . n 
A 1 111 GLU 111 240 240 GLU GLU A . n 
A 1 112 LEU 112 241 241 LEU LEU A . n 
A 1 113 TRP 113 242 242 TRP TRP A . n 
A 1 114 ARG 114 243 243 ARG ARG A . n 
A 1 115 ALA 115 244 244 ALA ALA A . n 
A 1 116 ARG 116 245 245 ARG ARG A . n 
A 1 117 PRO 117 246 246 PRO PRO A . n 
A 1 118 GLY 118 247 247 GLY GLY A . n 
A 1 119 TRP 119 248 248 TRP TRP A . n 
A 1 120 ALA 120 249 249 ALA ALA A . n 
A 1 121 ARG 121 250 250 ARG ARG A . n 
A 1 122 ARG 122 251 251 ARG ARG A . n 
A 1 123 PHE 123 252 252 PHE PHE A . n 
A 1 124 GLU 124 253 253 GLU GLU A . n 
A 1 125 LEU 125 254 254 LEU LEU A . n 
A 1 126 ARG 126 255 255 ARG ARG A . n 
A 1 127 GLY 127 256 256 GLY GLY A . n 
A 1 128 ARG 128 257 257 ARG ARG A . n 
A 1 129 GLU 129 258 258 GLU GLU A . n 
A 1 130 GLU 130 259 259 GLU GLU A . n 
A 1 131 ALA 131 260 260 ALA ALA A . n 
A 1 132 ARG 132 261 261 ARG ARG A . n 
A 1 133 ARG 133 262 262 ARG ARG A . n 
A 1 134 LEU 134 263 263 LEU LEU A . n 
A 1 135 GLU 135 264 264 GLU GLU A . n 
A 1 136 GLN 136 265 265 GLN GLN A . n 
A 1 137 GLU 137 266 266 GLU GLU A . n 
A 1 138 ALA 138 267 267 ALA ALA A . n 
A 1 139 PHE 139 268 ?   ?   ?   A . n 
A 1 140 GLY 140 269 ?   ?   ?   A . n 
A 1 141 ALA 141 270 ?   ?   ?   A . n 
A 1 142 ALA 142 271 ?   ?   ?   A . n 
A 1 143 ASP 143 272 ?   ?   ?   A . n 
A 1 144 SER 144 273 ?   ?   ?   A . n 
A 1 145 GLU 145 274 ?   ?   ?   A . n 
A 1 146 GLY 146 275 ?   ?   ?   A . n 
A 1 147 THR 147 276 ?   ?   ?   A . n 
A 1 148 GLY 148 277 ?   ?   ?   A . n 
A 1 149 ALA 149 278 ?   ?   ?   A . n 
A 1 150 PRO 150 279 ?   ?   ?   A . n 
A 1 151 SER 151 280 ?   ?   ?   A . n 
A 1 152 TRP 152 281 ?   ?   ?   A . n 
A 1 153 ARG 153 282 ?   ?   ?   A . n 
A 1 154 PRO 154 283 ?   ?   ?   A . n 
A 1 155 GLN 155 284 ?   ?   ?   A . n 
A 1 156 LYS 156 285 ?   ?   ?   A . n 
B 1 1   GLY 1   130 ?   ?   ?   B . n 
B 1 2   ALA 2   131 ?   ?   ?   B . n 
B 1 3   MET 3   132 ?   ?   ?   B . n 
B 1 4   GLY 4   133 ?   ?   ?   B . n 
B 1 5   GLU 5   134 ?   ?   ?   B . n 
B 1 6   PRO 6   135 ?   ?   ?   B . n 
B 1 7   PRO 7   136 ?   ?   ?   B . n 
B 1 8   LEU 8   137 ?   ?   ?   B . n 
B 1 9   ALA 9   138 ?   ?   ?   B . n 
B 1 10  THR 10  139 ?   ?   ?   B . n 
B 1 11  ARG 11  140 ?   ?   ?   B . n 
B 1 12  ALA 12  141 ?   ?   ?   B . n 
B 1 13  THR 13  142 ?   ?   ?   B . n 
B 1 14  ALA 14  143 143 ALA ALA B . n 
B 1 15  PRO 15  144 144 PRO PRO B . n 
B 1 16  PRO 16  145 145 PRO PRO B . n 
B 1 17  GLY 17  146 146 GLY GLY B . n 
B 1 18  VAL 18  147 147 VAL VAL B . n 
B 1 19  LEU 19  148 148 LEU LEU B . n 
B 1 20  LYS 20  149 149 LYS LYS B . n 
B 1 21  ILE 21  150 150 ILE ILE B . n 
B 1 22  PHE 22  151 151 PHE PHE B . n 
B 1 23  GLY 23  152 152 GLY GLY B . n 
B 1 24  ALA 24  153 153 ALA ALA B . n 
B 1 25  GLY 25  154 154 GLY GLY B . n 
B 1 26  LEU 26  155 155 LEU LEU B . n 
B 1 27  ALA 27  156 ?   ?   ?   B . n 
B 1 28  SER 28  157 ?   ?   ?   B . n 
B 1 29  GLY 29  158 ?   ?   ?   B . n 
B 1 30  ALA 30  159 ?   ?   ?   B . n 
B 1 31  ASN 31  160 160 ASN ASN B . n 
B 1 32  TYR 32  161 161 TYR TYR B . n 
B 1 33  LYS 33  162 162 LYS LYS B . n 
B 1 34  SER 34  163 163 SER SER B . n 
B 1 35  VAL 35  164 164 VAL VAL B . n 
B 1 36  LEU 36  165 165 LEU LEU B . n 
B 1 37  ALA 37  166 166 ALA ALA B . n 
B 1 38  THR 38  167 167 THR THR B . n 
B 1 39  ALA 39  168 168 ALA ALA B . n 
B 1 40  ARG 40  169 169 ARG ARG B . n 
B 1 41  SER 41  170 170 SER SER B . n 
B 1 42  THR 42  171 171 THR THR B . n 
B 1 43  ALA 43  172 172 ALA ALA B . n 
B 1 44  ARG 44  173 173 ARG ARG B . n 
B 1 45  GLU 45  174 174 GLU GLU B . n 
B 1 46  LEU 46  175 175 LEU LEU B . n 
B 1 47  VAL 47  176 176 VAL VAL B . n 
B 1 48  ALA 48  177 177 ALA ALA B . n 
B 1 49  GLU 49  178 178 GLU GLU B . n 
B 1 50  ALA 50  179 179 ALA ALA B . n 
B 1 51  LEU 51  180 180 LEU LEU B . n 
B 1 52  GLU 52  181 181 GLU GLU B . n 
B 1 53  ARG 53  182 182 ARG ARG B . n 
B 1 54  TYR 54  183 183 TYR TYR B . n 
B 1 55  GLY 55  184 184 GLY GLY B . n 
B 1 56  LEU 56  185 185 LEU LEU B . n 
B 1 57  ALA 57  186 ?   ?   ?   B . n 
B 1 58  GLY 58  187 ?   ?   ?   B . n 
B 1 59  SER 59  188 ?   ?   ?   B . n 
B 1 60  PRO 60  189 ?   ?   ?   B . n 
B 1 61  GLY 61  190 ?   ?   ?   B . n 
B 1 62  GLY 62  191 ?   ?   ?   B . n 
B 1 63  GLY 63  192 ?   ?   ?   B . n 
B 1 64  PRO 64  193 ?   ?   ?   B . n 
B 1 65  GLY 65  194 ?   ?   ?   B . n 
B 1 66  GLU 66  195 ?   ?   ?   B . n 
B 1 67  SER 67  196 196 SER SER B . n 
B 1 68  SER 68  197 197 SER SER B . n 
B 1 69  CYS 69  198 198 CYS CYS B . n 
B 1 70  VAL 70  199 199 VAL VAL B . n 
B 1 71  ASP 71  200 200 ASP ASP B . n 
B 1 72  ALA 72  201 201 ALA ALA B . n 
B 1 73  PHE 73  202 202 PHE PHE B . n 
B 1 74  ALA 74  203 203 ALA ALA B . n 
B 1 75  LEU 75  204 204 LEU LEU B . n 
B 1 76  CYS 76  205 205 CYS CYS B . n 
B 1 77  ASP 77  206 206 ASP ASP B . n 
B 1 78  ALA 78  207 207 ALA ALA B . n 
B 1 79  LEU 79  208 208 LEU LEU B . n 
B 1 80  GLY 80  209 209 GLY GLY B . n 
B 1 81  ARG 81  210 210 ARG ARG B . n 
B 1 82  PRO 82  211 ?   ?   ?   B . n 
B 1 83  ALA 83  212 ?   ?   ?   B . n 
B 1 84  ALA 84  213 ?   ?   ?   B . n 
B 1 85  ALA 85  214 ?   ?   ?   B . n 
B 1 86  GLY 86  215 ?   ?   ?   B . n 
B 1 87  VAL 87  216 ?   ?   ?   B . n 
B 1 88  GLY 88  217 ?   ?   ?   B . n 
B 1 89  SER 89  218 ?   ?   ?   B . n 
B 1 90  GLY 90  219 ?   ?   ?   B . n 
B 1 91  GLU 91  220 ?   ?   ?   B . n 
B 1 92  TRP 92  221 221 TRP TRP B . n 
B 1 93  ARG 93  222 222 ARG ARG B . n 
B 1 94  ALA 94  223 223 ALA ALA B . n 
B 1 95  GLU 95  224 224 GLU GLU B . n 
B 1 96  HIS 96  225 225 HIS HIS B . n 
B 1 97  LEU 97  226 226 LEU LEU B . n 
B 1 98  ARG 98  227 227 ARG ARG B . n 
B 1 99  VAL 99  228 228 VAL VAL B . n 
B 1 100 LEU 100 229 229 LEU LEU B . n 
B 1 101 GLY 101 230 230 GLY GLY B . n 
B 1 102 ASP 102 231 231 ASP ASP B . n 
B 1 103 SER 103 232 232 SER SER B . n 
B 1 104 GLU 104 233 233 GLU GLU B . n 
B 1 105 ARG 105 234 234 ARG ARG B . n 
B 1 106 PRO 106 235 235 PRO PRO B . n 
B 1 107 LEU 107 236 236 LEU LEU B . n 
B 1 108 LEU 108 237 237 LEU LEU B . n 
B 1 109 VAL 109 238 238 VAL VAL B . n 
B 1 110 GLN 110 239 239 GLN GLN B . n 
B 1 111 GLU 111 240 240 GLU GLU B . n 
B 1 112 LEU 112 241 241 LEU LEU B . n 
B 1 113 TRP 113 242 242 TRP TRP B . n 
B 1 114 ARG 114 243 243 ARG ARG B . n 
B 1 115 ALA 115 244 244 ALA ALA B . n 
B 1 116 ARG 116 245 245 ARG ARG B . n 
B 1 117 PRO 117 246 246 PRO PRO B . n 
B 1 118 GLY 118 247 247 GLY GLY B . n 
B 1 119 TRP 119 248 248 TRP TRP B . n 
B 1 120 ALA 120 249 249 ALA ALA B . n 
B 1 121 ARG 121 250 250 ARG ARG B . n 
B 1 122 ARG 122 251 251 ARG ARG B . n 
B 1 123 PHE 123 252 252 PHE PHE B . n 
B 1 124 GLU 124 253 253 GLU GLU B . n 
B 1 125 LEU 125 254 254 LEU LEU B . n 
B 1 126 ARG 126 255 255 ARG ARG B . n 
B 1 127 GLY 127 256 256 GLY GLY B . n 
B 1 128 ARG 128 257 257 ARG ARG B . n 
B 1 129 GLU 129 258 258 GLU GLU B . n 
B 1 130 GLU 130 259 259 GLU GLU B . n 
B 1 131 ALA 131 260 260 ALA ALA B . n 
B 1 132 ARG 132 261 261 ARG ARG B . n 
B 1 133 ARG 133 262 262 ARG ARG B . n 
B 1 134 LEU 134 263 263 LEU LEU B . n 
B 1 135 GLU 135 264 264 GLU GLU B . n 
B 1 136 GLN 136 265 265 GLN GLN B . n 
B 1 137 GLU 137 266 266 GLU GLU B . n 
B 1 138 ALA 138 267 267 ALA ALA B . n 
B 1 139 PHE 139 268 ?   ?   ?   B . n 
B 1 140 GLY 140 269 ?   ?   ?   B . n 
B 1 141 ALA 141 270 ?   ?   ?   B . n 
B 1 142 ALA 142 271 ?   ?   ?   B . n 
B 1 143 ASP 143 272 ?   ?   ?   B . n 
B 1 144 SER 144 273 ?   ?   ?   B . n 
B 1 145 GLU 145 274 ?   ?   ?   B . n 
B 1 146 GLY 146 275 ?   ?   ?   B . n 
B 1 147 THR 147 276 ?   ?   ?   B . n 
B 1 148 GLY 148 277 ?   ?   ?   B . n 
B 1 149 ALA 149 278 ?   ?   ?   B . n 
B 1 150 PRO 150 279 ?   ?   ?   B . n 
B 1 151 SER 151 280 ?   ?   ?   B . n 
B 1 152 TRP 152 281 ?   ?   ?   B . n 
B 1 153 ARG 153 282 ?   ?   ?   B . n 
B 1 154 PRO 154 283 ?   ?   ?   B . n 
B 1 155 GLN 155 284 ?   ?   ?   B . n 
B 1 156 LYS 156 285 ?   ?   ?   B . n 
# 
loop_
_pdbx_nonpoly_scheme.asym_id 
_pdbx_nonpoly_scheme.entity_id 
_pdbx_nonpoly_scheme.mon_id 
_pdbx_nonpoly_scheme.ndb_seq_num 
_pdbx_nonpoly_scheme.pdb_seq_num 
_pdbx_nonpoly_scheme.auth_seq_num 
_pdbx_nonpoly_scheme.pdb_mon_id 
_pdbx_nonpoly_scheme.auth_mon_id 
_pdbx_nonpoly_scheme.pdb_strand_id 
_pdbx_nonpoly_scheme.pdb_ins_code 
C 2 GOL 1 301 1 GOL GOL A . 
D 3 HOH 1 401 2 HOH HOH A . 
D 3 HOH 2 402 3 HOH HOH A . 
D 3 HOH 3 403 5 HOH HOH A . 
D 3 HOH 4 404 8 HOH HOH A . 
D 3 HOH 5 405 7 HOH HOH A . 
D 3 HOH 6 406 4 HOH HOH A . 
D 3 HOH 7 407 1 HOH HOH A . 
E 3 HOH 1 301 6 HOH HOH B . 
E 3 HOH 2 302 9 HOH HOH B . 
# 
_pdbx_struct_assembly.id                   1 
_pdbx_struct_assembly.details              author_and_software_defined_assembly 
_pdbx_struct_assembly.method_details       PISA 
_pdbx_struct_assembly.oligomeric_details   dimeric 
_pdbx_struct_assembly.oligomeric_count     2 
# 
_pdbx_struct_assembly_gen.assembly_id       1 
_pdbx_struct_assembly_gen.oper_expression   1 
_pdbx_struct_assembly_gen.asym_id_list      A,B,C,D,E 
# 
loop_
_pdbx_struct_assembly_prop.biol_id 
_pdbx_struct_assembly_prop.type 
_pdbx_struct_assembly_prop.value 
_pdbx_struct_assembly_prop.details 
1 'ABSA (A^2)' 2230  ? 
1 MORE         -5    ? 
1 'SSA (A^2)'  10310 ? 
# 
_pdbx_struct_oper_list.id                   1 
_pdbx_struct_oper_list.type                 'identity operation' 
_pdbx_struct_oper_list.name                 1_555 
_pdbx_struct_oper_list.symmetry_operation   x,y,z 
_pdbx_struct_oper_list.matrix[1][1]         1.0000000000 
_pdbx_struct_oper_list.matrix[1][2]         0.0000000000 
_pdbx_struct_oper_list.matrix[1][3]         0.0000000000 
_pdbx_struct_oper_list.vector[1]            0.0000000000 
_pdbx_struct_oper_list.matrix[2][1]         0.0000000000 
_pdbx_struct_oper_list.matrix[2][2]         1.0000000000 
_pdbx_struct_oper_list.matrix[2][3]         0.0000000000 
_pdbx_struct_oper_list.vector[2]            0.0000000000 
_pdbx_struct_oper_list.matrix[3][1]         0.0000000000 
_pdbx_struct_oper_list.matrix[3][2]         0.0000000000 
_pdbx_struct_oper_list.matrix[3][3]         1.0000000000 
_pdbx_struct_oper_list.vector[3]            0.0000000000 
# 
loop_
_pdbx_audit_revision_history.ordinal 
_pdbx_audit_revision_history.data_content_type 
_pdbx_audit_revision_history.major_revision 
_pdbx_audit_revision_history.minor_revision 
_pdbx_audit_revision_history.revision_date 
1 'Structure model' 1 0 2016-10-19 
2 'Structure model' 1 1 2017-02-15 
3 'Structure model' 1 2 2017-10-04 
4 'Structure model' 1 3 2023-09-27 
# 
_pdbx_audit_revision_details.ordinal             1 
_pdbx_audit_revision_details.revision_ordinal    1 
_pdbx_audit_revision_details.data_content_type   'Structure model' 
_pdbx_audit_revision_details.provider            repository 
_pdbx_audit_revision_details.type                'Initial release' 
_pdbx_audit_revision_details.description         ? 
_pdbx_audit_revision_details.details             ? 
# 
loop_
_pdbx_audit_revision_group.ordinal 
_pdbx_audit_revision_group.revision_ordinal 
_pdbx_audit_revision_group.data_content_type 
_pdbx_audit_revision_group.group 
1 2 'Structure model' 'Database references'        
2 3 'Structure model' 'Author supporting evidence' 
3 4 'Structure model' 'Data collection'            
4 4 'Structure model' 'Database references'        
5 4 'Structure model' 'Refinement description'     
# 
loop_
_pdbx_audit_revision_category.ordinal 
_pdbx_audit_revision_category.revision_ordinal 
_pdbx_audit_revision_category.data_content_type 
_pdbx_audit_revision_category.category 
1 3 'Structure model' pdbx_audit_support            
2 4 'Structure model' chem_comp_atom                
3 4 'Structure model' chem_comp_bond                
4 4 'Structure model' database_2                    
5 4 'Structure model' pdbx_initial_refinement_model 
# 
loop_
_pdbx_audit_revision_item.ordinal 
_pdbx_audit_revision_item.revision_ordinal 
_pdbx_audit_revision_item.data_content_type 
_pdbx_audit_revision_item.item 
1 3 'Structure model' '_pdbx_audit_support.funding_organization' 
2 4 'Structure model' '_database_2.pdbx_DOI'                     
3 4 'Structure model' '_database_2.pdbx_database_accession'      
# 
_phasing.method   MR 
# 
loop_
_software.citation_id 
_software.classification 
_software.compiler_name 
_software.compiler_version 
_software.contact_author 
_software.contact_author_email 
_software.date 
_software.description 
_software.dependencies 
_software.hardware 
_software.language 
_software.location 
_software.mods 
_software.name 
_software.os 
_software.os_version 
_software.type 
_software.version 
_software.pdbx_ordinal 
? 'data scaling'    ? ? ? ? ? ? ? ? ? ? ? XSCALE      ? ? ? .        1 
? phasing           ? ? ? ? ? ? ? ? ? ? ? PHASER      ? ? ? .        2 
? refinement        ? ? ? ? ? ? ? ? ? ? ? REFMAC      ? ? ? 5.8.0151 3 
? 'data extraction' ? ? ? ? ? ? ? ? ? ? ? PDB_EXTRACT ? ? ? 3.20     4 
? 'data reduction'  ? ? ? ? ? ? ? ? ? ? ? XDS         ? ? ? .        5 
# 
_pdbx_validate_torsion.id              1 
_pdbx_validate_torsion.PDB_model_num   1 
_pdbx_validate_torsion.auth_comp_id    GLU 
_pdbx_validate_torsion.auth_asym_id    B 
_pdbx_validate_torsion.auth_seq_id     266 
_pdbx_validate_torsion.PDB_ins_code    ? 
_pdbx_validate_torsion.label_alt_id    ? 
_pdbx_validate_torsion.phi             -53.43 
_pdbx_validate_torsion.psi             97.61 
# 
loop_
_pdbx_unobs_or_zero_occ_atoms.id 
_pdbx_unobs_or_zero_occ_atoms.PDB_model_num 
_pdbx_unobs_or_zero_occ_atoms.polymer_flag 
_pdbx_unobs_or_zero_occ_atoms.occupancy_flag 
_pdbx_unobs_or_zero_occ_atoms.auth_asym_id 
_pdbx_unobs_or_zero_occ_atoms.auth_comp_id 
_pdbx_unobs_or_zero_occ_atoms.auth_seq_id 
_pdbx_unobs_or_zero_occ_atoms.PDB_ins_code 
_pdbx_unobs_or_zero_occ_atoms.auth_atom_id 
_pdbx_unobs_or_zero_occ_atoms.label_alt_id 
_pdbx_unobs_or_zero_occ_atoms.label_asym_id 
_pdbx_unobs_or_zero_occ_atoms.label_comp_id 
_pdbx_unobs_or_zero_occ_atoms.label_seq_id 
_pdbx_unobs_or_zero_occ_atoms.label_atom_id 
1  1 Y 1 A ARG 222 ? CG  ? A ARG 93  CG  
2  1 Y 1 A ARG 222 ? CD  ? A ARG 93  CD  
3  1 Y 1 A ARG 222 ? NE  ? A ARG 93  NE  
4  1 Y 1 A ARG 222 ? CZ  ? A ARG 93  CZ  
5  1 Y 1 A ARG 222 ? NH1 ? A ARG 93  NH1 
6  1 Y 1 A ARG 222 ? NH2 ? A ARG 93  NH2 
7  1 Y 1 A GLU 258 ? CG  ? A GLU 129 CG  
8  1 Y 1 A GLU 258 ? CD  ? A GLU 129 CD  
9  1 Y 1 A GLU 258 ? OE1 ? A GLU 129 OE1 
10 1 Y 1 A GLU 258 ? OE2 ? A GLU 129 OE2 
11 1 Y 1 A GLU 266 ? CG  ? A GLU 137 CG  
12 1 Y 1 A GLU 266 ? CD  ? A GLU 137 CD  
13 1 Y 1 A GLU 266 ? OE1 ? A GLU 137 OE1 
14 1 Y 1 A GLU 266 ? OE2 ? A GLU 137 OE2 
15 1 Y 1 B ARG 222 ? CG  ? B ARG 93  CG  
16 1 Y 1 B ARG 222 ? CD  ? B ARG 93  CD  
17 1 Y 1 B ARG 222 ? NE  ? B ARG 93  NE  
18 1 Y 1 B ARG 222 ? CZ  ? B ARG 93  CZ  
19 1 Y 1 B ARG 222 ? NH1 ? B ARG 93  NH1 
20 1 Y 1 B ARG 222 ? NH2 ? B ARG 93  NH2 
21 1 Y 1 B ARG 243 ? CG  ? B ARG 114 CG  
22 1 Y 1 B ARG 243 ? CD  ? B ARG 114 CD  
23 1 Y 1 B ARG 243 ? NE  ? B ARG 114 NE  
24 1 Y 1 B ARG 243 ? CZ  ? B ARG 114 CZ  
25 1 Y 1 B ARG 243 ? NH1 ? B ARG 114 NH1 
26 1 Y 1 B ARG 243 ? NH2 ? B ARG 114 NH2 
27 1 Y 1 B GLU 258 ? CG  ? B GLU 129 CG  
28 1 Y 1 B GLU 258 ? CD  ? B GLU 129 CD  
29 1 Y 1 B GLU 258 ? OE1 ? B GLU 129 OE1 
30 1 Y 1 B GLU 258 ? OE2 ? B GLU 129 OE2 
31 1 Y 1 B GLU 266 ? CG  ? B GLU 137 CG  
32 1 Y 1 B GLU 266 ? CD  ? B GLU 137 CD  
33 1 Y 1 B GLU 266 ? OE1 ? B GLU 137 OE1 
34 1 Y 1 B GLU 266 ? OE2 ? B GLU 137 OE2 
# 
loop_
_pdbx_unobs_or_zero_occ_residues.id 
_pdbx_unobs_or_zero_occ_residues.PDB_model_num 
_pdbx_unobs_or_zero_occ_residues.polymer_flag 
_pdbx_unobs_or_zero_occ_residues.occupancy_flag 
_pdbx_unobs_or_zero_occ_residues.auth_asym_id 
_pdbx_unobs_or_zero_occ_residues.auth_comp_id 
_pdbx_unobs_or_zero_occ_residues.auth_seq_id 
_pdbx_unobs_or_zero_occ_residues.PDB_ins_code 
_pdbx_unobs_or_zero_occ_residues.label_asym_id 
_pdbx_unobs_or_zero_occ_residues.label_comp_id 
_pdbx_unobs_or_zero_occ_residues.label_seq_id 
1   1 Y 1 A GLY 130 ? A GLY 1   
2   1 Y 1 A ALA 131 ? A ALA 2   
3   1 Y 1 A MET 132 ? A MET 3   
4   1 Y 1 A GLY 133 ? A GLY 4   
5   1 Y 1 A GLU 134 ? A GLU 5   
6   1 Y 1 A PRO 135 ? A PRO 6   
7   1 Y 1 A PRO 136 ? A PRO 7   
8   1 Y 1 A LEU 137 ? A LEU 8   
9   1 Y 1 A ALA 138 ? A ALA 9   
10  1 Y 1 A THR 139 ? A THR 10  
11  1 Y 1 A ARG 140 ? A ARG 11  
12  1 Y 1 A ALA 141 ? A ALA 12  
13  1 Y 1 A THR 142 ? A THR 13  
14  1 Y 1 A ALA 143 ? A ALA 14  
15  1 Y 1 A GLY 154 ? A GLY 25  
16  1 Y 1 A LEU 155 ? A LEU 26  
17  1 Y 1 A ALA 156 ? A ALA 27  
18  1 Y 1 A SER 157 ? A SER 28  
19  1 Y 1 A GLY 158 ? A GLY 29  
20  1 Y 1 A GLY 187 ? A GLY 58  
21  1 Y 1 A SER 188 ? A SER 59  
22  1 Y 1 A PRO 189 ? A PRO 60  
23  1 Y 1 A GLY 190 ? A GLY 61  
24  1 Y 1 A GLY 191 ? A GLY 62  
25  1 Y 1 A GLY 192 ? A GLY 63  
26  1 Y 1 A PRO 193 ? A PRO 64  
27  1 Y 1 A GLY 194 ? A GLY 65  
28  1 Y 1 A GLU 195 ? A GLU 66  
29  1 Y 1 A SER 196 ? A SER 67  
30  1 Y 1 A SER 197 ? A SER 68  
31  1 Y 1 A ALA 212 ? A ALA 83  
32  1 Y 1 A ALA 213 ? A ALA 84  
33  1 Y 1 A ALA 214 ? A ALA 85  
34  1 Y 1 A GLY 215 ? A GLY 86  
35  1 Y 1 A VAL 216 ? A VAL 87  
36  1 Y 1 A GLY 217 ? A GLY 88  
37  1 Y 1 A SER 218 ? A SER 89  
38  1 Y 1 A GLY 219 ? A GLY 90  
39  1 Y 1 A GLU 220 ? A GLU 91  
40  1 Y 1 A PHE 268 ? A PHE 139 
41  1 Y 1 A GLY 269 ? A GLY 140 
42  1 Y 1 A ALA 270 ? A ALA 141 
43  1 Y 1 A ALA 271 ? A ALA 142 
44  1 Y 1 A ASP 272 ? A ASP 143 
45  1 Y 1 A SER 273 ? A SER 144 
46  1 Y 1 A GLU 274 ? A GLU 145 
47  1 Y 1 A GLY 275 ? A GLY 146 
48  1 Y 1 A THR 276 ? A THR 147 
49  1 Y 1 A GLY 277 ? A GLY 148 
50  1 Y 1 A ALA 278 ? A ALA 149 
51  1 Y 1 A PRO 279 ? A PRO 150 
52  1 Y 1 A SER 280 ? A SER 151 
53  1 Y 1 A TRP 281 ? A TRP 152 
54  1 Y 1 A ARG 282 ? A ARG 153 
55  1 Y 1 A PRO 283 ? A PRO 154 
56  1 Y 1 A GLN 284 ? A GLN 155 
57  1 Y 1 A LYS 285 ? A LYS 156 
58  1 Y 1 B GLY 130 ? B GLY 1   
59  1 Y 1 B ALA 131 ? B ALA 2   
60  1 Y 1 B MET 132 ? B MET 3   
61  1 Y 1 B GLY 133 ? B GLY 4   
62  1 Y 1 B GLU 134 ? B GLU 5   
63  1 Y 1 B PRO 135 ? B PRO 6   
64  1 Y 1 B PRO 136 ? B PRO 7   
65  1 Y 1 B LEU 137 ? B LEU 8   
66  1 Y 1 B ALA 138 ? B ALA 9   
67  1 Y 1 B THR 139 ? B THR 10  
68  1 Y 1 B ARG 140 ? B ARG 11  
69  1 Y 1 B ALA 141 ? B ALA 12  
70  1 Y 1 B THR 142 ? B THR 13  
71  1 Y 1 B ALA 156 ? B ALA 27  
72  1 Y 1 B SER 157 ? B SER 28  
73  1 Y 1 B GLY 158 ? B GLY 29  
74  1 Y 1 B ALA 159 ? B ALA 30  
75  1 Y 1 B ALA 186 ? B ALA 57  
76  1 Y 1 B GLY 187 ? B GLY 58  
77  1 Y 1 B SER 188 ? B SER 59  
78  1 Y 1 B PRO 189 ? B PRO 60  
79  1 Y 1 B GLY 190 ? B GLY 61  
80  1 Y 1 B GLY 191 ? B GLY 62  
81  1 Y 1 B GLY 192 ? B GLY 63  
82  1 Y 1 B PRO 193 ? B PRO 64  
83  1 Y 1 B GLY 194 ? B GLY 65  
84  1 Y 1 B GLU 195 ? B GLU 66  
85  1 Y 1 B PRO 211 ? B PRO 82  
86  1 Y 1 B ALA 212 ? B ALA 83  
87  1 Y 1 B ALA 213 ? B ALA 84  
88  1 Y 1 B ALA 214 ? B ALA 85  
89  1 Y 1 B GLY 215 ? B GLY 86  
90  1 Y 1 B VAL 216 ? B VAL 87  
91  1 Y 1 B GLY 217 ? B GLY 88  
92  1 Y 1 B SER 218 ? B SER 89  
93  1 Y 1 B GLY 219 ? B GLY 90  
94  1 Y 1 B GLU 220 ? B GLU 91  
95  1 Y 1 B PHE 268 ? B PHE 139 
96  1 Y 1 B GLY 269 ? B GLY 140 
97  1 Y 1 B ALA 270 ? B ALA 141 
98  1 Y 1 B ALA 271 ? B ALA 142 
99  1 Y 1 B ASP 272 ? B ASP 143 
100 1 Y 1 B SER 273 ? B SER 144 
101 1 Y 1 B GLU 274 ? B GLU 145 
102 1 Y 1 B GLY 275 ? B GLY 146 
103 1 Y 1 B THR 276 ? B THR 147 
104 1 Y 1 B GLY 277 ? B GLY 148 
105 1 Y 1 B ALA 278 ? B ALA 149 
106 1 Y 1 B PRO 279 ? B PRO 150 
107 1 Y 1 B SER 280 ? B SER 151 
108 1 Y 1 B TRP 281 ? B TRP 152 
109 1 Y 1 B ARG 282 ? B ARG 153 
110 1 Y 1 B PRO 283 ? B PRO 154 
111 1 Y 1 B GLN 284 ? B GLN 155 
112 1 Y 1 B LYS 285 ? B LYS 156 
# 
loop_
_chem_comp_atom.comp_id 
_chem_comp_atom.atom_id 
_chem_comp_atom.type_symbol 
_chem_comp_atom.pdbx_aromatic_flag 
_chem_comp_atom.pdbx_stereo_config 
_chem_comp_atom.pdbx_ordinal 
ALA N    N N N 1   
ALA CA   C N S 2   
ALA C    C N N 3   
ALA O    O N N 4   
ALA CB   C N N 5   
ALA OXT  O N N 6   
ALA H    H N N 7   
ALA H2   H N N 8   
ALA HA   H N N 9   
ALA HB1  H N N 10  
ALA HB2  H N N 11  
ALA HB3  H N N 12  
ALA HXT  H N N 13  
ARG N    N N N 14  
ARG CA   C N S 15  
ARG C    C N N 16  
ARG O    O N N 17  
ARG CB   C N N 18  
ARG CG   C N N 19  
ARG CD   C N N 20  
ARG NE   N N N 21  
ARG CZ   C N N 22  
ARG NH1  N N N 23  
ARG NH2  N N N 24  
ARG OXT  O N N 25  
ARG H    H N N 26  
ARG H2   H N N 27  
ARG HA   H N N 28  
ARG HB2  H N N 29  
ARG HB3  H N N 30  
ARG HG2  H N N 31  
ARG HG3  H N N 32  
ARG HD2  H N N 33  
ARG HD3  H N N 34  
ARG HE   H N N 35  
ARG HH11 H N N 36  
ARG HH12 H N N 37  
ARG HH21 H N N 38  
ARG HH22 H N N 39  
ARG HXT  H N N 40  
ASN N    N N N 41  
ASN CA   C N S 42  
ASN C    C N N 43  
ASN O    O N N 44  
ASN CB   C N N 45  
ASN CG   C N N 46  
ASN OD1  O N N 47  
ASN ND2  N N N 48  
ASN OXT  O N N 49  
ASN H    H N N 50  
ASN H2   H N N 51  
ASN HA   H N N 52  
ASN HB2  H N N 53  
ASN HB3  H N N 54  
ASN HD21 H N N 55  
ASN HD22 H N N 56  
ASN HXT  H N N 57  
ASP N    N N N 58  
ASP CA   C N S 59  
ASP C    C N N 60  
ASP O    O N N 61  
ASP CB   C N N 62  
ASP CG   C N N 63  
ASP OD1  O N N 64  
ASP OD2  O N N 65  
ASP OXT  O N N 66  
ASP H    H N N 67  
ASP H2   H N N 68  
ASP HA   H N N 69  
ASP HB2  H N N 70  
ASP HB3  H N N 71  
ASP HD2  H N N 72  
ASP HXT  H N N 73  
CYS N    N N N 74  
CYS CA   C N R 75  
CYS C    C N N 76  
CYS O    O N N 77  
CYS CB   C N N 78  
CYS SG   S N N 79  
CYS OXT  O N N 80  
CYS H    H N N 81  
CYS H2   H N N 82  
CYS HA   H N N 83  
CYS HB2  H N N 84  
CYS HB3  H N N 85  
CYS HG   H N N 86  
CYS HXT  H N N 87  
GLN N    N N N 88  
GLN CA   C N S 89  
GLN C    C N N 90  
GLN O    O N N 91  
GLN CB   C N N 92  
GLN CG   C N N 93  
GLN CD   C N N 94  
GLN OE1  O N N 95  
GLN NE2  N N N 96  
GLN OXT  O N N 97  
GLN H    H N N 98  
GLN H2   H N N 99  
GLN HA   H N N 100 
GLN HB2  H N N 101 
GLN HB3  H N N 102 
GLN HG2  H N N 103 
GLN HG3  H N N 104 
GLN HE21 H N N 105 
GLN HE22 H N N 106 
GLN HXT  H N N 107 
GLU N    N N N 108 
GLU CA   C N S 109 
GLU C    C N N 110 
GLU O    O N N 111 
GLU CB   C N N 112 
GLU CG   C N N 113 
GLU CD   C N N 114 
GLU OE1  O N N 115 
GLU OE2  O N N 116 
GLU OXT  O N N 117 
GLU H    H N N 118 
GLU H2   H N N 119 
GLU HA   H N N 120 
GLU HB2  H N N 121 
GLU HB3  H N N 122 
GLU HG2  H N N 123 
GLU HG3  H N N 124 
GLU HE2  H N N 125 
GLU HXT  H N N 126 
GLY N    N N N 127 
GLY CA   C N N 128 
GLY C    C N N 129 
GLY O    O N N 130 
GLY OXT  O N N 131 
GLY H    H N N 132 
GLY H2   H N N 133 
GLY HA2  H N N 134 
GLY HA3  H N N 135 
GLY HXT  H N N 136 
GOL C1   C N N 137 
GOL O1   O N N 138 
GOL C2   C N N 139 
GOL O2   O N N 140 
GOL C3   C N N 141 
GOL O3   O N N 142 
GOL H11  H N N 143 
GOL H12  H N N 144 
GOL HO1  H N N 145 
GOL H2   H N N 146 
GOL HO2  H N N 147 
GOL H31  H N N 148 
GOL H32  H N N 149 
GOL HO3  H N N 150 
HIS N    N N N 151 
HIS CA   C N S 152 
HIS C    C N N 153 
HIS O    O N N 154 
HIS CB   C N N 155 
HIS CG   C Y N 156 
HIS ND1  N Y N 157 
HIS CD2  C Y N 158 
HIS CE1  C Y N 159 
HIS NE2  N Y N 160 
HIS OXT  O N N 161 
HIS H    H N N 162 
HIS H2   H N N 163 
HIS HA   H N N 164 
HIS HB2  H N N 165 
HIS HB3  H N N 166 
HIS HD1  H N N 167 
HIS HD2  H N N 168 
HIS HE1  H N N 169 
HIS HE2  H N N 170 
HIS HXT  H N N 171 
HOH O    O N N 172 
HOH H1   H N N 173 
HOH H2   H N N 174 
ILE N    N N N 175 
ILE CA   C N S 176 
ILE C    C N N 177 
ILE O    O N N 178 
ILE CB   C N S 179 
ILE CG1  C N N 180 
ILE CG2  C N N 181 
ILE CD1  C N N 182 
ILE OXT  O N N 183 
ILE H    H N N 184 
ILE H2   H N N 185 
ILE HA   H N N 186 
ILE HB   H N N 187 
ILE HG12 H N N 188 
ILE HG13 H N N 189 
ILE HG21 H N N 190 
ILE HG22 H N N 191 
ILE HG23 H N N 192 
ILE HD11 H N N 193 
ILE HD12 H N N 194 
ILE HD13 H N N 195 
ILE HXT  H N N 196 
LEU N    N N N 197 
LEU CA   C N S 198 
LEU C    C N N 199 
LEU O    O N N 200 
LEU CB   C N N 201 
LEU CG   C N N 202 
LEU CD1  C N N 203 
LEU CD2  C N N 204 
LEU OXT  O N N 205 
LEU H    H N N 206 
LEU H2   H N N 207 
LEU HA   H N N 208 
LEU HB2  H N N 209 
LEU HB3  H N N 210 
LEU HG   H N N 211 
LEU HD11 H N N 212 
LEU HD12 H N N 213 
LEU HD13 H N N 214 
LEU HD21 H N N 215 
LEU HD22 H N N 216 
LEU HD23 H N N 217 
LEU HXT  H N N 218 
LYS N    N N N 219 
LYS CA   C N S 220 
LYS C    C N N 221 
LYS O    O N N 222 
LYS CB   C N N 223 
LYS CG   C N N 224 
LYS CD   C N N 225 
LYS CE   C N N 226 
LYS NZ   N N N 227 
LYS OXT  O N N 228 
LYS H    H N N 229 
LYS H2   H N N 230 
LYS HA   H N N 231 
LYS HB2  H N N 232 
LYS HB3  H N N 233 
LYS HG2  H N N 234 
LYS HG3  H N N 235 
LYS HD2  H N N 236 
LYS HD3  H N N 237 
LYS HE2  H N N 238 
LYS HE3  H N N 239 
LYS HZ1  H N N 240 
LYS HZ2  H N N 241 
LYS HZ3  H N N 242 
LYS HXT  H N N 243 
MET N    N N N 244 
MET CA   C N S 245 
MET C    C N N 246 
MET O    O N N 247 
MET CB   C N N 248 
MET CG   C N N 249 
MET SD   S N N 250 
MET CE   C N N 251 
MET OXT  O N N 252 
MET H    H N N 253 
MET H2   H N N 254 
MET HA   H N N 255 
MET HB2  H N N 256 
MET HB3  H N N 257 
MET HG2  H N N 258 
MET HG3  H N N 259 
MET HE1  H N N 260 
MET HE2  H N N 261 
MET HE3  H N N 262 
MET HXT  H N N 263 
PHE N    N N N 264 
PHE CA   C N S 265 
PHE C    C N N 266 
PHE O    O N N 267 
PHE CB   C N N 268 
PHE CG   C Y N 269 
PHE CD1  C Y N 270 
PHE CD2  C Y N 271 
PHE CE1  C Y N 272 
PHE CE2  C Y N 273 
PHE CZ   C Y N 274 
PHE OXT  O N N 275 
PHE H    H N N 276 
PHE H2   H N N 277 
PHE HA   H N N 278 
PHE HB2  H N N 279 
PHE HB3  H N N 280 
PHE HD1  H N N 281 
PHE HD2  H N N 282 
PHE HE1  H N N 283 
PHE HE2  H N N 284 
PHE HZ   H N N 285 
PHE HXT  H N N 286 
PRO N    N N N 287 
PRO CA   C N S 288 
PRO C    C N N 289 
PRO O    O N N 290 
PRO CB   C N N 291 
PRO CG   C N N 292 
PRO CD   C N N 293 
PRO OXT  O N N 294 
PRO H    H N N 295 
PRO HA   H N N 296 
PRO HB2  H N N 297 
PRO HB3  H N N 298 
PRO HG2  H N N 299 
PRO HG3  H N N 300 
PRO HD2  H N N 301 
PRO HD3  H N N 302 
PRO HXT  H N N 303 
SER N    N N N 304 
SER CA   C N S 305 
SER C    C N N 306 
SER O    O N N 307 
SER CB   C N N 308 
SER OG   O N N 309 
SER OXT  O N N 310 
SER H    H N N 311 
SER H2   H N N 312 
SER HA   H N N 313 
SER HB2  H N N 314 
SER HB3  H N N 315 
SER HG   H N N 316 
SER HXT  H N N 317 
THR N    N N N 318 
THR CA   C N S 319 
THR C    C N N 320 
THR O    O N N 321 
THR CB   C N R 322 
THR OG1  O N N 323 
THR CG2  C N N 324 
THR OXT  O N N 325 
THR H    H N N 326 
THR H2   H N N 327 
THR HA   H N N 328 
THR HB   H N N 329 
THR HG1  H N N 330 
THR HG21 H N N 331 
THR HG22 H N N 332 
THR HG23 H N N 333 
THR HXT  H N N 334 
TRP N    N N N 335 
TRP CA   C N S 336 
TRP C    C N N 337 
TRP O    O N N 338 
TRP CB   C N N 339 
TRP CG   C Y N 340 
TRP CD1  C Y N 341 
TRP CD2  C Y N 342 
TRP NE1  N Y N 343 
TRP CE2  C Y N 344 
TRP CE3  C Y N 345 
TRP CZ2  C Y N 346 
TRP CZ3  C Y N 347 
TRP CH2  C Y N 348 
TRP OXT  O N N 349 
TRP H    H N N 350 
TRP H2   H N N 351 
TRP HA   H N N 352 
TRP HB2  H N N 353 
TRP HB3  H N N 354 
TRP HD1  H N N 355 
TRP HE1  H N N 356 
TRP HE3  H N N 357 
TRP HZ2  H N N 358 
TRP HZ3  H N N 359 
TRP HH2  H N N 360 
TRP HXT  H N N 361 
TYR N    N N N 362 
TYR CA   C N S 363 
TYR C    C N N 364 
TYR O    O N N 365 
TYR CB   C N N 366 
TYR CG   C Y N 367 
TYR CD1  C Y N 368 
TYR CD2  C Y N 369 
TYR CE1  C Y N 370 
TYR CE2  C Y N 371 
TYR CZ   C Y N 372 
TYR OH   O N N 373 
TYR OXT  O N N 374 
TYR H    H N N 375 
TYR H2   H N N 376 
TYR HA   H N N 377 
TYR HB2  H N N 378 
TYR HB3  H N N 379 
TYR HD1  H N N 380 
TYR HD2  H N N 381 
TYR HE1  H N N 382 
TYR HE2  H N N 383 
TYR HH   H N N 384 
TYR HXT  H N N 385 
VAL N    N N N 386 
VAL CA   C N S 387 
VAL C    C N N 388 
VAL O    O N N 389 
VAL CB   C N N 390 
VAL CG1  C N N 391 
VAL CG2  C N N 392 
VAL OXT  O N N 393 
VAL H    H N N 394 
VAL H2   H N N 395 
VAL HA   H N N 396 
VAL HB   H N N 397 
VAL HG11 H N N 398 
VAL HG12 H N N 399 
VAL HG13 H N N 400 
VAL HG21 H N N 401 
VAL HG22 H N N 402 
VAL HG23 H N N 403 
VAL HXT  H N N 404 
# 
loop_
_chem_comp_bond.comp_id 
_chem_comp_bond.atom_id_1 
_chem_comp_bond.atom_id_2 
_chem_comp_bond.value_order 
_chem_comp_bond.pdbx_aromatic_flag 
_chem_comp_bond.pdbx_stereo_config 
_chem_comp_bond.pdbx_ordinal 
ALA N   CA   sing N N 1   
ALA N   H    sing N N 2   
ALA N   H2   sing N N 3   
ALA CA  C    sing N N 4   
ALA CA  CB   sing N N 5   
ALA CA  HA   sing N N 6   
ALA C   O    doub N N 7   
ALA C   OXT  sing N N 8   
ALA CB  HB1  sing N N 9   
ALA CB  HB2  sing N N 10  
ALA CB  HB3  sing N N 11  
ALA OXT HXT  sing N N 12  
ARG N   CA   sing N N 13  
ARG N   H    sing N N 14  
ARG N   H2   sing N N 15  
ARG CA  C    sing N N 16  
ARG CA  CB   sing N N 17  
ARG CA  HA   sing N N 18  
ARG C   O    doub N N 19  
ARG C   OXT  sing N N 20  
ARG CB  CG   sing N N 21  
ARG CB  HB2  sing N N 22  
ARG CB  HB3  sing N N 23  
ARG CG  CD   sing N N 24  
ARG CG  HG2  sing N N 25  
ARG CG  HG3  sing N N 26  
ARG CD  NE   sing N N 27  
ARG CD  HD2  sing N N 28  
ARG CD  HD3  sing N N 29  
ARG NE  CZ   sing N N 30  
ARG NE  HE   sing N N 31  
ARG CZ  NH1  sing N N 32  
ARG CZ  NH2  doub N N 33  
ARG NH1 HH11 sing N N 34  
ARG NH1 HH12 sing N N 35  
ARG NH2 HH21 sing N N 36  
ARG NH2 HH22 sing N N 37  
ARG OXT HXT  sing N N 38  
ASN N   CA   sing N N 39  
ASN N   H    sing N N 40  
ASN N   H2   sing N N 41  
ASN CA  C    sing N N 42  
ASN CA  CB   sing N N 43  
ASN CA  HA   sing N N 44  
ASN C   O    doub N N 45  
ASN C   OXT  sing N N 46  
ASN CB  CG   sing N N 47  
ASN CB  HB2  sing N N 48  
ASN CB  HB3  sing N N 49  
ASN CG  OD1  doub N N 50  
ASN CG  ND2  sing N N 51  
ASN ND2 HD21 sing N N 52  
ASN ND2 HD22 sing N N 53  
ASN OXT HXT  sing N N 54  
ASP N   CA   sing N N 55  
ASP N   H    sing N N 56  
ASP N   H2   sing N N 57  
ASP CA  C    sing N N 58  
ASP CA  CB   sing N N 59  
ASP CA  HA   sing N N 60  
ASP C   O    doub N N 61  
ASP C   OXT  sing N N 62  
ASP CB  CG   sing N N 63  
ASP CB  HB2  sing N N 64  
ASP CB  HB3  sing N N 65  
ASP CG  OD1  doub N N 66  
ASP CG  OD2  sing N N 67  
ASP OD2 HD2  sing N N 68  
ASP OXT HXT  sing N N 69  
CYS N   CA   sing N N 70  
CYS N   H    sing N N 71  
CYS N   H2   sing N N 72  
CYS CA  C    sing N N 73  
CYS CA  CB   sing N N 74  
CYS CA  HA   sing N N 75  
CYS C   O    doub N N 76  
CYS C   OXT  sing N N 77  
CYS CB  SG   sing N N 78  
CYS CB  HB2  sing N N 79  
CYS CB  HB3  sing N N 80  
CYS SG  HG   sing N N 81  
CYS OXT HXT  sing N N 82  
GLN N   CA   sing N N 83  
GLN N   H    sing N N 84  
GLN N   H2   sing N N 85  
GLN CA  C    sing N N 86  
GLN CA  CB   sing N N 87  
GLN CA  HA   sing N N 88  
GLN C   O    doub N N 89  
GLN C   OXT  sing N N 90  
GLN CB  CG   sing N N 91  
GLN CB  HB2  sing N N 92  
GLN CB  HB3  sing N N 93  
GLN CG  CD   sing N N 94  
GLN CG  HG2  sing N N 95  
GLN CG  HG3  sing N N 96  
GLN CD  OE1  doub N N 97  
GLN CD  NE2  sing N N 98  
GLN NE2 HE21 sing N N 99  
GLN NE2 HE22 sing N N 100 
GLN OXT HXT  sing N N 101 
GLU N   CA   sing N N 102 
GLU N   H    sing N N 103 
GLU N   H2   sing N N 104 
GLU CA  C    sing N N 105 
GLU CA  CB   sing N N 106 
GLU CA  HA   sing N N 107 
GLU C   O    doub N N 108 
GLU C   OXT  sing N N 109 
GLU CB  CG   sing N N 110 
GLU CB  HB2  sing N N 111 
GLU CB  HB3  sing N N 112 
GLU CG  CD   sing N N 113 
GLU CG  HG2  sing N N 114 
GLU CG  HG3  sing N N 115 
GLU CD  OE1  doub N N 116 
GLU CD  OE2  sing N N 117 
GLU OE2 HE2  sing N N 118 
GLU OXT HXT  sing N N 119 
GLY N   CA   sing N N 120 
GLY N   H    sing N N 121 
GLY N   H2   sing N N 122 
GLY CA  C    sing N N 123 
GLY CA  HA2  sing N N 124 
GLY CA  HA3  sing N N 125 
GLY C   O    doub N N 126 
GLY C   OXT  sing N N 127 
GLY OXT HXT  sing N N 128 
GOL C1  O1   sing N N 129 
GOL C1  C2   sing N N 130 
GOL C1  H11  sing N N 131 
GOL C1  H12  sing N N 132 
GOL O1  HO1  sing N N 133 
GOL C2  O2   sing N N 134 
GOL C2  C3   sing N N 135 
GOL C2  H2   sing N N 136 
GOL O2  HO2  sing N N 137 
GOL C3  O3   sing N N 138 
GOL C3  H31  sing N N 139 
GOL C3  H32  sing N N 140 
GOL O3  HO3  sing N N 141 
HIS N   CA   sing N N 142 
HIS N   H    sing N N 143 
HIS N   H2   sing N N 144 
HIS CA  C    sing N N 145 
HIS CA  CB   sing N N 146 
HIS CA  HA   sing N N 147 
HIS C   O    doub N N 148 
HIS C   OXT  sing N N 149 
HIS CB  CG   sing N N 150 
HIS CB  HB2  sing N N 151 
HIS CB  HB3  sing N N 152 
HIS CG  ND1  sing Y N 153 
HIS CG  CD2  doub Y N 154 
HIS ND1 CE1  doub Y N 155 
HIS ND1 HD1  sing N N 156 
HIS CD2 NE2  sing Y N 157 
HIS CD2 HD2  sing N N 158 
HIS CE1 NE2  sing Y N 159 
HIS CE1 HE1  sing N N 160 
HIS NE2 HE2  sing N N 161 
HIS OXT HXT  sing N N 162 
HOH O   H1   sing N N 163 
HOH O   H2   sing N N 164 
ILE N   CA   sing N N 165 
ILE N   H    sing N N 166 
ILE N   H2   sing N N 167 
ILE CA  C    sing N N 168 
ILE CA  CB   sing N N 169 
ILE CA  HA   sing N N 170 
ILE C   O    doub N N 171 
ILE C   OXT  sing N N 172 
ILE CB  CG1  sing N N 173 
ILE CB  CG2  sing N N 174 
ILE CB  HB   sing N N 175 
ILE CG1 CD1  sing N N 176 
ILE CG1 HG12 sing N N 177 
ILE CG1 HG13 sing N N 178 
ILE CG2 HG21 sing N N 179 
ILE CG2 HG22 sing N N 180 
ILE CG2 HG23 sing N N 181 
ILE CD1 HD11 sing N N 182 
ILE CD1 HD12 sing N N 183 
ILE CD1 HD13 sing N N 184 
ILE OXT HXT  sing N N 185 
LEU N   CA   sing N N 186 
LEU N   H    sing N N 187 
LEU N   H2   sing N N 188 
LEU CA  C    sing N N 189 
LEU CA  CB   sing N N 190 
LEU CA  HA   sing N N 191 
LEU C   O    doub N N 192 
LEU C   OXT  sing N N 193 
LEU CB  CG   sing N N 194 
LEU CB  HB2  sing N N 195 
LEU CB  HB3  sing N N 196 
LEU CG  CD1  sing N N 197 
LEU CG  CD2  sing N N 198 
LEU CG  HG   sing N N 199 
LEU CD1 HD11 sing N N 200 
LEU CD1 HD12 sing N N 201 
LEU CD1 HD13 sing N N 202 
LEU CD2 HD21 sing N N 203 
LEU CD2 HD22 sing N N 204 
LEU CD2 HD23 sing N N 205 
LEU OXT HXT  sing N N 206 
LYS N   CA   sing N N 207 
LYS N   H    sing N N 208 
LYS N   H2   sing N N 209 
LYS CA  C    sing N N 210 
LYS CA  CB   sing N N 211 
LYS CA  HA   sing N N 212 
LYS C   O    doub N N 213 
LYS C   OXT  sing N N 214 
LYS CB  CG   sing N N 215 
LYS CB  HB2  sing N N 216 
LYS CB  HB3  sing N N 217 
LYS CG  CD   sing N N 218 
LYS CG  HG2  sing N N 219 
LYS CG  HG3  sing N N 220 
LYS CD  CE   sing N N 221 
LYS CD  HD2  sing N N 222 
LYS CD  HD3  sing N N 223 
LYS CE  NZ   sing N N 224 
LYS CE  HE2  sing N N 225 
LYS CE  HE3  sing N N 226 
LYS NZ  HZ1  sing N N 227 
LYS NZ  HZ2  sing N N 228 
LYS NZ  HZ3  sing N N 229 
LYS OXT HXT  sing N N 230 
MET N   CA   sing N N 231 
MET N   H    sing N N 232 
MET N   H2   sing N N 233 
MET CA  C    sing N N 234 
MET CA  CB   sing N N 235 
MET CA  HA   sing N N 236 
MET C   O    doub N N 237 
MET C   OXT  sing N N 238 
MET CB  CG   sing N N 239 
MET CB  HB2  sing N N 240 
MET CB  HB3  sing N N 241 
MET CG  SD   sing N N 242 
MET CG  HG2  sing N N 243 
MET CG  HG3  sing N N 244 
MET SD  CE   sing N N 245 
MET CE  HE1  sing N N 246 
MET CE  HE2  sing N N 247 
MET CE  HE3  sing N N 248 
MET OXT HXT  sing N N 249 
PHE N   CA   sing N N 250 
PHE N   H    sing N N 251 
PHE N   H2   sing N N 252 
PHE CA  C    sing N N 253 
PHE CA  CB   sing N N 254 
PHE CA  HA   sing N N 255 
PHE C   O    doub N N 256 
PHE C   OXT  sing N N 257 
PHE CB  CG   sing N N 258 
PHE CB  HB2  sing N N 259 
PHE CB  HB3  sing N N 260 
PHE CG  CD1  doub Y N 261 
PHE CG  CD2  sing Y N 262 
PHE CD1 CE1  sing Y N 263 
PHE CD1 HD1  sing N N 264 
PHE CD2 CE2  doub Y N 265 
PHE CD2 HD2  sing N N 266 
PHE CE1 CZ   doub Y N 267 
PHE CE1 HE1  sing N N 268 
PHE CE2 CZ   sing Y N 269 
PHE CE2 HE2  sing N N 270 
PHE CZ  HZ   sing N N 271 
PHE OXT HXT  sing N N 272 
PRO N   CA   sing N N 273 
PRO N   CD   sing N N 274 
PRO N   H    sing N N 275 
PRO CA  C    sing N N 276 
PRO CA  CB   sing N N 277 
PRO CA  HA   sing N N 278 
PRO C   O    doub N N 279 
PRO C   OXT  sing N N 280 
PRO CB  CG   sing N N 281 
PRO CB  HB2  sing N N 282 
PRO CB  HB3  sing N N 283 
PRO CG  CD   sing N N 284 
PRO CG  HG2  sing N N 285 
PRO CG  HG3  sing N N 286 
PRO CD  HD2  sing N N 287 
PRO CD  HD3  sing N N 288 
PRO OXT HXT  sing N N 289 
SER N   CA   sing N N 290 
SER N   H    sing N N 291 
SER N   H2   sing N N 292 
SER CA  C    sing N N 293 
SER CA  CB   sing N N 294 
SER CA  HA   sing N N 295 
SER C   O    doub N N 296 
SER C   OXT  sing N N 297 
SER CB  OG   sing N N 298 
SER CB  HB2  sing N N 299 
SER CB  HB3  sing N N 300 
SER OG  HG   sing N N 301 
SER OXT HXT  sing N N 302 
THR N   CA   sing N N 303 
THR N   H    sing N N 304 
THR N   H2   sing N N 305 
THR CA  C    sing N N 306 
THR CA  CB   sing N N 307 
THR CA  HA   sing N N 308 
THR C   O    doub N N 309 
THR C   OXT  sing N N 310 
THR CB  OG1  sing N N 311 
THR CB  CG2  sing N N 312 
THR CB  HB   sing N N 313 
THR OG1 HG1  sing N N 314 
THR CG2 HG21 sing N N 315 
THR CG2 HG22 sing N N 316 
THR CG2 HG23 sing N N 317 
THR OXT HXT  sing N N 318 
TRP N   CA   sing N N 319 
TRP N   H    sing N N 320 
TRP N   H2   sing N N 321 
TRP CA  C    sing N N 322 
TRP CA  CB   sing N N 323 
TRP CA  HA   sing N N 324 
TRP C   O    doub N N 325 
TRP C   OXT  sing N N 326 
TRP CB  CG   sing N N 327 
TRP CB  HB2  sing N N 328 
TRP CB  HB3  sing N N 329 
TRP CG  CD1  doub Y N 330 
TRP CG  CD2  sing Y N 331 
TRP CD1 NE1  sing Y N 332 
TRP CD1 HD1  sing N N 333 
TRP CD2 CE2  doub Y N 334 
TRP CD2 CE3  sing Y N 335 
TRP NE1 CE2  sing Y N 336 
TRP NE1 HE1  sing N N 337 
TRP CE2 CZ2  sing Y N 338 
TRP CE3 CZ3  doub Y N 339 
TRP CE3 HE3  sing N N 340 
TRP CZ2 CH2  doub Y N 341 
TRP CZ2 HZ2  sing N N 342 
TRP CZ3 CH2  sing Y N 343 
TRP CZ3 HZ3  sing N N 344 
TRP CH2 HH2  sing N N 345 
TRP OXT HXT  sing N N 346 
TYR N   CA   sing N N 347 
TYR N   H    sing N N 348 
TYR N   H2   sing N N 349 
TYR CA  C    sing N N 350 
TYR CA  CB   sing N N 351 
TYR CA  HA   sing N N 352 
TYR C   O    doub N N 353 
TYR C   OXT  sing N N 354 
TYR CB  CG   sing N N 355 
TYR CB  HB2  sing N N 356 
TYR CB  HB3  sing N N 357 
TYR CG  CD1  doub Y N 358 
TYR CG  CD2  sing Y N 359 
TYR CD1 CE1  sing Y N 360 
TYR CD1 HD1  sing N N 361 
TYR CD2 CE2  doub Y N 362 
TYR CD2 HD2  sing N N 363 
TYR CE1 CZ   doub Y N 364 
TYR CE1 HE1  sing N N 365 
TYR CE2 CZ   sing Y N 366 
TYR CE2 HE2  sing N N 367 
TYR CZ  OH   sing N N 368 
TYR OH  HH   sing N N 369 
TYR OXT HXT  sing N N 370 
VAL N   CA   sing N N 371 
VAL N   H    sing N N 372 
VAL N   H2   sing N N 373 
VAL CA  C    sing N N 374 
VAL CA  CB   sing N N 375 
VAL CA  HA   sing N N 376 
VAL C   O    doub N N 377 
VAL C   OXT  sing N N 378 
VAL CB  CG1  sing N N 379 
VAL CB  CG2  sing N N 380 
VAL CB  HB   sing N N 381 
VAL CG1 HG11 sing N N 382 
VAL CG1 HG12 sing N N 383 
VAL CG1 HG13 sing N N 384 
VAL CG2 HG21 sing N N 385 
VAL CG2 HG22 sing N N 386 
VAL CG2 HG23 sing N N 387 
VAL OXT HXT  sing N N 388 
# 
loop_
_pdbx_audit_support.funding_organization 
_pdbx_audit_support.country 
_pdbx_audit_support.grant_number 
_pdbx_audit_support.ordinal 
'American Heart Association' 'United States' 12SDG11610043  1 
'American Heart Association' 'United States' 16GRNT29650005 2 
# 
loop_
_pdbx_entity_nonpoly.entity_id 
_pdbx_entity_nonpoly.name 
_pdbx_entity_nonpoly.comp_id 
2 GLYCEROL GOL 
3 water    HOH 
# 
_pdbx_initial_refinement_model.id               1 
_pdbx_initial_refinement_model.entity_id_list   ? 
_pdbx_initial_refinement_model.type             'experimental model' 
_pdbx_initial_refinement_model.source_name      PDB 
_pdbx_initial_refinement_model.accession_code   5KHO 
_pdbx_initial_refinement_model.details          ? 
# 
